data_5YOX
#
_entry.id   5YOX
#
_cell.length_a   52.633
_cell.length_b   142.178
_cell.length_c   112.266
_cell.angle_alpha   90.00
_cell.angle_beta   89.99
_cell.angle_gamma   90.00
#
_symmetry.space_group_name_H-M   'P 1 21 1'
#
loop_
_entity.id
_entity.type
_entity.pdbx_description
1 polymer 'HD domain-containing protein YGL101W'
2 non-polymer 'ZINC ION'
3 water water
#
_entity_poly.entity_id   1
_entity_poly.type   'polypeptide(L)'
_entity_poly.pdbx_seq_one_letter_code
;(MSE)TAVNIWKPEDNIPREILAILSKPHPNYQLAFLNIIQLLKTQRRTGWVDHGIDPCESISDH(MSE)YR(MSE)GLT
T(MSE)LITDKNVDRNKCIRIALVHDFAESLVGDITPNDP(MSE)TKEEKHRREFETVKYLCESIIRPCSESASREILDD
WLAYEKQTCLEGRYVKDIDKYE(MSE)LVQCFEYEQKYNGKKDLKQFLGAINDIKTDEVKKWTQSLLEDRQAFFDSLKE
;
_entity_poly.pdbx_strand_id   A,B,C,D,E,F,G,H
#
# COMPACT_ATOMS: atom_id res chain seq x y z
N TRP A 7 -27.76 7.94 -21.41
CA TRP A 7 -26.86 8.59 -20.45
C TRP A 7 -25.68 9.25 -21.14
N LYS A 8 -25.14 10.30 -20.52
CA LYS A 8 -23.92 10.93 -21.00
C LYS A 8 -23.26 11.66 -19.84
N PRO A 9 -21.94 11.80 -19.85
CA PRO A 9 -21.24 12.39 -18.68
C PRO A 9 -21.70 13.79 -18.31
N GLU A 10 -22.21 14.57 -19.27
CA GLU A 10 -22.66 15.91 -18.93
C GLU A 10 -23.74 15.90 -17.86
N ASP A 11 -24.45 14.78 -17.69
CA ASP A 11 -25.46 14.70 -16.63
C ASP A 11 -24.85 14.85 -15.25
N ASN A 12 -23.69 14.22 -15.02
CA ASN A 12 -23.06 14.26 -13.71
C ASN A 12 -22.02 15.37 -13.62
N ILE A 13 -22.40 16.57 -14.06
CA ILE A 13 -21.53 17.73 -14.03
C ILE A 13 -22.35 18.94 -13.57
N PRO A 14 -21.85 19.73 -12.61
CA PRO A 14 -22.62 20.88 -12.14
C PRO A 14 -22.88 21.88 -13.26
N ARG A 15 -23.99 22.61 -13.14
CA ARG A 15 -24.38 23.52 -14.20
C ARG A 15 -23.43 24.70 -14.29
N GLU A 16 -23.12 25.33 -13.16
CA GLU A 16 -22.20 26.46 -13.08
C GLU A 16 -20.98 26.29 -13.98
N ILE A 17 -20.43 25.07 -14.02
CA ILE A 17 -19.27 24.82 -14.86
C ILE A 17 -19.67 24.78 -16.34
N LEU A 18 -20.79 24.14 -16.66
CA LEU A 18 -21.27 24.14 -18.04
C LEU A 18 -21.53 25.56 -18.52
N ALA A 19 -22.00 26.43 -17.64
CA ALA A 19 -22.13 27.85 -17.95
C ALA A 19 -20.76 28.48 -18.19
N ILE A 20 -19.76 28.08 -17.41
CA ILE A 20 -18.39 28.53 -17.67
C ILE A 20 -17.91 28.06 -19.04
N LEU A 21 -18.51 27.02 -19.58
CA LEU A 21 -18.09 26.45 -20.83
C LEU A 21 -18.79 26.80 -22.14
N SER A 22 -20.07 27.04 -22.12
CA SER A 22 -20.78 27.39 -23.33
C SER A 22 -20.73 28.89 -23.48
N LYS A 23 -19.66 29.44 -22.91
CA LYS A 23 -19.43 30.86 -22.85
C LYS A 23 -18.30 31.25 -23.74
N PRO A 24 -18.44 32.43 -24.39
CA PRO A 24 -17.40 32.90 -25.32
C PRO A 24 -16.15 33.32 -24.62
N HIS A 25 -14.98 32.64 -24.90
CA HIS A 25 -13.72 32.66 -24.16
C HIS A 25 -13.87 31.93 -22.83
N PRO A 26 -14.19 30.64 -22.84
CA PRO A 26 -14.41 29.93 -21.58
C PRO A 26 -13.12 29.81 -20.79
N ASN A 27 -13.21 30.02 -19.48
CA ASN A 27 -12.06 29.87 -18.60
C ASN A 27 -11.90 28.39 -18.26
N TYR A 28 -11.21 27.67 -19.13
CA TYR A 28 -11.04 26.24 -18.94
C TYR A 28 -10.25 25.92 -17.68
N GLN A 29 -9.31 26.78 -17.29
CA GLN A 29 -8.56 26.54 -16.07
C GLN A 29 -9.46 26.67 -14.85
N LEU A 30 -10.29 27.72 -14.81
CA LEU A 30 -11.24 27.86 -13.70
C LEU A 30 -12.19 26.68 -13.64
N ALA A 31 -12.66 26.21 -14.80
CA ALA A 31 -13.59 25.09 -14.82
C ALA A 31 -12.92 23.81 -14.35
N PHE A 32 -11.67 23.58 -14.76
CA PHE A 32 -10.92 22.43 -14.28
C PHE A 32 -10.71 22.51 -12.77
N LEU A 33 -10.38 23.69 -12.26
CA LEU A 33 -10.22 23.87 -10.82
C LEU A 33 -11.52 23.60 -10.09
N ASN A 34 -12.66 23.98 -10.68
CA ASN A 34 -13.95 23.69 -10.07
C ASN A 34 -14.20 22.18 -10.00
N ILE A 35 -14.01 21.50 -11.14
CA ILE A 35 -14.16 20.05 -11.18
C ILE A 35 -13.29 19.39 -10.13
N ILE A 36 -12.09 19.93 -9.93
CA ILE A 36 -11.17 19.36 -8.96
C ILE A 36 -11.65 19.66 -7.55
N GLN A 37 -12.15 20.88 -7.32
CA GLN A 37 -12.57 21.30 -5.99
C GLN A 37 -13.83 20.59 -5.52
N LEU A 38 -14.59 19.97 -6.42
CA LEU A 38 -15.69 19.14 -5.94
C LEU A 38 -15.36 17.65 -5.91
N LEU A 39 -14.10 17.28 -6.10
CA LEU A 39 -13.67 15.90 -5.88
C LEU A 39 -13.51 15.53 -4.41
N LYS A 40 -13.53 16.52 -3.51
CA LYS A 40 -13.40 16.27 -2.08
C LYS A 40 -14.59 15.50 -1.49
N THR A 41 -14.47 14.16 -1.49
CA THR A 41 -15.55 13.22 -1.21
C THR A 41 -14.96 11.82 -1.25
N GLN A 42 -15.34 10.95 -0.32
CA GLN A 42 -14.73 9.63 -0.21
C GLN A 42 -15.72 8.51 -0.49
N ARG A 43 -15.19 7.30 -0.61
CA ARG A 43 -16.01 6.10 -0.83
C ARG A 43 -15.94 5.16 0.35
N SER A 57 -12.05 11.66 2.07
CA SER A 57 -12.00 12.39 0.81
C SER A 57 -11.19 11.62 -0.22
N ILE A 58 -11.58 11.73 -1.49
CA ILE A 58 -10.82 11.07 -2.55
C ILE A 58 -9.62 11.91 -2.99
N SER A 59 -9.71 13.24 -2.87
CA SER A 59 -8.52 14.06 -3.09
C SER A 59 -7.44 13.73 -2.06
N ASP A 60 -7.85 13.52 -0.81
CA ASP A 60 -6.89 13.13 0.23
C ASP A 60 -6.38 11.72 0.02
N HIS A 61 -7.24 10.81 -0.44
CA HIS A 61 -6.80 9.46 -0.76
C HIS A 61 -5.73 9.48 -1.85
N TYR A 63 -3.88 11.97 -2.62
CA TYR A 63 -2.67 12.65 -2.17
C TYR A 63 -1.78 11.74 -1.32
N ARG A 64 -2.39 11.00 -0.38
CA ARG A 64 -1.60 10.04 0.37
C ARG A 64 -1.02 8.97 -0.55
N GLY A 66 -0.12 9.66 -3.69
CA GLY A 66 0.96 10.33 -4.38
C GLY A 66 2.23 10.37 -3.57
N LEU A 67 2.12 10.67 -2.27
CA LEU A 67 3.31 10.66 -1.43
C LEU A 67 3.78 9.25 -1.13
N THR A 68 2.88 8.27 -1.15
CA THR A 68 3.28 6.89 -0.92
C THR A 68 4.11 6.35 -2.07
N THR A 69 3.67 6.60 -3.31
CA THR A 69 4.38 6.08 -4.47
C THR A 69 5.80 6.62 -4.59
N LEU A 71 7.79 6.53 -2.32
CA LEU A 71 8.54 5.55 -1.56
C LEU A 71 8.78 4.26 -2.33
N ILE A 72 8.77 4.32 -3.65
CA ILE A 72 9.18 3.19 -4.49
C ILE A 72 10.69 3.24 -4.67
N THR A 73 11.34 2.09 -4.53
CA THR A 73 12.78 2.00 -4.75
C THR A 73 13.14 0.96 -5.81
N ASP A 74 12.16 0.36 -6.48
CA ASP A 74 12.42 -0.46 -7.65
C ASP A 74 13.00 0.49 -8.69
N LYS A 75 14.34 0.51 -8.81
CA LYS A 75 15.03 1.46 -9.66
C LYS A 75 14.51 1.45 -11.10
N ASN A 76 13.82 0.38 -11.49
CA ASN A 76 13.25 0.24 -12.83
C ASN A 76 11.84 0.83 -12.95
N VAL A 77 11.55 1.93 -12.25
CA VAL A 77 10.22 2.50 -12.23
C VAL A 77 10.31 4.01 -12.40
N ASP A 78 9.42 4.57 -13.23
CA ASP A 78 9.26 6.01 -13.36
C ASP A 78 8.25 6.47 -12.31
N ARG A 79 8.75 6.91 -11.17
CA ARG A 79 7.88 7.34 -10.08
C ARG A 79 7.19 8.66 -10.37
N ASN A 80 7.59 9.37 -11.43
CA ASN A 80 6.79 10.50 -11.90
C ASN A 80 5.49 10.01 -12.52
N LYS A 81 5.58 9.03 -13.43
CA LYS A 81 4.36 8.44 -13.96
C LYS A 81 3.55 7.77 -12.86
N CYS A 82 4.23 7.24 -11.83
CA CYS A 82 3.52 6.67 -10.70
C CYS A 82 2.74 7.74 -9.95
N ILE A 83 3.37 8.87 -9.65
CA ILE A 83 2.68 9.96 -8.97
C ILE A 83 1.52 10.46 -9.80
N ARG A 84 1.67 10.48 -11.13
CA ARG A 84 0.60 11.01 -11.98
C ARG A 84 -0.57 10.05 -12.06
N ILE A 85 -0.29 8.77 -12.30
CA ILE A 85 -1.34 7.76 -12.28
C ILE A 85 -2.07 7.77 -10.94
N ALA A 86 -1.31 7.83 -9.85
CA ALA A 86 -1.91 7.91 -8.52
C ALA A 86 -2.82 9.12 -8.41
N LEU A 87 -2.32 10.30 -8.78
CA LEU A 87 -3.10 11.53 -8.67
C LEU A 87 -4.23 11.62 -9.70
N VAL A 88 -4.38 10.65 -10.59
CA VAL A 88 -5.45 10.75 -11.57
C VAL A 88 -6.30 9.48 -11.63
N HIS A 89 -5.84 8.39 -11.01
CA HIS A 89 -6.48 7.10 -11.24
C HIS A 89 -7.92 7.07 -10.75
N ASP A 90 -8.25 7.83 -9.71
CA ASP A 90 -9.60 7.87 -9.16
C ASP A 90 -10.32 9.17 -9.50
N PHE A 91 -9.80 9.92 -10.49
CA PHE A 91 -10.34 11.23 -10.83
C PHE A 91 -11.66 11.16 -11.59
N ALA A 92 -12.05 9.99 -12.10
CA ALA A 92 -13.30 9.84 -12.82
C ALA A 92 -14.47 9.75 -11.84
N GLU A 93 -14.37 10.45 -10.71
CA GLU A 93 -15.22 10.17 -9.56
C GLU A 93 -16.25 11.25 -9.25
N SER A 94 -16.17 12.43 -9.86
CA SER A 94 -17.29 13.35 -9.77
C SER A 94 -18.45 12.90 -10.64
N LEU A 95 -18.24 11.88 -11.47
CA LEU A 95 -19.19 11.42 -12.46
C LEU A 95 -19.43 9.94 -12.18
N VAL A 96 -20.11 9.66 -11.07
CA VAL A 96 -20.35 8.30 -10.60
C VAL A 96 -21.63 8.25 -9.78
N LYS A 107 -24.20 -3.72 -13.86
CA LYS A 107 -23.42 -2.57 -13.41
C LYS A 107 -21.99 -2.65 -13.93
N GLU A 108 -21.81 -3.34 -15.06
CA GLU A 108 -20.55 -3.22 -15.79
C GLU A 108 -20.43 -1.84 -16.42
N GLU A 109 -21.56 -1.23 -16.78
CA GLU A 109 -21.57 0.06 -17.44
C GLU A 109 -21.07 1.19 -16.54
N LYS A 110 -20.84 0.93 -15.25
CA LYS A 110 -20.26 1.99 -14.41
C LYS A 110 -18.85 2.32 -14.86
N HIS A 111 -18.04 1.31 -15.16
CA HIS A 111 -16.73 1.59 -15.73
C HIS A 111 -16.84 2.21 -17.12
N ARG A 112 -17.89 1.85 -17.88
CA ARG A 112 -18.16 2.54 -19.13
C ARG A 112 -18.38 4.03 -18.88
N ARG A 113 -19.14 4.36 -17.84
CA ARG A 113 -19.44 5.76 -17.54
C ARG A 113 -18.19 6.50 -17.10
N GLU A 114 -17.32 5.85 -16.30
CA GLU A 114 -16.08 6.51 -15.90
C GLU A 114 -15.12 6.68 -17.08
N PHE A 115 -15.09 5.71 -18.00
CA PHE A 115 -14.24 5.86 -19.17
C PHE A 115 -14.73 6.99 -20.06
N GLU A 116 -16.02 7.00 -20.38
CA GLU A 116 -16.59 8.12 -21.13
C GLU A 116 -16.42 9.42 -20.36
N THR A 117 -16.39 9.36 -19.03
CA THR A 117 -16.20 10.56 -18.22
C THR A 117 -14.81 11.12 -18.38
N VAL A 118 -13.79 10.27 -18.26
CA VAL A 118 -12.42 10.72 -18.45
C VAL A 118 -12.24 11.28 -19.85
N LYS A 119 -12.81 10.60 -20.85
CA LYS A 119 -12.71 11.09 -22.23
C LYS A 119 -13.39 12.45 -22.36
N TYR A 120 -14.59 12.59 -21.82
CA TYR A 120 -15.32 13.85 -21.92
C TYR A 120 -14.56 14.98 -21.25
N LEU A 121 -13.99 14.71 -20.07
CA LEU A 121 -13.23 15.73 -19.37
C LEU A 121 -11.95 16.08 -20.11
N CYS A 122 -11.39 15.13 -20.86
CA CYS A 122 -10.15 15.41 -21.59
C CYS A 122 -10.40 16.18 -22.88
N GLU A 123 -11.34 15.68 -23.71
CA GLU A 123 -11.58 16.32 -25.00
C GLU A 123 -12.18 17.71 -24.84
N SER A 124 -12.88 17.96 -23.73
CA SER A 124 -13.67 19.17 -23.59
C SER A 124 -13.13 20.14 -22.54
N ILE A 125 -12.08 19.77 -21.81
CA ILE A 125 -11.55 20.65 -20.77
C ILE A 125 -10.03 20.67 -20.79
N ILE A 126 -9.42 19.53 -21.09
CA ILE A 126 -7.96 19.45 -21.10
C ILE A 126 -7.38 19.77 -22.46
N ARG A 127 -7.99 19.24 -23.53
CA ARG A 127 -7.53 19.58 -24.88
C ARG A 127 -7.58 21.08 -25.17
N PRO A 128 -8.66 21.81 -24.84
CA PRO A 128 -8.72 23.23 -25.26
C PRO A 128 -7.71 24.14 -24.58
N CYS A 129 -6.95 23.67 -23.58
CA CYS A 129 -5.95 24.50 -22.93
C CYS A 129 -4.58 23.86 -22.81
N SER A 130 -4.45 22.55 -23.03
CA SER A 130 -3.13 21.89 -23.04
C SER A 130 -3.31 20.56 -23.78
N GLU A 131 -3.13 20.60 -25.10
CA GLU A 131 -3.42 19.44 -25.93
C GLU A 131 -2.62 18.21 -25.51
N SER A 132 -1.42 18.41 -24.97
CA SER A 132 -0.59 17.28 -24.58
C SER A 132 -1.01 16.71 -23.23
N ALA A 133 -1.43 17.57 -22.30
CA ALA A 133 -1.92 17.08 -21.01
C ALA A 133 -3.15 16.21 -21.19
N SER A 134 -3.93 16.43 -22.25
CA SER A 134 -5.09 15.59 -22.53
C SER A 134 -4.68 14.15 -22.72
N ARG A 135 -3.76 13.89 -23.66
CA ARG A 135 -3.30 12.54 -23.94
C ARG A 135 -2.36 12.01 -22.88
N GLU A 136 -1.81 12.86 -22.02
CA GLU A 136 -1.09 12.38 -20.84
C GLU A 136 -2.07 11.84 -19.80
N ILE A 137 -3.14 12.58 -19.53
CA ILE A 137 -4.09 12.18 -18.50
C ILE A 137 -4.87 10.94 -18.93
N LEU A 138 -5.33 10.91 -20.19
CA LEU A 138 -6.10 9.75 -20.64
C LEU A 138 -5.29 8.48 -20.52
N ASP A 139 -4.04 8.50 -21.00
CA ASP A 139 -3.27 7.27 -20.98
C ASP A 139 -2.75 6.92 -19.60
N ASP A 140 -2.57 7.91 -18.71
CA ASP A 140 -2.25 7.55 -17.32
C ASP A 140 -3.44 6.86 -16.65
N TRP A 141 -4.64 7.39 -16.83
CA TRP A 141 -5.84 6.74 -16.28
C TRP A 141 -5.99 5.33 -16.85
N LEU A 142 -5.77 5.17 -18.16
CA LEU A 142 -5.87 3.85 -18.78
C LEU A 142 -4.80 2.91 -18.25
N ALA A 143 -3.59 3.42 -18.05
CA ALA A 143 -2.53 2.62 -17.45
C ALA A 143 -2.92 2.16 -16.05
N TYR A 144 -3.78 2.86 -15.36
CA TYR A 144 -4.23 2.36 -14.09
C TYR A 144 -5.37 1.35 -14.09
N GLU A 145 -6.59 1.83 -14.26
CA GLU A 145 -7.78 1.01 -14.20
C GLU A 145 -7.72 -0.27 -14.99
N LYS A 146 -7.12 -0.24 -16.17
CA LYS A 146 -7.00 -1.42 -16.95
C LYS A 146 -5.54 -1.36 -16.83
N GLN A 147 -4.83 -2.43 -16.56
CA GLN A 147 -3.38 -2.30 -16.35
C GLN A 147 -2.56 -2.33 -17.61
N THR A 148 -1.59 -1.43 -17.72
CA THR A 148 -0.77 -1.34 -18.89
C THR A 148 0.69 -1.27 -18.59
N CYS A 149 1.08 -0.79 -17.43
CA CYS A 149 2.50 -0.71 -17.11
C CYS A 149 2.88 -1.21 -15.74
N LEU A 150 4.09 -0.91 -15.31
CA LEU A 150 4.54 -1.33 -14.00
C LEU A 150 4.02 -0.32 -13.05
N GLU A 151 3.98 0.91 -13.49
CA GLU A 151 3.46 1.99 -12.68
C GLU A 151 2.00 1.75 -12.30
N GLY A 152 1.21 1.22 -13.24
CA GLY A 152 -0.18 0.91 -12.94
C GLY A 152 -0.31 -0.18 -11.89
N ARG A 153 0.46 -1.25 -12.04
CA ARG A 153 0.48 -2.31 -11.03
C ARG A 153 0.81 -1.75 -9.66
N TYR A 154 1.85 -0.90 -9.59
CA TYR A 154 2.27 -0.34 -8.32
C TYR A 154 1.18 0.52 -7.69
N VAL A 155 0.53 1.37 -8.50
CA VAL A 155 -0.51 2.24 -7.95
C VAL A 155 -1.69 1.42 -7.43
N LYS A 156 -2.04 0.34 -8.13
CA LYS A 156 -3.13 -0.51 -7.66
C LYS A 156 -2.76 -1.22 -6.36
N ASP A 157 -1.55 -1.80 -6.33
CA ASP A 157 -1.07 -2.44 -5.11
C ASP A 157 -1.08 -1.47 -3.94
N ILE A 158 -0.82 -0.19 -4.21
CA ILE A 158 -0.78 0.77 -3.11
C ILE A 158 -2.17 1.20 -2.68
N ASP A 159 -3.12 1.31 -3.62
CA ASP A 159 -4.51 1.55 -3.23
C ASP A 159 -4.98 0.46 -2.27
N LYS A 160 -4.54 -0.78 -2.48
CA LYS A 160 -4.90 -1.84 -1.53
C LYS A 160 -4.08 -1.75 -0.23
N TYR A 161 -2.81 -1.40 -0.36
CA TYR A 161 -1.94 -1.39 0.81
C TYR A 161 -2.38 -0.35 1.85
N GLU A 162 -2.72 0.86 1.39
CA GLU A 162 -3.12 1.86 2.36
C GLU A 162 -4.46 1.53 3.00
N LEU A 164 -5.24 -1.42 3.72
CA LEU A 164 -4.80 -2.36 4.75
C LEU A 164 -4.28 -1.62 5.98
N VAL A 165 -3.52 -0.54 5.77
CA VAL A 165 -3.04 0.27 6.88
C VAL A 165 -4.21 0.86 7.65
N GLN A 166 -5.22 1.38 6.93
CA GLN A 166 -6.44 1.87 7.56
C GLN A 166 -7.02 0.81 8.48
N CYS A 167 -7.32 -0.37 7.92
CA CYS A 167 -7.96 -1.42 8.69
C CYS A 167 -7.12 -1.81 9.91
N PHE A 168 -5.80 -1.83 9.76
CA PHE A 168 -4.98 -2.23 10.89
C PHE A 168 -5.01 -1.19 12.01
N GLU A 169 -4.92 0.10 11.66
CA GLU A 169 -4.98 1.11 12.71
C GLU A 169 -6.33 1.09 13.41
N TYR A 170 -7.41 0.94 12.64
CA TYR A 170 -8.73 0.78 13.23
C TYR A 170 -8.77 -0.39 14.20
N GLU A 171 -8.29 -1.56 13.76
CA GLU A 171 -8.25 -2.74 14.62
C GLU A 171 -7.40 -2.51 15.85
N GLN A 172 -6.35 -1.69 15.72
CA GLN A 172 -5.49 -1.38 16.85
C GLN A 172 -6.24 -0.61 17.92
N LYS A 173 -7.08 0.34 17.50
CA LYS A 173 -7.79 1.14 18.50
C LYS A 173 -8.78 0.31 19.33
N TYR A 174 -8.78 -1.00 19.13
CA TYR A 174 -9.60 -1.92 19.92
C TYR A 174 -8.72 -3.06 20.42
N ASN A 175 -9.32 -3.96 21.19
CA ASN A 175 -8.63 -5.14 21.68
C ASN A 175 -8.61 -6.27 20.66
N GLY A 176 -9.26 -6.10 19.51
CA GLY A 176 -9.41 -7.17 18.54
C GLY A 176 -10.42 -8.18 19.02
N LYS A 177 -11.50 -8.48 18.28
CA LYS A 177 -11.85 -8.09 16.89
C LYS A 177 -11.64 -6.64 16.37
N LYS A 178 -11.30 -6.41 15.08
CA LYS A 178 -10.90 -7.35 14.01
C LYS A 178 -12.00 -8.31 13.48
N ASP A 179 -12.64 -8.07 12.33
CA ASP A 179 -12.30 -7.37 11.08
C ASP A 179 -11.21 -8.22 10.44
N LEU A 180 -11.34 -9.57 10.47
CA LEU A 180 -10.44 -10.44 9.69
C LEU A 180 -10.64 -10.21 8.21
N LYS A 181 -11.91 -10.09 7.79
CA LYS A 181 -12.31 -10.43 6.42
C LYS A 181 -11.57 -9.61 5.38
N GLN A 182 -11.13 -8.40 5.73
CA GLN A 182 -10.40 -7.59 4.76
C GLN A 182 -8.94 -8.01 4.61
N PHE A 183 -8.48 -8.85 5.52
CA PHE A 183 -7.14 -9.32 5.50
C PHE A 183 -6.98 -10.72 4.94
N LEU A 184 -8.00 -11.55 5.07
CA LEU A 184 -7.90 -12.90 4.59
C LEU A 184 -7.33 -12.75 3.22
N GLY A 185 -6.13 -13.22 2.98
CA GLY A 185 -5.59 -13.31 1.64
C GLY A 185 -5.09 -12.07 0.96
N ALA A 186 -4.30 -11.28 1.66
CA ALA A 186 -3.81 -10.05 1.14
C ALA A 186 -2.59 -10.18 0.30
N ILE A 187 -1.65 -10.95 0.73
CA ILE A 187 -0.41 -11.13 -0.02
C ILE A 187 -0.66 -11.62 -1.44
N ASN A 188 -1.87 -12.11 -1.73
CA ASN A 188 -2.21 -12.58 -3.07
C ASN A 188 -2.80 -11.48 -3.95
N ASP A 189 -3.31 -10.41 -3.35
CA ASP A 189 -3.84 -9.27 -4.10
C ASP A 189 -2.77 -8.24 -4.43
N ILE A 190 -1.51 -8.52 -4.10
CA ILE A 190 -0.39 -7.62 -4.37
C ILE A 190 0.44 -8.25 -5.47
N LYS A 191 0.77 -7.46 -6.49
CA LYS A 191 1.41 -7.99 -7.69
C LYS A 191 2.91 -7.71 -7.75
N THR A 192 3.36 -6.59 -7.19
CA THR A 192 4.75 -6.21 -7.25
C THR A 192 5.52 -6.82 -6.07
N ASP A 193 6.81 -7.06 -6.30
CA ASP A 193 7.65 -7.59 -5.23
C ASP A 193 7.79 -6.58 -4.09
N GLU A 194 8.01 -5.32 -4.42
CA GLU A 194 8.24 -4.29 -3.41
C GLU A 194 7.04 -4.12 -2.49
N VAL A 195 5.84 -3.99 -3.06
CA VAL A 195 4.66 -3.82 -2.24
C VAL A 195 4.28 -5.12 -1.56
N LYS A 196 4.61 -6.26 -2.17
CA LYS A 196 4.50 -7.53 -1.46
C LYS A 196 5.34 -7.50 -0.18
N LYS A 197 6.53 -6.92 -0.25
CA LYS A 197 7.41 -6.84 0.92
C LYS A 197 6.81 -5.93 1.99
N TRP A 198 6.35 -4.74 1.58
CA TRP A 198 5.66 -3.85 2.50
C TRP A 198 4.53 -4.57 3.22
N THR A 199 3.67 -5.23 2.43
CA THR A 199 2.50 -5.90 2.99
C THR A 199 2.90 -7.04 3.91
N GLN A 200 4.00 -7.73 3.61
CA GLN A 200 4.47 -8.78 4.50
C GLN A 200 4.90 -8.20 5.85
N SER A 201 5.66 -7.09 5.83
CA SER A 201 6.02 -6.44 7.08
C SER A 201 4.78 -6.06 7.87
N LEU A 202 3.77 -5.50 7.18
CA LEU A 202 2.56 -5.06 7.85
C LEU A 202 1.81 -6.23 8.47
N LEU A 203 1.65 -7.34 7.72
CA LEU A 203 0.95 -8.49 8.26
C LEU A 203 1.69 -9.08 9.45
N GLU A 204 3.02 -9.06 9.42
CA GLU A 204 3.81 -9.46 10.58
C GLU A 204 3.43 -8.62 11.80
N ASP A 205 3.46 -7.29 11.64
CA ASP A 205 3.16 -6.41 12.77
C ASP A 205 1.72 -6.59 13.27
N ARG A 206 0.78 -6.88 12.36
CA ARG A 206 -0.61 -7.09 12.78
C ARG A 206 -0.75 -8.37 13.59
N GLN A 207 -0.08 -9.44 13.16
CA GLN A 207 -0.05 -10.65 13.99
C GLN A 207 0.57 -10.38 15.35
N ALA A 208 1.60 -9.52 15.37
CA ALA A 208 2.19 -9.11 16.64
C ALA A 208 1.16 -8.42 17.53
N PHE A 209 0.35 -7.53 16.94
CA PHE A 209 -0.73 -6.90 17.70
C PHE A 209 -1.65 -7.94 18.30
N PHE A 210 -2.09 -8.91 17.49
CA PHE A 210 -3.04 -9.89 17.98
C PHE A 210 -2.42 -10.91 18.93
N ASP A 211 -1.09 -10.95 19.03
CA ASP A 211 -0.43 -11.77 20.04
C ASP A 211 -0.20 -11.02 21.34
N SER A 212 -1.21 -10.32 21.82
CA SER A 212 -1.08 -9.52 23.04
C SER A 212 -2.39 -9.42 23.81
N TRP B 7 3.45 -42.75 32.33
CA TRP B 7 4.41 -41.66 32.30
C TRP B 7 3.71 -40.30 32.30
N LYS B 8 4.30 -39.35 33.02
CA LYS B 8 3.90 -37.95 33.00
C LYS B 8 5.13 -37.12 32.76
N PRO B 9 4.97 -35.88 32.30
CA PRO B 9 6.13 -34.97 32.24
C PRO B 9 6.92 -34.95 33.53
N GLU B 10 6.23 -34.95 34.68
CA GLU B 10 6.89 -34.92 35.98
C GLU B 10 7.96 -35.99 36.10
N ASP B 11 7.72 -37.17 35.51
CA ASP B 11 8.65 -38.29 35.62
C ASP B 11 10.01 -37.99 35.00
N ASN B 12 10.22 -36.76 34.53
CA ASN B 12 11.52 -36.43 33.93
C ASN B 12 11.98 -34.99 34.14
N ILE B 13 11.23 -34.15 34.84
CA ILE B 13 11.84 -32.91 35.34
C ILE B 13 12.56 -33.23 36.63
N PRO B 14 13.82 -32.82 36.79
CA PRO B 14 14.60 -33.22 37.96
C PRO B 14 13.98 -32.74 39.26
N ARG B 15 14.35 -33.43 40.33
CA ARG B 15 13.86 -33.11 41.67
C ARG B 15 14.21 -31.68 42.06
N GLU B 16 15.11 -31.06 41.30
CA GLU B 16 15.61 -29.73 41.62
C GLU B 16 14.66 -28.60 41.22
N ILE B 17 13.76 -28.84 40.28
CA ILE B 17 12.98 -27.78 39.64
C ILE B 17 11.54 -27.76 40.13
N LEU B 18 10.91 -28.93 40.27
CA LEU B 18 9.56 -28.98 40.82
C LEU B 18 9.52 -28.34 42.20
N ALA B 19 10.64 -28.34 42.92
CA ALA B 19 10.70 -27.71 44.22
C ALA B 19 10.72 -26.19 44.10
N ILE B 20 11.51 -25.65 43.16
CA ILE B 20 11.41 -24.22 42.85
C ILE B 20 9.98 -23.85 42.54
N LEU B 21 9.27 -24.73 41.83
CA LEU B 21 7.88 -24.47 41.46
C LEU B 21 6.91 -24.63 42.61
N SER B 22 7.26 -25.41 43.64
CA SER B 22 6.28 -25.86 44.62
C SER B 22 5.87 -24.74 45.58
N LYS B 23 6.85 -24.14 46.25
CA LYS B 23 6.66 -23.14 47.30
C LYS B 23 5.75 -22.00 46.87
N PRO B 24 5.14 -21.27 47.81
CA PRO B 24 4.44 -20.04 47.42
C PRO B 24 5.42 -19.00 46.92
N HIS B 25 4.95 -18.18 45.99
CA HIS B 25 5.83 -17.34 45.18
C HIS B 25 6.95 -18.17 44.58
N PRO B 26 6.65 -19.13 43.70
CA PRO B 26 7.70 -19.90 43.06
C PRO B 26 8.49 -19.01 42.11
N ASN B 27 9.79 -19.26 42.03
CA ASN B 27 10.63 -18.51 41.09
C ASN B 27 10.39 -19.09 39.70
N TYR B 28 9.37 -18.58 39.03
CA TYR B 28 9.00 -19.11 37.72
C TYR B 28 10.05 -18.76 36.68
N GLN B 29 10.60 -17.54 36.75
CA GLN B 29 11.67 -17.16 35.83
C GLN B 29 12.86 -18.11 35.95
N LEU B 30 13.26 -18.41 37.19
CA LEU B 30 14.41 -19.29 37.40
C LEU B 30 14.09 -20.72 37.02
N ALA B 31 12.86 -21.17 37.29
CA ALA B 31 12.44 -22.48 36.80
C ALA B 31 12.56 -22.55 35.28
N PHE B 32 12.19 -21.47 34.61
CA PHE B 32 12.29 -21.44 33.15
C PHE B 32 13.74 -21.53 32.69
N LEU B 33 14.62 -20.76 33.34
CA LEU B 33 16.04 -20.81 32.95
C LEU B 33 16.63 -22.19 33.19
N ASN B 34 16.31 -22.80 34.33
CA ASN B 34 16.87 -24.10 34.68
C ASN B 34 16.23 -25.24 33.89
N ILE B 35 15.10 -25.02 33.25
CA ILE B 35 14.60 -26.01 32.30
C ILE B 35 15.07 -25.73 30.88
N ILE B 36 15.47 -24.48 30.59
CA ILE B 36 16.17 -24.19 29.33
C ILE B 36 17.50 -24.92 29.29
N GLN B 37 18.30 -24.75 30.36
CA GLN B 37 19.64 -25.32 30.39
C GLN B 37 19.62 -26.84 30.23
N LEU B 38 18.47 -27.48 30.39
CA LEU B 38 18.32 -28.89 30.05
C LEU B 38 18.41 -29.15 28.55
N LEU B 39 18.66 -28.12 27.74
CA LEU B 39 18.81 -28.28 26.30
C LEU B 39 20.23 -28.10 25.80
N LYS B 40 21.12 -27.50 26.59
CA LYS B 40 22.52 -27.29 26.20
C LYS B 40 23.24 -28.63 26.02
N THR B 41 22.51 -29.73 26.08
CA THR B 41 23.09 -31.06 25.93
C THR B 41 22.87 -31.58 24.51
N GLN B 42 23.90 -32.23 23.97
CA GLN B 42 23.95 -32.59 22.56
C GLN B 42 22.80 -33.51 22.16
N ARG B 43 22.56 -33.58 20.85
CA ARG B 43 21.53 -34.44 20.29
C ARG B 43 22.11 -35.40 19.26
N SER B 57 24.41 -29.92 20.65
CA SER B 57 23.52 -29.25 21.60
C SER B 57 22.16 -29.00 20.97
N ILE B 58 21.11 -29.53 21.60
CA ILE B 58 19.75 -29.34 21.08
C ILE B 58 19.44 -27.86 20.93
N SER B 59 19.82 -27.06 21.94
CA SER B 59 19.64 -25.63 21.85
C SER B 59 20.44 -25.05 20.69
N ASP B 60 21.62 -25.59 20.43
CA ASP B 60 22.41 -25.14 19.28
C ASP B 60 21.71 -25.50 17.98
N HIS B 61 21.13 -26.70 17.89
CA HIS B 61 20.35 -27.09 16.73
C HIS B 61 19.25 -26.07 16.46
N TYR B 63 18.93 -23.12 17.54
CA TYR B 63 19.46 -21.78 17.30
C TYR B 63 19.87 -21.61 15.84
N ARG B 64 20.73 -22.49 15.36
CA ARG B 64 21.15 -22.44 13.96
C ARG B 64 19.94 -22.50 13.04
N GLY B 66 16.78 -21.37 13.76
CA GLY B 66 16.12 -20.07 13.80
C GLY B 66 16.85 -19.02 13.01
N LEU B 67 18.19 -19.11 12.96
CA LEU B 67 18.94 -18.15 12.17
C LEU B 67 18.82 -18.44 10.68
N THR B 68 18.82 -19.72 10.31
CA THR B 68 18.67 -20.09 8.90
C THR B 68 17.31 -19.69 8.36
N THR B 69 16.28 -19.66 9.22
CA THR B 69 14.97 -19.23 8.76
C THR B 69 14.96 -17.78 8.30
N LEU B 71 16.87 -16.62 6.23
CA LEU B 71 17.25 -16.67 4.83
C LEU B 71 16.08 -16.97 3.90
N ILE B 72 14.89 -17.25 4.45
CA ILE B 72 13.73 -17.51 3.63
C ILE B 72 13.28 -16.21 2.98
N THR B 73 13.01 -16.26 1.68
CA THR B 73 12.58 -15.09 0.93
C THR B 73 11.15 -15.19 0.42
N ASP B 74 10.43 -16.26 0.76
CA ASP B 74 9.01 -16.32 0.44
C ASP B 74 8.29 -15.15 1.08
N LYS B 75 7.61 -14.35 0.25
CA LYS B 75 6.88 -13.18 0.74
C LYS B 75 5.61 -13.55 1.47
N ASN B 76 5.15 -14.80 1.36
CA ASN B 76 3.92 -15.26 1.97
C ASN B 76 4.14 -15.87 3.36
N VAL B 77 5.27 -15.60 3.99
CA VAL B 77 5.68 -16.26 5.24
C VAL B 77 5.72 -15.23 6.36
N ASP B 78 5.32 -15.64 7.56
CA ASP B 78 5.50 -14.84 8.77
C ASP B 78 6.85 -15.20 9.38
N ARG B 79 7.81 -14.28 9.28
CA ARG B 79 9.19 -14.60 9.61
C ARG B 79 9.40 -14.79 11.10
N ASN B 80 8.73 -13.96 11.92
CA ASN B 80 8.86 -14.12 13.37
C ASN B 80 8.32 -15.47 13.83
N LYS B 81 7.20 -15.91 13.26
CA LYS B 81 6.68 -17.22 13.61
C LYS B 81 7.61 -18.34 13.16
N CYS B 82 8.31 -18.15 12.04
CA CYS B 82 9.31 -19.11 11.62
C CYS B 82 10.43 -19.22 12.65
N ILE B 83 10.94 -18.07 13.10
CA ILE B 83 11.97 -18.06 14.13
C ILE B 83 11.49 -18.77 15.38
N ARG B 84 10.24 -18.52 15.78
CA ARG B 84 9.69 -19.16 16.97
C ARG B 84 9.60 -20.67 16.81
N ILE B 85 9.01 -21.12 15.69
CA ILE B 85 8.88 -22.56 15.46
C ILE B 85 10.25 -23.23 15.47
N ALA B 86 11.25 -22.59 14.85
CA ALA B 86 12.59 -23.16 14.88
C ALA B 86 13.12 -23.22 16.30
N LEU B 87 12.85 -22.18 17.10
CA LEU B 87 13.22 -22.19 18.51
C LEU B 87 12.36 -23.12 19.34
N VAL B 88 11.36 -23.79 18.75
CA VAL B 88 10.53 -24.74 19.50
C VAL B 88 10.26 -26.02 18.71
N HIS B 89 11.09 -26.32 17.69
CA HIS B 89 10.79 -27.50 16.88
C HIS B 89 11.30 -28.77 17.55
N ASP B 90 12.61 -29.03 17.55
CA ASP B 90 13.18 -30.18 18.26
C ASP B 90 13.32 -29.80 19.74
N PHE B 91 12.18 -29.56 20.38
CA PHE B 91 12.14 -28.80 21.62
C PHE B 91 11.48 -29.52 22.78
N ALA B 92 10.51 -30.38 22.50
CA ALA B 92 9.94 -31.18 23.57
C ALA B 92 10.95 -32.15 24.17
N GLU B 93 12.09 -32.29 23.54
CA GLU B 93 13.10 -33.14 24.01
C GLU B 93 13.78 -32.53 25.21
N SER B 94 13.01 -31.99 26.14
CA SER B 94 13.60 -31.40 27.32
C SER B 94 13.61 -32.46 28.42
N LEU B 95 12.76 -33.44 28.27
CA LEU B 95 12.67 -34.50 29.21
C LEU B 95 12.50 -35.78 28.52
N VAL B 96 11.63 -35.82 27.53
CA VAL B 96 11.42 -37.07 26.83
C VAL B 96 12.52 -37.22 25.82
N LYS B 107 5.98 -43.15 16.56
CA LYS B 107 5.35 -43.71 17.76
C LYS B 107 4.33 -42.74 18.35
N GLU B 108 3.15 -43.27 18.67
CA GLU B 108 2.12 -42.45 19.29
C GLU B 108 2.55 -41.94 20.65
N GLU B 109 3.14 -42.82 21.47
CA GLU B 109 3.49 -42.46 22.84
C GLU B 109 4.45 -41.29 22.86
N LYS B 110 5.59 -41.39 22.16
CA LYS B 110 6.62 -40.39 22.31
C LYS B 110 6.19 -39.03 21.80
N HIS B 111 5.40 -38.99 20.74
CA HIS B 111 4.78 -37.71 20.40
C HIS B 111 3.54 -37.40 21.22
N ARG B 112 3.08 -38.34 22.05
CA ARG B 112 2.13 -38.01 23.11
C ARG B 112 2.86 -37.47 24.33
N ARG B 113 4.00 -38.08 24.70
CA ARG B 113 4.78 -37.55 25.80
C ARG B 113 5.36 -36.18 25.47
N GLU B 114 5.70 -35.93 24.20
CA GLU B 114 6.15 -34.61 23.78
C GLU B 114 5.05 -33.57 23.92
N PHE B 115 3.83 -33.93 23.49
CA PHE B 115 2.69 -33.03 23.61
C PHE B 115 2.40 -32.73 25.09
N GLU B 116 2.34 -33.78 25.91
CA GLU B 116 2.15 -33.59 27.35
C GLU B 116 3.28 -32.76 27.95
N THR B 117 4.50 -32.91 27.44
CA THR B 117 5.65 -32.19 27.94
C THR B 117 5.50 -30.70 27.70
N VAL B 118 5.32 -30.31 26.44
CA VAL B 118 5.17 -28.90 26.10
C VAL B 118 3.95 -28.32 26.81
N LYS B 119 2.85 -29.09 26.85
CA LYS B 119 1.65 -28.65 27.54
C LYS B 119 1.95 -28.32 29.00
N TYR B 120 2.57 -29.26 29.73
CA TYR B 120 2.85 -29.04 31.14
C TYR B 120 3.82 -27.88 31.34
N LEU B 121 4.89 -27.83 30.55
CA LEU B 121 5.87 -26.77 30.72
C LEU B 121 5.25 -25.40 30.46
N CYS B 122 4.27 -25.33 29.56
CA CYS B 122 3.53 -24.08 29.40
C CYS B 122 2.66 -23.79 30.61
N GLU B 123 1.88 -24.79 31.05
CA GLU B 123 0.88 -24.56 32.08
C GLU B 123 1.51 -24.21 33.42
N SER B 124 2.64 -24.84 33.76
CA SER B 124 3.17 -24.78 35.12
C SER B 124 4.38 -23.88 35.30
N ILE B 125 5.06 -23.49 34.22
CA ILE B 125 6.21 -22.61 34.29
C ILE B 125 6.02 -21.35 33.45
N ILE B 126 5.58 -21.52 32.20
CA ILE B 126 5.57 -20.41 31.27
C ILE B 126 4.35 -19.52 31.48
N ARG B 127 3.16 -20.12 31.55
CA ARG B 127 1.94 -19.35 31.77
C ARG B 127 2.01 -18.44 33.00
N PRO B 128 2.47 -18.90 34.17
CA PRO B 128 2.48 -18.00 35.33
C PRO B 128 3.30 -16.73 35.16
N CYS B 129 4.37 -16.75 34.36
CA CYS B 129 5.20 -15.57 34.20
C CYS B 129 4.95 -14.81 32.91
N SER B 130 4.11 -15.35 32.01
CA SER B 130 3.79 -14.67 30.75
C SER B 130 2.54 -15.29 30.12
N GLU B 131 1.47 -14.51 29.99
CA GLU B 131 0.24 -15.02 29.39
C GLU B 131 0.40 -15.22 27.90
N SER B 132 1.11 -14.31 27.22
CA SER B 132 1.30 -14.45 25.78
C SER B 132 2.20 -15.63 25.47
N ALA B 133 3.27 -15.81 26.26
CA ALA B 133 4.25 -16.85 25.98
C ALA B 133 3.62 -18.23 26.03
N SER B 134 2.73 -18.47 26.98
CA SER B 134 2.11 -19.79 27.07
C SER B 134 1.34 -20.11 25.80
N ARG B 135 0.64 -19.12 25.24
CA ARG B 135 -0.02 -19.32 23.96
C ARG B 135 1.01 -19.61 22.86
N GLU B 136 1.98 -18.69 22.72
CA GLU B 136 2.87 -18.73 21.56
C GLU B 136 3.70 -20.00 21.54
N ILE B 137 4.23 -20.41 22.69
CA ILE B 137 5.11 -21.57 22.75
C ILE B 137 4.38 -22.83 22.29
N LEU B 138 3.25 -23.14 22.93
CA LEU B 138 2.55 -24.38 22.59
C LEU B 138 1.95 -24.32 21.19
N ASP B 139 1.52 -23.13 20.73
CA ASP B 139 0.95 -23.05 19.39
C ASP B 139 2.01 -23.27 18.33
N ASP B 140 3.13 -22.55 18.42
CA ASP B 140 4.24 -22.77 17.49
C ASP B 140 4.89 -24.14 17.68
N TRP B 141 4.60 -24.84 18.78
CA TRP B 141 5.05 -26.22 18.88
C TRP B 141 4.12 -27.14 18.10
N LEU B 142 2.81 -27.02 18.31
CA LEU B 142 1.85 -27.76 17.50
C LEU B 142 2.13 -27.58 16.02
N ALA B 143 2.49 -26.35 15.62
CA ALA B 143 2.74 -26.08 14.21
C ALA B 143 3.81 -27.00 13.63
N TYR B 144 4.89 -27.22 14.37
CA TYR B 144 5.90 -28.19 13.93
C TYR B 144 5.45 -29.63 14.19
N GLU B 145 4.49 -29.84 15.09
CA GLU B 145 4.04 -31.19 15.39
C GLU B 145 3.16 -31.75 14.28
N LYS B 146 2.15 -30.98 13.86
CA LYS B 146 1.22 -31.45 12.84
C LYS B 146 1.32 -30.67 11.54
N GLN B 147 2.33 -29.81 11.40
CA GLN B 147 2.58 -29.08 10.15
C GLN B 147 1.35 -28.28 9.73
N THR B 148 0.71 -27.64 10.71
CA THR B 148 -0.53 -26.91 10.49
C THR B 148 -0.39 -25.73 9.55
N CYS B 149 0.83 -25.35 9.16
CA CYS B 149 1.00 -24.11 8.43
C CYS B 149 2.26 -24.16 7.58
N LEU B 150 2.37 -23.16 6.72
CA LEU B 150 3.52 -23.03 5.81
C LEU B 150 4.82 -22.86 6.57
N GLU B 151 4.79 -22.19 7.73
CA GLU B 151 6.01 -21.96 8.49
C GLU B 151 6.53 -23.25 9.12
N GLY B 152 5.62 -24.09 9.64
CA GLY B 152 6.04 -25.39 10.16
C GLY B 152 6.69 -26.25 9.08
N ARG B 153 6.11 -26.23 7.88
CA ARG B 153 6.70 -26.97 6.77
C ARG B 153 8.05 -26.39 6.37
N TYR B 154 8.20 -25.06 6.41
CA TYR B 154 9.50 -24.46 6.10
C TYR B 154 10.55 -24.89 7.12
N VAL B 155 10.17 -25.00 8.39
CA VAL B 155 11.12 -25.44 9.41
C VAL B 155 11.49 -26.91 9.19
N LYS B 156 10.50 -27.75 8.83
CA LYS B 156 10.81 -29.13 8.48
C LYS B 156 11.80 -29.19 7.32
N ASP B 157 11.55 -28.39 6.28
CA ASP B 157 12.41 -28.35 5.11
C ASP B 157 13.83 -27.96 5.49
N ILE B 158 13.97 -26.91 6.29
CA ILE B 158 15.30 -26.47 6.72
C ILE B 158 15.96 -27.54 7.57
N ASP B 159 15.19 -28.27 8.38
CA ASP B 159 15.76 -29.36 9.16
C ASP B 159 16.46 -30.36 8.24
N LYS B 160 15.73 -30.82 7.23
CA LYS B 160 16.31 -31.80 6.32
C LYS B 160 17.46 -31.19 5.51
N TYR B 161 17.34 -29.92 5.15
CA TYR B 161 18.39 -29.26 4.38
C TYR B 161 19.70 -29.21 5.14
N GLU B 162 19.64 -28.88 6.44
CA GLU B 162 20.88 -28.83 7.22
C GLU B 162 21.40 -30.22 7.52
N LEU B 164 21.38 -32.54 5.36
CA LEU B 164 22.13 -32.82 4.14
C LEU B 164 23.40 -31.98 4.05
N VAL B 165 23.34 -30.72 4.51
CA VAL B 165 24.52 -29.87 4.54
C VAL B 165 25.60 -30.51 5.38
N GLN B 166 25.21 -31.09 6.52
CA GLN B 166 26.18 -31.73 7.41
C GLN B 166 26.71 -33.02 6.81
N CYS B 167 25.84 -33.83 6.23
CA CYS B 167 26.31 -35.03 5.53
C CYS B 167 27.34 -34.67 4.47
N PHE B 168 27.11 -33.57 3.74
CA PHE B 168 28.02 -33.20 2.66
C PHE B 168 29.35 -32.67 3.19
N GLU B 169 29.31 -31.76 4.16
CA GLU B 169 30.57 -31.25 4.68
C GLU B 169 31.28 -32.26 5.57
N TYR B 170 30.62 -33.37 5.90
CA TYR B 170 31.31 -34.53 6.45
C TYR B 170 32.00 -35.32 5.34
N GLU B 171 31.26 -35.65 4.27
CA GLU B 171 31.84 -36.35 3.14
C GLU B 171 33.03 -35.60 2.56
N GLN B 172 33.04 -34.27 2.71
CA GLN B 172 34.18 -33.47 2.26
C GLN B 172 35.49 -33.97 2.84
N LYS B 173 35.46 -34.51 4.05
CA LYS B 173 36.65 -35.00 4.73
C LYS B 173 37.18 -36.31 4.17
N TYR B 174 36.54 -36.87 3.14
CA TYR B 174 36.95 -38.16 2.58
C TYR B 174 36.79 -38.19 1.06
N PHE B 183 22.78 -38.10 2.66
CA PHE B 183 22.19 -37.75 1.41
C PHE B 183 21.06 -38.65 0.97
N LEU B 184 21.09 -39.90 1.39
CA LEU B 184 20.07 -40.83 0.98
C LEU B 184 18.80 -40.07 1.21
N ALA B 186 16.01 -37.43 0.46
CA ALA B 186 16.43 -36.04 0.40
C ALA B 186 15.42 -35.11 -0.29
N ILE B 187 15.86 -34.32 -1.26
CA ILE B 187 15.05 -33.39 -2.01
C ILE B 187 13.62 -33.82 -2.22
N ASN B 188 13.40 -35.11 -2.14
CA ASN B 188 12.04 -35.59 -2.22
C ASN B 188 11.26 -35.40 -0.93
N ASP B 189 11.94 -35.14 0.14
CA ASP B 189 11.17 -34.90 1.32
C ASP B 189 10.97 -33.47 1.66
N ILE B 190 11.38 -32.64 0.75
CA ILE B 190 11.18 -31.19 0.86
C ILE B 190 10.04 -30.81 -0.05
N LYS B 191 9.37 -29.70 0.53
CA LYS B 191 8.16 -29.32 -0.18
C LYS B 191 8.15 -27.88 -0.68
N THR B 192 8.66 -26.93 0.10
CA THR B 192 8.70 -25.56 -0.38
C THR B 192 9.66 -25.44 -1.55
N ASP B 193 9.26 -24.65 -2.55
CA ASP B 193 10.10 -24.47 -3.73
C ASP B 193 11.45 -23.88 -3.35
N GLU B 194 11.49 -23.02 -2.33
CA GLU B 194 12.71 -22.34 -1.94
C GLU B 194 13.75 -23.31 -1.39
N VAL B 195 13.35 -24.16 -0.44
CA VAL B 195 14.32 -25.09 0.12
C VAL B 195 14.66 -26.19 -0.88
N LYS B 196 13.73 -26.50 -1.78
CA LYS B 196 14.06 -27.32 -2.94
C LYS B 196 15.22 -26.71 -3.72
N LYS B 197 15.16 -25.40 -3.95
CA LYS B 197 16.22 -24.71 -4.66
C LYS B 197 17.54 -24.81 -3.90
N TRP B 198 17.51 -24.56 -2.59
CA TRP B 198 18.73 -24.65 -1.78
C TRP B 198 19.33 -26.04 -1.87
N THR B 199 18.50 -27.08 -1.77
CA THR B 199 18.99 -28.45 -1.85
C THR B 199 19.60 -28.75 -3.21
N GLN B 200 18.98 -28.25 -4.29
CA GLN B 200 19.55 -28.50 -5.61
C GLN B 200 20.90 -27.80 -5.77
N SER B 201 21.03 -26.58 -5.25
CA SER B 201 22.32 -25.91 -5.25
C SER B 201 23.36 -26.74 -4.50
N LEU B 202 22.98 -27.27 -3.33
CA LEU B 202 23.92 -28.06 -2.54
C LEU B 202 24.33 -29.34 -3.27
N LEU B 203 23.38 -30.01 -3.93
CA LEU B 203 23.70 -31.24 -4.64
C LEU B 203 24.58 -30.97 -5.86
N GLU B 204 24.34 -29.83 -6.54
CA GLU B 204 25.22 -29.42 -7.62
C GLU B 204 26.66 -29.25 -7.13
N ASP B 205 26.84 -28.41 -6.10
CA ASP B 205 28.17 -28.23 -5.52
C ASP B 205 28.76 -29.56 -5.06
N ARG B 206 27.91 -30.48 -4.61
CA ARG B 206 28.37 -31.78 -4.15
C ARG B 206 28.97 -32.59 -5.28
N GLN B 207 28.22 -32.78 -6.36
CA GLN B 207 28.77 -33.52 -7.50
C GLN B 207 29.97 -32.80 -8.09
N ALA B 208 30.00 -31.46 -8.00
CA ALA B 208 31.19 -30.72 -8.40
C ALA B 208 32.40 -31.16 -7.60
N PHE B 209 32.26 -31.18 -6.27
CA PHE B 209 33.35 -31.65 -5.41
C PHE B 209 33.77 -33.07 -5.77
N PHE B 210 32.80 -33.95 -6.00
CA PHE B 210 33.08 -35.37 -6.19
C PHE B 210 33.82 -35.68 -7.48
N ASP B 211 33.94 -34.71 -8.38
CA ASP B 211 34.66 -34.91 -9.64
C ASP B 211 36.02 -34.21 -9.54
N SER B 212 37.05 -35.00 -9.28
CA SER B 212 38.41 -34.51 -9.14
C SER B 212 39.37 -35.65 -9.26
N TRP C 7 44.34 -4.87 7.56
CA TRP C 7 43.35 -5.72 8.21
C TRP C 7 41.99 -5.62 7.51
N LYS C 8 41.35 -6.77 7.29
CA LYS C 8 40.03 -6.86 6.72
C LYS C 8 39.25 -7.90 7.51
N PRO C 9 37.95 -7.70 7.71
CA PRO C 9 37.16 -8.71 8.45
C PRO C 9 37.36 -10.12 7.93
N GLU C 10 37.66 -10.27 6.64
CA GLU C 10 37.97 -11.58 6.07
C GLU C 10 39.22 -12.20 6.66
N ASP C 11 40.05 -11.43 7.37
CA ASP C 11 41.17 -12.02 8.09
C ASP C 11 40.69 -12.95 9.19
N ASN C 12 39.49 -12.70 9.73
CA ASN C 12 38.94 -13.51 10.80
C ASN C 12 37.92 -14.53 10.30
N ILE C 13 37.90 -14.80 9.01
CA ILE C 13 36.97 -15.74 8.39
C ILE C 13 37.75 -16.99 7.99
N PRO C 14 37.28 -18.18 8.33
CA PRO C 14 37.97 -19.40 7.90
C PRO C 14 38.15 -19.45 6.39
N ARG C 15 39.17 -20.19 5.95
CA ARG C 15 39.50 -20.19 4.52
C ARG C 15 38.50 -21.00 3.71
N GLU C 16 37.92 -22.06 4.29
CA GLU C 16 36.96 -22.85 3.54
C GLU C 16 35.73 -22.03 3.16
N ILE C 17 35.35 -21.07 4.00
CA ILE C 17 34.21 -20.22 3.69
C ILE C 17 34.56 -19.23 2.58
N LEU C 18 35.73 -18.61 2.69
CA LEU C 18 36.19 -17.72 1.61
C LEU C 18 36.42 -18.47 0.31
N ALA C 19 36.55 -19.80 0.37
CA ALA C 19 36.61 -20.62 -0.84
C ALA C 19 35.23 -20.97 -1.36
N ILE C 20 34.25 -21.11 -0.46
CA ILE C 20 32.86 -21.26 -0.90
C ILE C 20 32.40 -20.00 -1.63
N LEU C 21 32.62 -18.85 -1.02
CA LEU C 21 32.21 -17.59 -1.64
C LEU C 21 32.89 -17.38 -2.99
N SER C 22 34.19 -17.67 -3.07
CA SER C 22 34.96 -17.41 -4.28
C SER C 22 34.78 -18.49 -5.36
N LYS C 23 33.93 -19.47 -5.13
CA LYS C 23 33.78 -20.58 -6.05
C LYS C 23 32.89 -20.19 -7.22
N PRO C 24 32.99 -20.91 -8.34
CA PRO C 24 31.98 -20.76 -9.40
C PRO C 24 30.61 -21.19 -8.89
N HIS C 25 29.60 -20.41 -9.26
CA HIS C 25 28.23 -20.64 -8.81
C HIS C 25 28.21 -20.77 -7.29
N PRO C 26 28.45 -19.67 -6.58
CA PRO C 26 28.69 -19.76 -5.13
C PRO C 26 27.44 -20.18 -4.37
N ASN C 27 27.67 -20.82 -3.22
CA ASN C 27 26.61 -21.29 -2.35
C ASN C 27 26.58 -20.39 -1.12
N TYR C 28 25.56 -19.53 -1.05
CA TYR C 28 25.49 -18.52 0.00
C TYR C 28 24.79 -19.02 1.26
N GLN C 29 23.83 -19.94 1.12
CA GLN C 29 23.19 -20.50 2.32
C GLN C 29 24.09 -21.52 3.00
N LEU C 30 24.82 -22.32 2.22
CA LEU C 30 25.83 -23.19 2.80
C LEU C 30 26.90 -22.38 3.50
N ALA C 31 27.27 -21.23 2.93
CA ALA C 31 28.28 -20.37 3.56
C ALA C 31 27.74 -19.71 4.82
N PHE C 32 26.47 -19.29 4.82
CA PHE C 32 25.88 -18.75 6.04
C PHE C 32 25.84 -19.81 7.13
N LEU C 33 25.42 -21.03 6.78
CA LEU C 33 25.44 -22.13 7.73
C LEU C 33 26.84 -22.37 8.27
N ASN C 34 27.85 -22.24 7.42
CA ASN C 34 29.22 -22.46 7.88
C ASN C 34 29.70 -21.33 8.79
N ILE C 35 29.22 -20.11 8.54
CA ILE C 35 29.52 -19.00 9.45
C ILE C 35 28.87 -19.25 10.80
N ILE C 36 27.61 -19.67 10.78
CA ILE C 36 26.90 -19.99 12.02
C ILE C 36 27.62 -21.10 12.76
N GLN C 37 28.12 -22.10 12.04
CA GLN C 37 28.73 -23.30 12.62
C GLN C 37 29.89 -23.00 13.55
N LEU C 38 30.37 -21.75 13.60
CA LEU C 38 31.41 -21.36 14.52
C LEU C 38 30.87 -20.88 15.86
N LEU C 39 29.55 -20.73 16.00
CA LEU C 39 28.95 -20.32 17.25
C LEU C 39 28.57 -21.50 18.14
N LYS C 40 28.62 -22.73 17.61
CA LYS C 40 28.41 -23.92 18.43
C LYS C 40 29.58 -24.20 19.37
N THR C 41 30.49 -23.23 19.44
CA THR C 41 31.67 -23.30 20.30
C THR C 41 31.31 -22.83 21.72
N GLN C 42 32.06 -23.35 22.69
CA GLN C 42 31.75 -23.15 24.10
C GLN C 42 32.12 -21.74 24.54
N ARG C 43 31.21 -21.09 25.26
CA ARG C 43 31.39 -19.71 25.71
C ARG C 43 32.37 -19.63 26.87
N SER C 57 28.61 -22.21 25.98
CA SER C 57 28.36 -22.29 24.54
C SER C 57 27.75 -20.99 24.04
N ILE C 58 28.36 -20.41 23.01
CA ILE C 58 27.99 -19.07 22.57
C ILE C 58 26.60 -19.08 21.94
N SER C 59 26.39 -19.95 20.95
CA SER C 59 25.06 -20.05 20.35
C SER C 59 24.04 -20.56 21.36
N ASP C 60 24.44 -21.39 22.31
CA ASP C 60 23.52 -21.80 23.36
C ASP C 60 23.23 -20.65 24.32
N HIS C 61 24.24 -19.83 24.62
CA HIS C 61 23.98 -18.62 25.41
C HIS C 61 22.95 -17.73 24.72
N TYR C 63 20.82 -18.59 22.61
CA TYR C 63 19.60 -19.34 22.57
C TYR C 63 18.86 -19.12 23.87
N ARG C 64 19.50 -19.34 25.01
CA ARG C 64 18.91 -19.07 26.31
C ARG C 64 18.34 -17.65 26.35
N GLY C 66 17.47 -15.67 23.76
CA GLY C 66 16.34 -15.51 22.86
C GLY C 66 15.06 -16.09 23.41
N LEU C 67 15.15 -17.26 24.06
CA LEU C 67 13.97 -17.86 24.67
C LEU C 67 13.49 -17.02 25.84
N THR C 68 14.41 -16.43 26.61
CA THR C 68 14.02 -15.71 27.82
C THR C 68 13.21 -14.46 27.51
N THR C 69 13.51 -13.77 26.40
CA THR C 69 12.82 -12.53 26.07
C THR C 69 11.38 -12.78 25.63
N LEU C 71 9.21 -13.92 28.58
CA LEU C 71 8.70 -13.58 29.91
C LEU C 71 8.60 -12.07 30.09
N ILE C 72 9.18 -11.30 29.18
CA ILE C 72 9.07 -9.84 29.19
C ILE C 72 7.61 -9.47 28.94
N THR C 73 6.92 -9.04 29.99
CA THR C 73 5.50 -8.72 29.88
C THR C 73 5.23 -7.31 29.38
N ASP C 74 6.23 -6.42 29.45
CA ASP C 74 6.07 -5.04 29.03
C ASP C 74 5.50 -4.95 27.62
N LYS C 75 4.39 -4.23 27.49
CA LYS C 75 3.74 -4.06 26.20
C LYS C 75 4.41 -2.99 25.35
N ASN C 76 5.34 -2.21 25.92
CA ASN C 76 6.08 -1.23 25.15
C ASN C 76 7.08 -1.87 24.20
N VAL C 77 7.47 -3.12 24.47
CA VAL C 77 8.50 -3.77 23.67
C VAL C 77 7.89 -4.31 22.38
N ASP C 78 8.75 -4.56 21.41
CA ASP C 78 8.44 -5.43 20.28
C ASP C 78 9.04 -6.78 20.60
N ARG C 79 8.18 -7.76 20.90
CA ARG C 79 8.67 -9.05 21.37
C ARG C 79 9.59 -9.71 20.36
N ASN C 80 9.18 -9.75 19.10
CA ASN C 80 9.97 -10.44 18.09
C ASN C 80 11.25 -9.69 17.75
N LYS C 81 11.22 -8.36 17.79
CA LYS C 81 12.46 -7.61 17.65
C LYS C 81 13.38 -7.85 18.84
N CYS C 82 12.80 -8.04 20.03
CA CYS C 82 13.59 -8.45 21.18
C CYS C 82 14.26 -9.80 20.92
N ILE C 83 13.51 -10.75 20.37
CA ILE C 83 14.06 -12.06 20.06
C ILE C 83 15.21 -11.94 19.07
N ARG C 84 15.04 -11.12 18.03
CA ARG C 84 16.08 -10.99 17.01
C ARG C 84 17.35 -10.35 17.58
N ILE C 85 17.18 -9.22 18.29
CA ILE C 85 18.31 -8.61 18.99
C ILE C 85 19.04 -9.65 19.82
N ALA C 86 18.29 -10.47 20.57
CA ALA C 86 18.90 -11.54 21.32
C ALA C 86 19.72 -12.46 20.42
N LEU C 87 19.10 -12.95 19.36
CA LEU C 87 19.68 -14.03 18.57
C LEU C 87 20.91 -13.61 17.79
N VAL C 88 21.14 -12.32 17.56
CA VAL C 88 22.33 -11.89 16.83
C VAL C 88 23.26 -11.00 17.62
N HIS C 89 22.91 -10.56 18.84
CA HIS C 89 23.68 -9.50 19.49
C HIS C 89 25.14 -9.85 19.70
N ASP C 90 25.49 -11.14 19.68
CA ASP C 90 26.89 -11.56 19.84
C ASP C 90 27.48 -12.09 18.54
N PHE C 91 26.90 -11.72 17.39
CA PHE C 91 27.31 -12.26 16.10
C PHE C 91 28.75 -11.94 15.73
N ALA C 92 29.40 -11.00 16.42
CA ALA C 92 30.74 -10.58 16.06
C ALA C 92 31.84 -11.39 16.75
N GLU C 93 31.59 -11.86 17.97
CA GLU C 93 32.59 -12.65 18.69
C GLU C 93 32.92 -13.95 17.99
N SER C 94 32.01 -14.46 17.15
CA SER C 94 32.28 -15.67 16.40
C SER C 94 33.57 -15.56 15.60
N LEU C 95 33.83 -14.37 15.05
CA LEU C 95 34.99 -14.15 14.18
C LEU C 95 35.96 -13.13 14.75
N VAL C 96 35.47 -12.08 15.38
CA VAL C 96 36.35 -11.05 15.92
C VAL C 96 36.52 -11.23 17.42
N LYS C 107 40.11 -0.58 22.45
CA LYS C 107 40.38 0.48 21.51
C LYS C 107 39.15 0.74 20.75
N GLU C 108 38.94 2.01 20.47
CA GLU C 108 37.84 2.52 19.71
C GLU C 108 37.72 1.69 18.49
N GLU C 109 38.83 1.13 18.07
CA GLU C 109 38.80 0.30 16.91
C GLU C 109 38.39 -1.07 17.30
N LYS C 110 38.22 -1.35 18.57
CA LYS C 110 37.78 -2.66 18.99
C LYS C 110 36.43 -2.97 18.37
N HIS C 111 35.41 -2.28 18.81
CA HIS C 111 34.10 -2.50 18.29
C HIS C 111 34.03 -2.02 16.87
N ARG C 112 35.14 -1.54 16.33
CA ARG C 112 35.18 -1.10 14.95
C ARG C 112 35.31 -2.33 14.13
N ARG C 113 36.12 -3.25 14.60
CA ARG C 113 36.27 -4.53 13.91
C ARG C 113 35.00 -5.36 13.95
N GLU C 114 34.28 -5.30 15.07
CA GLU C 114 33.00 -6.00 15.15
C GLU C 114 31.97 -5.38 14.22
N PHE C 115 31.89 -4.05 14.21
CA PHE C 115 31.11 -3.30 13.23
C PHE C 115 31.40 -3.79 11.82
N GLU C 116 32.68 -3.79 11.44
CA GLU C 116 33.05 -4.13 10.07
C GLU C 116 32.82 -5.61 9.78
N THR C 117 32.94 -6.49 10.77
CA THR C 117 32.72 -7.91 10.54
C THR C 117 31.23 -8.22 10.39
N VAL C 118 30.39 -7.62 11.21
CA VAL C 118 28.95 -7.80 11.04
C VAL C 118 28.50 -7.19 9.71
N LYS C 119 29.03 -6.02 9.38
CA LYS C 119 28.74 -5.40 8.09
C LYS C 119 29.20 -6.29 6.94
N TYR C 120 30.37 -6.91 7.08
CA TYR C 120 30.88 -7.79 6.03
C TYR C 120 30.02 -9.03 5.89
N LEU C 121 29.70 -9.68 7.00
CA LEU C 121 28.83 -10.86 6.96
C LEU C 121 27.52 -10.51 6.28
N CYS C 122 26.96 -9.35 6.60
CA CYS C 122 25.71 -8.93 5.99
C CYS C 122 25.87 -8.72 4.49
N GLU C 123 26.92 -8.00 4.08
CA GLU C 123 27.05 -7.56 2.70
C GLU C 123 27.49 -8.67 1.76
N SER C 124 28.40 -9.53 2.20
CA SER C 124 29.01 -10.53 1.33
C SER C 124 28.30 -11.87 1.39
N ILE C 125 27.64 -12.19 2.50
CA ILE C 125 26.98 -13.47 2.67
C ILE C 125 25.46 -13.30 2.76
N ILE C 126 24.99 -12.41 3.63
CA ILE C 126 23.56 -12.31 3.87
C ILE C 126 22.87 -11.58 2.71
N ARG C 127 23.37 -10.39 2.37
CA ARG C 127 22.77 -9.61 1.30
C ARG C 127 22.66 -10.38 -0.02
N PRO C 128 23.67 -11.11 -0.49
CA PRO C 128 23.52 -11.82 -1.78
C PRO C 128 22.42 -12.86 -1.79
N CYS C 129 21.80 -13.17 -0.65
CA CYS C 129 20.71 -14.14 -0.62
C CYS C 129 19.45 -13.65 0.05
N SER C 130 19.50 -12.52 0.76
CA SER C 130 18.29 -11.94 1.35
C SER C 130 18.57 -10.48 1.63
N GLU C 131 17.96 -9.59 0.85
CA GLU C 131 18.19 -8.16 1.04
C GLU C 131 17.69 -7.69 2.40
N SER C 132 16.48 -8.13 2.77
CA SER C 132 15.91 -7.73 4.05
C SER C 132 16.79 -8.14 5.21
N ALA C 133 17.04 -9.45 5.35
CA ALA C 133 17.73 -9.98 6.52
C ALA C 133 19.08 -9.32 6.74
N SER C 134 19.75 -8.88 5.67
CA SER C 134 21.03 -8.19 5.82
C SER C 134 20.89 -6.98 6.71
N ARG C 135 20.12 -6.00 6.23
CA ARG C 135 19.93 -4.76 6.98
C ARG C 135 19.28 -5.06 8.33
N GLU C 136 18.39 -6.04 8.38
CA GLU C 136 17.74 -6.39 9.64
C GLU C 136 18.79 -6.79 10.66
N ILE C 137 19.51 -7.89 10.38
CA ILE C 137 20.51 -8.42 11.30
C ILE C 137 21.50 -7.32 11.72
N LEU C 138 21.88 -6.44 10.79
CA LEU C 138 22.75 -5.35 11.19
C LEU C 138 22.07 -4.41 12.18
N ASP C 139 20.80 -4.05 11.92
CA ASP C 139 20.10 -3.16 12.84
C ASP C 139 19.89 -3.81 14.19
N ASP C 140 19.65 -5.13 14.19
CA ASP C 140 19.49 -5.87 15.44
C ASP C 140 20.78 -5.84 16.24
N TRP C 141 21.92 -6.09 15.59
CA TRP C 141 23.20 -6.00 16.26
C TRP C 141 23.46 -4.59 16.78
N LEU C 142 23.02 -3.57 16.04
CA LEU C 142 23.28 -2.19 16.44
C LEU C 142 22.41 -1.76 17.62
N ALA C 143 21.15 -2.20 17.65
CA ALA C 143 20.28 -1.88 18.77
C ALA C 143 20.86 -2.38 20.08
N TYR C 144 21.68 -3.43 20.03
CA TYR C 144 22.41 -3.87 21.21
C TYR C 144 23.68 -3.06 21.41
N GLU C 145 24.52 -2.98 20.38
CA GLU C 145 25.79 -2.26 20.49
C GLU C 145 25.56 -0.81 20.91
N LYS C 146 24.85 -0.05 20.09
CA LYS C 146 24.64 1.37 20.36
C LYS C 146 23.49 1.62 21.33
N GLN C 147 22.97 0.58 21.97
CA GLN C 147 21.84 0.66 22.91
C GLN C 147 20.78 1.63 22.39
N THR C 148 20.37 1.40 21.14
CA THR C 148 19.55 2.36 20.41
C THR C 148 18.10 2.38 20.86
N CYS C 149 17.64 1.39 21.62
CA CYS C 149 16.21 1.25 21.87
C CYS C 149 15.99 0.44 23.13
N LEU C 150 14.71 0.15 23.41
CA LEU C 150 14.34 -0.57 24.61
C LEU C 150 14.77 -2.03 24.54
N GLU C 151 14.28 -2.76 23.54
CA GLU C 151 14.63 -4.16 23.36
C GLU C 151 16.13 -4.37 23.24
N GLY C 152 16.91 -3.30 23.04
CA GLY C 152 18.35 -3.41 23.12
C GLY C 152 18.89 -3.31 24.53
N ARG C 153 18.09 -2.76 25.46
CA ARG C 153 18.49 -2.65 26.86
C ARG C 153 18.00 -3.85 27.67
N TYR C 154 16.80 -4.36 27.37
CA TYR C 154 16.35 -5.61 27.97
C TYR C 154 17.36 -6.72 27.73
N VAL C 155 17.81 -6.86 26.48
CA VAL C 155 18.74 -7.94 26.15
C VAL C 155 20.01 -7.82 26.97
N LYS C 156 20.65 -6.64 26.98
CA LYS C 156 21.90 -6.50 27.71
C LYS C 156 21.69 -6.68 29.20
N ASP C 157 20.54 -6.25 29.73
CA ASP C 157 20.21 -6.55 31.12
C ASP C 157 19.91 -8.04 31.34
N ILE C 158 19.81 -8.82 30.27
CA ILE C 158 19.64 -10.27 30.43
C ILE C 158 20.93 -11.05 30.19
N ASP C 159 21.81 -10.57 29.30
CA ASP C 159 23.10 -11.24 29.09
C ASP C 159 23.90 -11.31 30.39
N LYS C 160 23.45 -10.58 31.41
CA LYS C 160 24.07 -10.52 32.73
C LYS C 160 23.24 -11.16 33.83
N TYR C 161 21.92 -10.95 33.85
CA TYR C 161 21.08 -11.63 34.84
C TYR C 161 21.28 -13.13 34.79
N GLU C 162 21.57 -13.65 33.60
CA GLU C 162 21.97 -15.05 33.47
C GLU C 162 23.21 -15.35 34.29
N LEU C 164 24.20 -13.84 36.82
CA LEU C 164 23.79 -13.80 38.22
C LEU C 164 23.21 -15.13 38.66
N VAL C 165 22.25 -15.65 37.88
CA VAL C 165 21.75 -17.00 38.10
C VAL C 165 22.90 -18.00 38.14
N GLN C 166 23.96 -17.74 37.38
CA GLN C 166 25.09 -18.65 37.31
C GLN C 166 25.93 -18.60 38.58
N CYS C 167 26.23 -17.39 39.06
CA CYS C 167 26.92 -17.25 40.34
C CYS C 167 26.14 -17.95 41.44
N PHE C 168 24.81 -17.83 41.44
CA PHE C 168 24.01 -18.48 42.46
C PHE C 168 24.04 -20.00 42.32
N GLU C 169 23.87 -20.50 41.09
CA GLU C 169 23.93 -21.94 40.86
C GLU C 169 25.27 -22.52 41.31
N TYR C 170 26.35 -21.77 41.10
CA TYR C 170 27.66 -22.20 41.57
C TYR C 170 27.70 -22.24 43.09
N GLU C 171 27.46 -21.09 43.73
CA GLU C 171 27.47 -21.03 45.19
C GLU C 171 26.56 -22.06 45.83
N GLN C 172 25.56 -22.56 45.10
CA GLN C 172 24.68 -23.57 45.64
C GLN C 172 25.36 -24.93 45.76
N LYS C 173 26.47 -25.15 45.08
CA LYS C 173 27.18 -26.42 45.17
C LYS C 173 28.10 -26.49 46.38
N TYR C 174 27.99 -25.53 47.30
CA TYR C 174 28.91 -25.43 48.43
C TYR C 174 28.19 -24.93 49.68
N GLN C 182 32.58 -9.68 43.07
CA GLN C 182 31.84 -10.85 42.63
C GLN C 182 30.49 -10.47 42.02
N PHE C 183 29.42 -10.96 42.61
CA PHE C 183 28.04 -10.78 42.16
C PHE C 183 27.67 -9.35 41.92
N LEU C 184 28.52 -8.47 42.35
CA LEU C 184 28.27 -7.06 42.28
C LEU C 184 27.71 -6.75 40.94
N GLY C 185 26.44 -6.39 40.98
CA GLY C 185 25.68 -5.90 39.85
C GLY C 185 25.06 -4.57 40.14
N ALA C 186 23.85 -4.54 40.67
CA ALA C 186 22.96 -5.65 40.65
C ALA C 186 21.57 -5.40 40.20
N ILE C 187 20.82 -4.59 40.94
CA ILE C 187 19.59 -4.02 40.44
C ILE C 187 19.90 -2.70 39.87
N ASN C 188 20.86 -1.99 40.45
CA ASN C 188 21.16 -0.69 39.86
C ASN C 188 21.72 -0.82 38.45
N ASP C 189 22.64 -1.77 38.23
CA ASP C 189 23.14 -2.00 36.88
C ASP C 189 22.01 -2.40 35.94
N ILE C 190 21.10 -3.26 36.42
CA ILE C 190 19.91 -3.61 35.65
C ILE C 190 18.94 -2.44 35.70
N LYS C 191 18.92 -1.61 34.65
CA LYS C 191 18.11 -0.40 34.69
C LYS C 191 16.62 -0.74 34.72
N THR C 192 16.19 -1.69 33.89
CA THR C 192 14.77 -1.91 33.68
C THR C 192 14.09 -2.43 34.94
N ASP C 193 12.81 -2.07 35.09
CA ASP C 193 12.05 -2.43 36.29
C ASP C 193 11.75 -3.92 36.33
N GLU C 194 11.35 -4.49 35.20
CA GLU C 194 10.96 -5.90 35.18
C GLU C 194 12.14 -6.80 35.51
N VAL C 195 13.32 -6.50 34.98
CA VAL C 195 14.46 -7.37 35.24
C VAL C 195 15.11 -7.03 36.58
N LYS C 196 15.04 -5.77 37.02
CA LYS C 196 15.29 -5.48 38.43
C LYS C 196 14.46 -6.39 39.32
N LYS C 197 13.19 -6.59 38.94
CA LYS C 197 12.26 -7.38 39.74
C LYS C 197 12.60 -8.87 39.68
N TRP C 198 12.95 -9.37 38.50
CA TRP C 198 13.37 -10.76 38.40
C TRP C 198 14.65 -11.01 39.19
N THR C 199 15.57 -10.03 39.17
CA THR C 199 16.80 -10.15 39.93
C THR C 199 16.52 -10.16 41.43
N GLN C 200 15.58 -9.32 41.88
CA GLN C 200 15.20 -9.34 43.30
C GLN C 200 14.51 -10.64 43.67
N SER C 201 13.65 -11.15 42.78
CA SER C 201 12.98 -12.42 43.03
C SER C 201 13.98 -13.56 43.06
N LEU C 202 15.11 -13.41 42.36
CA LEU C 202 16.22 -14.36 42.50
C LEU C 202 16.87 -14.22 43.86
N LEU C 203 17.29 -13.00 44.21
CA LEU C 203 17.97 -12.75 45.48
C LEU C 203 17.16 -13.24 46.67
N GLU C 204 15.83 -13.24 46.56
CA GLU C 204 14.97 -13.83 47.57
C GLU C 204 15.39 -15.27 47.85
N ASP C 205 15.19 -16.15 46.86
CA ASP C 205 15.60 -17.54 46.98
C ASP C 205 17.07 -17.68 47.34
N ARG C 206 17.89 -16.72 46.90
CA ARG C 206 19.34 -16.81 47.12
C ARG C 206 19.68 -16.67 48.60
N GLN C 207 19.33 -15.52 49.18
CA GLN C 207 19.55 -15.34 50.61
C GLN C 207 18.81 -16.38 51.42
N ALA C 208 17.67 -16.87 50.92
CA ALA C 208 17.02 -18.01 51.56
C ALA C 208 17.95 -19.22 51.62
N PHE C 209 18.59 -19.54 50.48
CA PHE C 209 19.54 -20.63 50.45
C PHE C 209 20.72 -20.39 51.38
N PHE C 210 21.13 -19.12 51.53
CA PHE C 210 22.18 -18.79 52.50
C PHE C 210 21.86 -19.25 53.91
N ASP C 211 20.61 -19.59 54.19
CA ASP C 211 20.18 -19.93 55.54
C ASP C 211 19.48 -21.28 55.59
N TRP D 7 12.16 -46.12 -28.82
CA TRP D 7 13.22 -45.14 -29.04
C TRP D 7 13.01 -43.92 -28.15
N LYS D 8 14.10 -43.26 -27.75
CA LYS D 8 14.01 -42.18 -26.79
C LYS D 8 14.28 -40.83 -27.45
N PRO D 9 13.46 -39.81 -27.16
CA PRO D 9 13.72 -38.48 -27.73
C PRO D 9 15.02 -37.87 -27.25
N GLU D 10 15.58 -38.38 -26.15
CA GLU D 10 16.87 -37.94 -25.65
C GLU D 10 18.00 -38.19 -26.64
N ASP D 11 17.75 -38.96 -27.71
CA ASP D 11 18.79 -39.48 -28.58
C ASP D 11 19.08 -38.60 -29.79
N ASN D 12 18.46 -37.42 -29.91
CA ASN D 12 18.72 -36.53 -31.03
C ASN D 12 19.27 -35.19 -30.55
N ILE D 13 19.91 -35.17 -29.39
CA ILE D 13 20.49 -33.94 -28.83
C ILE D 13 21.94 -33.82 -29.28
N PRO D 14 22.34 -32.66 -29.81
CA PRO D 14 23.75 -32.50 -30.21
C PRO D 14 24.69 -32.68 -29.03
N ARG D 15 25.87 -33.20 -29.33
CA ARG D 15 26.82 -33.56 -28.27
C ARG D 15 27.24 -32.34 -27.46
N GLU D 16 27.34 -31.18 -28.10
CA GLU D 16 27.66 -29.95 -27.37
C GLU D 16 26.67 -29.71 -26.24
N ILE D 17 25.38 -29.96 -26.49
CA ILE D 17 24.37 -29.63 -25.50
C ILE D 17 24.32 -30.69 -24.40
N LEU D 18 24.43 -31.97 -24.76
CA LEU D 18 24.55 -32.99 -23.72
C LEU D 18 25.79 -32.77 -22.87
N ALA D 19 26.82 -32.13 -23.44
CA ALA D 19 28.01 -31.79 -22.68
C ALA D 19 27.74 -30.63 -21.74
N ILE D 20 26.96 -29.64 -22.20
CA ILE D 20 26.58 -28.53 -21.33
C ILE D 20 25.74 -29.05 -20.16
N LEU D 21 24.80 -29.97 -20.43
CA LEU D 21 23.81 -30.42 -19.47
C LEU D 21 24.26 -31.66 -18.70
N SER D 22 25.56 -31.88 -18.55
CA SER D 22 26.05 -33.02 -17.78
C SER D 22 27.16 -32.58 -16.83
N LYS D 23 27.08 -31.36 -16.34
CA LYS D 23 28.07 -30.75 -15.47
C LYS D 23 27.43 -30.36 -14.15
N PRO D 24 28.22 -30.11 -13.10
CA PRO D 24 27.65 -29.69 -11.81
C PRO D 24 26.70 -28.52 -11.92
N HIS D 25 27.19 -27.42 -12.45
CA HIS D 25 26.36 -26.23 -12.62
C HIS D 25 26.15 -25.96 -14.09
N PRO D 26 25.19 -26.62 -14.74
CA PRO D 26 24.98 -26.40 -16.16
C PRO D 26 24.32 -25.07 -16.43
N ASN D 27 24.61 -24.51 -17.61
CA ASN D 27 24.04 -23.24 -18.04
C ASN D 27 22.82 -23.54 -18.89
N TYR D 28 21.66 -23.60 -18.25
CA TYR D 28 20.43 -23.89 -18.98
C TYR D 28 20.15 -22.84 -20.06
N GLN D 29 20.56 -21.60 -19.82
CA GLN D 29 20.33 -20.56 -20.81
C GLN D 29 21.23 -20.73 -22.03
N LEU D 30 22.51 -21.02 -21.80
CA LEU D 30 23.40 -21.30 -22.92
C LEU D 30 22.91 -22.52 -23.69
N ALA D 31 22.37 -23.51 -22.98
CA ALA D 31 21.80 -24.68 -23.65
C ALA D 31 20.61 -24.29 -24.52
N PHE D 32 19.73 -23.43 -24.00
CA PHE D 32 18.58 -22.98 -24.78
C PHE D 32 19.01 -22.23 -26.03
N LEU D 33 20.05 -21.40 -25.90
CA LEU D 33 20.54 -20.66 -27.07
C LEU D 33 21.18 -21.60 -28.09
N ASN D 34 21.93 -22.59 -27.62
CA ASN D 34 22.47 -23.61 -28.51
C ASN D 34 21.38 -24.46 -29.13
N ILE D 35 20.20 -24.49 -28.53
CA ILE D 35 19.07 -25.20 -29.13
C ILE D 35 18.37 -24.33 -30.18
N ILE D 36 18.36 -23.01 -29.97
CA ILE D 36 17.79 -22.12 -30.98
C ILE D 36 18.70 -22.04 -32.20
N GLN D 37 20.02 -22.15 -32.00
CA GLN D 37 20.95 -22.22 -33.11
C GLN D 37 20.57 -23.31 -34.12
N LEU D 38 19.81 -24.31 -33.69
CA LEU D 38 19.42 -25.40 -34.58
C LEU D 38 18.32 -24.95 -35.55
N LEU D 39 17.30 -24.24 -35.06
CA LEU D 39 16.35 -23.64 -35.98
C LEU D 39 17.03 -22.60 -36.85
N LYS D 40 18.12 -22.02 -36.41
CA LYS D 40 18.83 -21.14 -37.27
C LYS D 40 19.49 -22.02 -38.29
N THR D 41 19.92 -23.21 -37.90
CA THR D 41 20.59 -24.14 -38.81
C THR D 41 19.58 -24.69 -39.76
N GLN D 42 19.67 -25.94 -40.17
CA GLN D 42 18.71 -26.49 -41.10
C GLN D 42 17.35 -26.41 -40.47
N ARG D 43 16.21 -26.71 -41.08
CA ARG D 43 16.02 -27.14 -42.44
C ARG D 43 15.07 -26.19 -43.14
N SER D 57 14.51 -20.88 -43.66
CA SER D 57 14.83 -21.05 -42.25
C SER D 57 13.57 -21.17 -41.40
N ILE D 58 13.55 -22.13 -40.48
CA ILE D 58 12.39 -22.27 -39.59
C ILE D 58 12.30 -21.08 -38.66
N SER D 59 13.45 -20.55 -38.22
CA SER D 59 13.42 -19.28 -37.52
C SER D 59 12.83 -18.19 -38.41
N ASP D 60 13.19 -18.19 -39.70
CA ASP D 60 12.56 -17.29 -40.66
C ASP D 60 11.05 -17.54 -40.76
N HIS D 61 10.63 -18.80 -41.00
CA HIS D 61 9.21 -19.18 -41.04
C HIS D 61 8.48 -18.60 -39.83
N TYR D 63 9.36 -16.53 -37.29
CA TYR D 63 9.43 -15.11 -37.02
C TYR D 63 8.49 -14.34 -37.93
N ARG D 64 8.44 -14.70 -39.21
CA ARG D 64 7.46 -14.10 -40.10
C ARG D 64 6.05 -14.45 -39.67
N GLY D 66 5.12 -14.86 -36.44
CA GLY D 66 4.85 -14.04 -35.29
C GLY D 66 4.65 -12.57 -35.62
N LEU D 67 5.28 -12.11 -36.69
CA LEU D 67 5.03 -10.74 -37.12
C LEU D 67 3.71 -10.62 -37.88
N THR D 68 3.45 -11.55 -38.80
CA THR D 68 2.15 -11.66 -39.45
C THR D 68 1.02 -11.72 -38.43
N THR D 69 1.29 -12.29 -37.26
CA THR D 69 0.31 -12.32 -36.19
C THR D 69 -0.20 -10.93 -35.86
N LEU D 71 -1.50 -8.61 -37.11
CA LEU D 71 -2.49 -8.06 -38.02
C LEU D 71 -3.91 -8.43 -37.62
N ILE D 72 -4.11 -8.94 -36.40
CA ILE D 72 -5.41 -9.42 -35.98
C ILE D 72 -6.26 -8.24 -35.52
N THR D 73 -7.47 -8.14 -36.06
CA THR D 73 -8.43 -7.12 -35.69
C THR D 73 -9.34 -7.56 -34.55
N ASP D 74 -9.07 -8.72 -33.96
CA ASP D 74 -9.98 -9.32 -32.98
C ASP D 74 -9.54 -8.99 -31.56
N LYS D 75 -10.47 -8.44 -30.78
CA LYS D 75 -10.27 -8.26 -29.36
C LYS D 75 -10.69 -9.49 -28.56
N ASN D 76 -11.44 -10.40 -29.18
CA ASN D 76 -11.78 -11.67 -28.53
C ASN D 76 -10.56 -12.57 -28.44
N VAL D 77 -9.90 -12.82 -29.57
CA VAL D 77 -8.75 -13.71 -29.64
C VAL D 77 -7.69 -13.25 -28.65
N ASP D 78 -6.98 -14.20 -28.06
CA ASP D 78 -5.79 -13.87 -27.28
C ASP D 78 -4.65 -13.63 -28.25
N ARG D 79 -4.24 -12.37 -28.38
CA ARG D 79 -3.30 -11.99 -29.42
C ARG D 79 -1.86 -12.33 -29.02
N ASN D 80 -1.45 -11.96 -27.81
CA ASN D 80 -0.12 -12.32 -27.34
C ASN D 80 0.05 -13.83 -27.29
N LYS D 81 -1.02 -14.54 -26.90
CA LYS D 81 -1.01 -16.00 -27.01
C LYS D 81 -0.81 -16.43 -28.46
N CYS D 82 -1.35 -15.68 -29.42
CA CYS D 82 -1.16 -16.02 -30.83
C CYS D 82 0.31 -15.88 -31.23
N ILE D 83 0.93 -14.75 -30.90
CA ILE D 83 2.36 -14.59 -31.16
C ILE D 83 3.13 -15.76 -30.53
N ARG D 84 2.90 -15.98 -29.24
CA ARG D 84 3.68 -16.96 -28.48
C ARG D 84 3.52 -18.37 -29.05
N ILE D 85 2.31 -18.73 -29.50
CA ILE D 85 2.12 -20.02 -30.16
C ILE D 85 2.84 -20.03 -31.50
N ALA D 86 2.79 -18.91 -32.23
CA ALA D 86 3.47 -18.82 -33.52
C ALA D 86 4.94 -19.19 -33.39
N LEU D 87 5.59 -18.74 -32.33
CA LEU D 87 7.01 -19.08 -32.20
C LEU D 87 7.26 -20.52 -31.68
N VAL D 88 6.28 -21.45 -31.77
CA VAL D 88 6.55 -22.87 -31.55
C VAL D 88 5.76 -23.75 -32.53
N HIS D 89 5.13 -23.14 -33.53
CA HIS D 89 4.21 -23.88 -34.40
C HIS D 89 4.92 -25.04 -35.11
N ASP D 90 5.94 -24.71 -35.91
CA ASP D 90 6.78 -25.70 -36.58
C ASP D 90 8.11 -25.81 -35.81
N PHE D 91 7.99 -26.06 -34.49
CA PHE D 91 9.12 -25.94 -33.56
C PHE D 91 10.17 -27.05 -33.55
N ALA D 92 9.81 -28.23 -33.03
CA ALA D 92 10.75 -29.35 -32.87
C ALA D 92 11.04 -29.94 -34.25
N GLU D 93 10.60 -29.25 -35.29
CA GLU D 93 11.06 -29.50 -36.65
C GLU D 93 12.56 -29.69 -36.74
N SER D 94 13.33 -28.94 -35.95
CA SER D 94 14.78 -29.07 -35.94
C SER D 94 15.21 -30.45 -35.48
N LEU D 95 14.94 -30.78 -34.22
CA LEU D 95 15.37 -32.06 -33.67
C LEU D 95 14.64 -33.22 -34.33
N VAL D 96 13.33 -33.09 -34.55
CA VAL D 96 12.56 -34.13 -35.22
C VAL D 96 12.43 -33.78 -36.70
N LYS D 107 1.91 -36.69 -39.17
CA LYS D 107 1.43 -38.03 -38.87
C LYS D 107 1.56 -38.35 -37.38
N GLU D 108 0.70 -39.26 -36.91
CA GLU D 108 0.71 -39.71 -35.52
C GLU D 108 2.14 -39.93 -35.00
N GLU D 109 2.87 -40.84 -35.66
CA GLU D 109 4.17 -41.24 -35.15
C GLU D 109 5.14 -40.06 -35.12
N LYS D 110 5.13 -39.22 -36.16
CA LYS D 110 6.02 -38.08 -36.14
C LYS D 110 5.53 -36.99 -35.21
N HIS D 111 4.22 -36.87 -35.03
CA HIS D 111 3.70 -35.96 -34.01
C HIS D 111 3.93 -36.51 -32.61
N ARG D 112 3.87 -37.83 -32.45
CA ARG D 112 4.31 -38.46 -31.21
C ARG D 112 5.73 -38.05 -30.86
N ARG D 113 6.61 -38.00 -31.85
CA ARG D 113 8.01 -37.66 -31.60
C ARG D 113 8.22 -36.17 -31.43
N GLU D 114 7.46 -35.32 -32.13
CA GLU D 114 7.43 -33.91 -31.79
C GLU D 114 7.11 -33.73 -30.31
N PHE D 115 6.07 -34.41 -29.84
CA PHE D 115 5.68 -34.31 -28.44
C PHE D 115 6.78 -34.82 -27.52
N GLU D 116 7.39 -35.95 -27.87
CA GLU D 116 8.47 -36.49 -27.05
C GLU D 116 9.61 -35.49 -26.92
N THR D 117 10.06 -34.92 -28.05
CA THR D 117 11.13 -33.95 -28.03
C THR D 117 10.74 -32.69 -27.26
N VAL D 118 9.47 -32.27 -27.37
CA VAL D 118 9.06 -31.04 -26.70
C VAL D 118 8.95 -31.24 -25.20
N LYS D 119 8.39 -32.37 -24.77
CA LYS D 119 8.38 -32.71 -23.36
C LYS D 119 9.81 -32.80 -22.82
N TYR D 120 10.73 -33.35 -23.62
CA TYR D 120 12.12 -33.37 -23.22
C TYR D 120 12.67 -31.95 -23.04
N LEU D 121 12.41 -31.08 -24.00
CA LEU D 121 12.90 -29.71 -23.92
C LEU D 121 12.39 -29.04 -22.66
N CYS D 122 11.09 -29.21 -22.37
CA CYS D 122 10.52 -28.63 -21.15
C CYS D 122 11.24 -29.16 -19.92
N GLU D 123 11.36 -30.48 -19.80
CA GLU D 123 11.88 -31.07 -18.57
C GLU D 123 13.36 -30.75 -18.37
N SER D 124 14.17 -30.97 -19.39
CA SER D 124 15.62 -31.07 -19.24
C SER D 124 16.37 -29.77 -19.51
N ILE D 125 15.70 -28.73 -19.99
CA ILE D 125 16.40 -27.51 -20.38
C ILE D 125 15.66 -26.29 -19.85
N ILE D 126 14.34 -26.30 -19.99
CA ILE D 126 13.53 -25.12 -19.71
C ILE D 126 13.05 -25.10 -18.26
N ARG D 127 12.40 -26.17 -17.81
CA ARG D 127 11.86 -26.22 -16.46
C ARG D 127 12.87 -25.91 -15.37
N PRO D 128 14.11 -26.41 -15.41
CA PRO D 128 15.06 -26.04 -14.34
C PRO D 128 15.33 -24.55 -14.24
N CYS D 129 15.19 -23.80 -15.34
CA CYS D 129 15.49 -22.38 -15.32
C CYS D 129 14.26 -21.49 -15.49
N SER D 130 13.09 -22.05 -15.80
CA SER D 130 11.83 -21.30 -15.73
C SER D 130 10.68 -22.30 -15.72
N GLU D 131 10.03 -22.43 -14.57
CA GLU D 131 8.85 -23.30 -14.48
C GLU D 131 7.71 -22.77 -15.33
N SER D 132 7.52 -21.46 -15.33
CA SER D 132 6.42 -20.84 -16.05
C SER D 132 6.48 -21.19 -17.53
N ALA D 133 7.59 -20.85 -18.18
CA ALA D 133 7.77 -21.22 -19.58
C ALA D 133 7.65 -22.73 -19.76
N SER D 134 8.06 -23.51 -18.75
CA SER D 134 8.00 -24.96 -18.88
C SER D 134 6.58 -25.45 -19.06
N ARG D 135 5.63 -24.93 -18.28
CA ARG D 135 4.23 -25.31 -18.54
C ARG D 135 3.72 -24.65 -19.81
N GLU D 136 4.11 -23.38 -20.05
CA GLU D 136 3.45 -22.56 -21.06
C GLU D 136 3.79 -23.02 -22.47
N ILE D 137 5.06 -23.28 -22.75
CA ILE D 137 5.47 -23.64 -24.10
C ILE D 137 4.90 -25.00 -24.48
N LEU D 138 4.87 -25.94 -23.53
CA LEU D 138 4.24 -27.22 -23.81
C LEU D 138 2.74 -27.06 -24.05
N ASP D 139 2.09 -26.17 -23.29
CA ASP D 139 0.68 -25.90 -23.54
C ASP D 139 0.45 -25.39 -24.96
N ASP D 140 1.29 -24.45 -25.40
CA ASP D 140 1.14 -23.90 -26.75
C ASP D 140 1.44 -24.95 -27.80
N TRP D 141 2.42 -25.82 -27.55
CA TRP D 141 2.69 -26.91 -28.47
C TRP D 141 1.46 -27.80 -28.62
N LEU D 142 0.84 -28.15 -27.50
CA LEU D 142 -0.38 -28.96 -27.56
C LEU D 142 -1.48 -28.21 -28.32
N ALA D 143 -1.61 -26.91 -28.06
CA ALA D 143 -2.70 -26.14 -28.66
C ALA D 143 -2.59 -26.10 -30.18
N TYR D 144 -1.38 -25.89 -30.70
CA TYR D 144 -1.22 -25.95 -32.15
C TYR D 144 -1.32 -27.39 -32.66
N GLU D 145 -0.56 -28.30 -32.05
CA GLU D 145 -0.60 -29.70 -32.46
C GLU D 145 -2.00 -30.28 -32.34
N LYS D 146 -2.60 -30.17 -31.16
CA LYS D 146 -4.00 -30.55 -30.96
C LYS D 146 -4.77 -29.25 -31.20
N GLN D 147 -5.08 -29.01 -32.48
CA GLN D 147 -5.71 -27.76 -32.89
C GLN D 147 -7.09 -27.58 -32.28
N THR D 148 -7.18 -26.78 -31.21
CA THR D 148 -8.45 -26.59 -30.52
C THR D 148 -8.81 -25.12 -30.38
N CYS D 149 -8.05 -24.36 -29.60
CA CYS D 149 -8.42 -22.98 -29.31
C CYS D 149 -8.32 -22.10 -30.55
N LEU D 150 -9.10 -21.01 -30.54
CA LEU D 150 -9.10 -20.08 -31.66
C LEU D 150 -7.71 -19.55 -31.94
N GLU D 151 -6.99 -19.16 -30.88
CA GLU D 151 -5.66 -18.58 -31.02
C GLU D 151 -4.68 -19.52 -31.72
N GLY D 152 -5.03 -20.81 -31.85
CA GLY D 152 -4.21 -21.76 -32.56
C GLY D 152 -4.69 -22.01 -33.98
N ARG D 153 -6.01 -21.99 -34.16
CA ARG D 153 -6.57 -21.97 -35.51
C ARG D 153 -6.01 -20.81 -36.29
N TYR D 154 -5.90 -19.64 -35.64
CA TYR D 154 -5.30 -18.47 -36.28
C TYR D 154 -3.90 -18.77 -36.78
N VAL D 155 -3.09 -19.45 -35.96
CA VAL D 155 -1.70 -19.72 -36.33
C VAL D 155 -1.63 -20.70 -37.49
N LYS D 156 -2.45 -21.76 -37.45
CA LYS D 156 -2.47 -22.70 -38.56
C LYS D 156 -2.89 -22.02 -39.86
N ASP D 157 -3.95 -21.20 -39.79
CA ASP D 157 -4.39 -20.45 -40.96
C ASP D 157 -3.30 -19.53 -41.45
N ILE D 158 -2.60 -18.86 -40.52
CA ILE D 158 -1.56 -17.93 -40.92
C ILE D 158 -0.40 -18.66 -41.60
N ASP D 159 -0.06 -19.91 -41.21
CA ASP D 159 1.05 -20.52 -41.94
C ASP D 159 0.60 -21.06 -43.30
N LYS D 160 -0.61 -21.60 -43.38
CA LYS D 160 -1.10 -21.95 -44.71
C LYS D 160 -1.15 -20.72 -45.62
N TYR D 161 -1.46 -19.57 -45.04
CA TYR D 161 -1.58 -18.33 -45.81
C TYR D 161 -0.22 -17.76 -46.21
N GLU D 162 0.75 -17.81 -45.30
CA GLU D 162 2.12 -17.45 -45.67
C GLU D 162 2.64 -18.33 -46.79
N LEU D 164 0.75 -19.84 -49.11
CA LEU D 164 0.07 -19.44 -50.34
C LEU D 164 0.63 -18.13 -50.89
N VAL D 165 0.90 -17.18 -50.00
CA VAL D 165 1.46 -15.90 -50.42
C VAL D 165 2.80 -16.10 -51.11
N GLN D 166 3.66 -16.95 -50.54
CA GLN D 166 4.98 -17.16 -51.11
C GLN D 166 4.92 -17.93 -52.43
N CYS D 167 4.04 -18.94 -52.49
CA CYS D 167 3.83 -19.65 -53.75
C CYS D 167 3.38 -18.69 -54.84
N PHE D 168 2.52 -17.73 -54.49
CA PHE D 168 2.05 -16.75 -55.46
C PHE D 168 3.17 -15.81 -55.88
N GLU D 169 3.99 -15.36 -54.92
CA GLU D 169 5.13 -14.52 -55.25
C GLU D 169 6.12 -15.25 -56.16
N TYR D 170 6.17 -16.58 -56.07
CA TYR D 170 6.99 -17.35 -56.99
C TYR D 170 6.33 -17.47 -58.36
N GLU D 171 5.01 -17.69 -58.39
CA GLU D 171 4.29 -17.76 -59.66
C GLU D 171 4.40 -16.45 -60.44
N GLN D 172 4.51 -15.32 -59.74
CA GLN D 172 4.51 -14.03 -60.40
C GLN D 172 5.83 -13.72 -61.12
N LYS D 173 6.91 -14.45 -60.82
CA LYS D 173 8.20 -14.18 -61.43
C LYS D 173 8.38 -14.89 -62.77
N TYR D 174 7.39 -15.64 -63.21
CA TYR D 174 7.53 -16.48 -64.40
C TYR D 174 6.47 -16.18 -65.44
N GLN D 182 -1.51 -26.81 -54.99
CA GLN D 182 -1.08 -25.50 -54.55
C GLN D 182 -2.25 -24.72 -53.94
N PHE D 183 -2.80 -23.80 -54.73
CA PHE D 183 -3.99 -23.03 -54.36
C PHE D 183 -5.27 -23.82 -54.61
N LEU D 184 -5.18 -25.15 -54.71
CA LEU D 184 -6.32 -25.98 -55.05
C LEU D 184 -7.26 -26.08 -53.84
N GLY D 185 -8.44 -25.47 -53.95
CA GLY D 185 -9.46 -25.55 -52.92
C GLY D 185 -9.04 -25.02 -51.58
N ALA D 186 -7.86 -24.39 -51.51
CA ALA D 186 -7.28 -23.97 -50.25
C ALA D 186 -8.05 -22.85 -49.57
N ILE D 187 -9.08 -22.30 -50.22
CA ILE D 187 -9.91 -21.30 -49.55
C ILE D 187 -10.73 -21.95 -48.45
N ASN D 188 -11.23 -23.16 -48.70
CA ASN D 188 -11.91 -23.93 -47.67
C ASN D 188 -10.96 -24.63 -46.72
N ASP D 189 -9.68 -24.73 -47.10
CA ASP D 189 -8.67 -25.23 -46.17
C ASP D 189 -8.42 -24.25 -45.03
N ILE D 190 -8.75 -22.98 -45.21
CA ILE D 190 -8.70 -21.97 -44.16
C ILE D 190 -10.05 -21.92 -43.48
N LYS D 191 -10.05 -21.70 -42.17
CA LYS D 191 -11.29 -21.82 -41.41
C LYS D 191 -11.66 -20.57 -40.62
N THR D 192 -10.72 -19.92 -39.94
CA THR D 192 -11.04 -18.65 -39.30
C THR D 192 -11.49 -17.65 -40.35
N ASP D 193 -12.38 -16.75 -39.95
CA ASP D 193 -13.03 -15.88 -40.93
C ASP D 193 -12.11 -14.74 -41.37
N GLU D 194 -11.29 -14.22 -40.46
CA GLU D 194 -10.39 -13.13 -40.84
C GLU D 194 -9.37 -13.59 -41.87
N VAL D 195 -8.69 -14.71 -41.59
CA VAL D 195 -7.70 -15.21 -42.54
C VAL D 195 -8.37 -15.75 -43.80
N LYS D 196 -9.63 -16.21 -43.70
CA LYS D 196 -10.38 -16.51 -44.91
C LYS D 196 -10.51 -15.27 -45.79
N LYS D 197 -10.62 -14.09 -45.18
CA LYS D 197 -10.70 -12.86 -45.95
C LYS D 197 -9.35 -12.51 -46.59
N TRP D 198 -8.26 -12.67 -45.84
CA TRP D 198 -6.94 -12.49 -46.42
C TRP D 198 -6.74 -13.41 -47.62
N THR D 199 -7.19 -14.66 -47.49
CA THR D 199 -6.98 -15.65 -48.54
C THR D 199 -7.83 -15.34 -49.78
N GLN D 200 -9.08 -14.92 -49.56
CA GLN D 200 -9.91 -14.47 -50.67
C GLN D 200 -9.26 -13.31 -51.40
N SER D 201 -8.75 -12.32 -50.65
CA SER D 201 -8.05 -11.20 -51.27
C SER D 201 -6.87 -11.66 -52.10
N LEU D 202 -6.07 -12.59 -51.55
CA LEU D 202 -4.89 -13.05 -52.26
C LEU D 202 -5.26 -13.79 -53.54
N LEU D 203 -6.25 -14.69 -53.46
CA LEU D 203 -6.67 -15.41 -54.66
C LEU D 203 -7.20 -14.45 -55.72
N GLU D 204 -7.88 -13.39 -55.29
CA GLU D 204 -8.39 -12.41 -56.25
C GLU D 204 -7.25 -11.67 -56.94
N ASP D 205 -6.27 -11.20 -56.15
CA ASP D 205 -5.09 -10.54 -56.73
C ASP D 205 -4.38 -11.48 -57.72
N ARG D 206 -4.29 -12.76 -57.36
CA ARG D 206 -3.64 -13.75 -58.22
C ARG D 206 -4.35 -13.87 -59.55
N GLN D 207 -5.67 -14.04 -59.51
CA GLN D 207 -6.44 -14.11 -60.76
C GLN D 207 -6.32 -12.82 -61.56
N ALA D 208 -6.18 -11.68 -60.88
CA ALA D 208 -5.90 -10.43 -61.58
C ALA D 208 -4.60 -10.53 -62.36
N PHE D 209 -3.52 -10.93 -61.69
CA PHE D 209 -2.24 -11.15 -62.36
C PHE D 209 -2.36 -12.13 -63.52
N PHE D 210 -3.17 -13.18 -63.35
CA PHE D 210 -3.35 -14.20 -64.36
C PHE D 210 -4.23 -13.70 -65.50
N ASP D 211 -4.30 -12.38 -65.70
CA ASP D 211 -5.00 -11.80 -66.84
C ASP D 211 -4.03 -10.86 -67.55
N SER D 212 -3.41 -11.36 -68.61
CA SER D 212 -2.49 -10.60 -69.44
C SER D 212 -2.11 -11.43 -70.65
N TRP E 7 -22.23 48.33 7.50
CA TRP E 7 -22.37 46.93 7.88
C TRP E 7 -23.84 46.55 8.05
N LYS E 8 -24.21 45.37 7.52
CA LYS E 8 -25.56 44.87 7.70
C LYS E 8 -25.52 43.35 7.77
N PRO E 9 -26.34 42.73 8.64
CA PRO E 9 -26.31 41.26 8.76
C PRO E 9 -26.67 40.53 7.48
N GLU E 10 -27.62 41.06 6.70
CA GLU E 10 -28.01 40.34 5.48
C GLU E 10 -26.91 40.36 4.39
N ASP E 11 -25.73 40.89 4.72
CA ASP E 11 -24.61 40.97 3.78
C ASP E 11 -23.70 39.75 3.85
N ASN E 12 -23.57 39.13 5.03
CA ASN E 12 -22.86 37.86 5.13
C ASN E 12 -23.75 36.68 4.78
N ILE E 13 -25.05 36.91 4.60
CA ILE E 13 -26.01 35.88 4.27
C ILE E 13 -25.77 35.43 2.84
N PRO E 14 -25.50 34.14 2.60
CA PRO E 14 -25.40 33.65 1.22
C PRO E 14 -26.67 33.98 0.44
N ARG E 15 -26.51 34.16 -0.87
CA ARG E 15 -27.59 34.70 -1.69
C ARG E 15 -28.70 33.69 -1.96
N GLU E 16 -28.42 32.38 -1.87
CA GLU E 16 -29.49 31.40 -2.06
C GLU E 16 -30.50 31.49 -0.93
N ILE E 17 -30.04 31.72 0.30
CA ILE E 17 -30.94 31.95 1.42
C ILE E 17 -31.73 33.23 1.20
N LEU E 18 -31.12 34.24 0.56
CA LEU E 18 -31.85 35.47 0.26
C LEU E 18 -32.92 35.23 -0.80
N ALA E 19 -32.62 34.42 -1.81
CA ALA E 19 -33.63 34.01 -2.78
C ALA E 19 -34.79 33.33 -2.09
N ILE E 20 -34.49 32.40 -1.18
CA ILE E 20 -35.54 31.75 -0.40
C ILE E 20 -36.35 32.81 0.35
N LEU E 21 -35.67 33.77 0.98
CA LEU E 21 -36.35 34.83 1.73
C LEU E 21 -37.17 35.73 0.83
N SER E 22 -36.93 35.73 -0.49
CA SER E 22 -37.65 36.58 -1.41
C SER E 22 -38.85 35.90 -2.07
N LYS E 23 -38.95 34.58 -1.97
CA LYS E 23 -40.04 33.85 -2.61
C LYS E 23 -41.40 34.32 -2.08
N PRO E 24 -42.47 34.16 -2.87
CA PRO E 24 -43.80 34.48 -2.36
C PRO E 24 -44.28 33.46 -1.34
N HIS E 25 -44.41 33.88 -0.08
CA HIS E 25 -44.58 32.97 1.04
C HIS E 25 -43.43 31.97 1.08
N PRO E 26 -42.27 32.39 1.59
CA PRO E 26 -41.06 31.56 1.51
C PRO E 26 -41.23 30.22 2.22
N ASN E 27 -40.23 29.37 2.01
CA ASN E 27 -40.08 28.15 2.79
C ASN E 27 -39.11 28.44 3.94
N TYR E 28 -39.62 29.20 4.92
CA TYR E 28 -38.77 29.74 5.97
C TYR E 28 -38.04 28.63 6.73
N GLN E 29 -38.62 27.43 6.78
CA GLN E 29 -37.92 26.30 7.37
C GLN E 29 -36.73 25.87 6.52
N LEU E 30 -36.87 25.94 5.19
CA LEU E 30 -35.75 25.65 4.31
C LEU E 30 -34.63 26.68 4.50
N ALA E 31 -34.99 27.95 4.68
CA ALA E 31 -33.99 28.97 4.97
C ALA E 31 -33.32 28.70 6.31
N PHE E 32 -34.09 28.29 7.31
CA PHE E 32 -33.50 27.94 8.60
C PHE E 32 -32.50 26.81 8.46
N LEU E 33 -32.90 25.74 7.76
CA LEU E 33 -31.99 24.62 7.56
C LEU E 33 -30.76 25.04 6.77
N ASN E 34 -30.89 26.00 5.85
CA ASN E 34 -29.72 26.52 5.15
C ASN E 34 -28.76 27.19 6.13
N ILE E 35 -29.30 28.07 6.98
CA ILE E 35 -28.49 28.71 8.01
C ILE E 35 -27.77 27.67 8.84
N ILE E 36 -28.47 26.60 9.22
CA ILE E 36 -27.89 25.56 10.06
C ILE E 36 -26.77 24.84 9.31
N GLN E 37 -27.02 24.46 8.05
CA GLN E 37 -25.99 23.83 7.22
C GLN E 37 -24.74 24.70 7.13
N LEU E 38 -24.92 26.02 7.18
CA LEU E 38 -23.76 26.91 7.18
C LEU E 38 -22.81 26.59 8.33
N LEU E 39 -23.34 26.19 9.49
CA LEU E 39 -22.51 25.95 10.66
C LEU E 39 -21.63 24.71 10.54
N LYS E 40 -21.74 23.95 9.45
CA LYS E 40 -20.81 22.84 9.22
C LYS E 40 -19.38 23.34 9.01
N THR E 41 -19.18 24.66 8.99
CA THR E 41 -17.85 25.27 8.89
C THR E 41 -16.98 24.92 10.11
N GLN E 42 -15.77 25.46 10.16
CA GLN E 42 -14.82 25.16 11.22
C GLN E 42 -14.69 26.35 12.16
N ARG E 43 -14.73 26.08 13.46
CA ARG E 43 -14.65 27.14 14.47
C ARG E 43 -13.21 27.48 14.83
N SER E 57 -14.66 23.17 13.88
CA SER E 57 -15.93 22.58 13.48
C SER E 57 -17.03 22.86 14.50
N ILE E 58 -17.87 23.86 14.21
CA ILE E 58 -18.74 24.44 15.23
C ILE E 58 -19.81 23.45 15.67
N SER E 59 -20.55 22.88 14.71
CA SER E 59 -21.68 22.02 15.06
C SER E 59 -21.27 20.88 15.98
N ASP E 60 -20.13 20.26 15.70
CA ASP E 60 -19.58 19.26 16.59
C ASP E 60 -19.41 19.81 18.00
N HIS E 61 -18.83 21.02 18.10
CA HIS E 61 -18.57 21.61 19.41
C HIS E 61 -19.86 21.87 20.18
N TYR E 63 -22.87 20.52 19.73
CA TYR E 63 -23.47 19.25 20.11
C TYR E 63 -22.77 18.67 21.33
N ARG E 64 -21.44 18.73 21.34
CA ARG E 64 -20.68 18.20 22.47
C ARG E 64 -21.01 18.94 23.75
N GLY E 66 -23.81 20.58 24.39
CA GLY E 66 -25.18 20.25 24.75
C GLY E 66 -25.28 18.92 25.48
N LEU E 67 -24.61 17.90 24.96
CA LEU E 67 -24.61 16.61 25.63
C LEU E 67 -23.84 16.68 26.95
N THR E 68 -22.79 17.53 27.01
CA THR E 68 -22.00 17.65 28.23
C THR E 68 -22.84 18.21 29.36
N THR E 69 -23.70 19.18 29.07
CA THR E 69 -24.55 19.77 30.10
C THR E 69 -25.45 18.73 30.75
N LEU E 71 -24.53 16.00 32.04
CA LEU E 71 -23.84 15.46 33.21
C LEU E 71 -23.97 16.34 34.44
N ILE E 72 -24.58 17.52 34.30
CA ILE E 72 -24.67 18.47 35.41
C ILE E 72 -25.72 17.97 36.40
N THR E 73 -25.28 17.65 37.62
CA THR E 73 -26.16 17.18 38.67
C THR E 73 -26.65 18.30 39.59
N ASP E 74 -26.08 19.50 39.47
CA ASP E 74 -26.59 20.68 40.16
C ASP E 74 -28.11 20.77 40.00
N LYS E 75 -28.78 21.15 41.09
CA LYS E 75 -30.24 21.11 41.13
C LYS E 75 -30.90 22.47 41.06
N ASN E 76 -30.14 23.55 41.16
CA ASN E 76 -30.70 24.88 40.96
C ASN E 76 -30.82 25.25 39.48
N VAL E 77 -30.47 24.34 38.58
CA VAL E 77 -30.38 24.64 37.15
C VAL E 77 -31.55 24.00 36.41
N ASP E 78 -32.09 24.75 35.45
CA ASP E 78 -33.00 24.21 34.46
C ASP E 78 -32.18 23.43 33.44
N ARG E 79 -32.28 22.10 33.48
CA ARG E 79 -31.45 21.27 32.60
C ARG E 79 -31.76 21.53 31.14
N ASN E 80 -33.04 21.67 30.80
CA ASN E 80 -33.42 21.98 29.43
C ASN E 80 -32.87 23.33 29.00
N LYS E 81 -32.90 24.32 29.89
CA LYS E 81 -32.32 25.62 29.58
C LYS E 81 -30.82 25.49 29.30
N CYS E 82 -30.13 24.64 30.06
CA CYS E 82 -28.71 24.39 29.79
C CYS E 82 -28.51 23.82 28.39
N ILE E 83 -29.20 22.72 28.10
CA ILE E 83 -29.12 22.08 26.78
C ILE E 83 -29.37 23.10 25.68
N ARG E 84 -30.34 23.99 25.90
CA ARG E 84 -30.72 24.96 24.87
C ARG E 84 -29.71 26.10 24.72
N ILE E 85 -29.05 26.49 25.81
CA ILE E 85 -28.03 27.54 25.70
C ILE E 85 -26.79 27.01 25.01
N ALA E 86 -26.39 25.77 25.32
CA ALA E 86 -25.19 25.21 24.70
C ALA E 86 -25.33 25.14 23.19
N LEU E 87 -26.56 25.02 22.68
CA LEU E 87 -26.80 24.83 21.26
C LEU E 87 -26.95 26.12 20.48
N VAL E 88 -27.00 27.28 21.14
CA VAL E 88 -27.11 28.56 20.45
C VAL E 88 -26.00 29.52 20.79
N HIS E 89 -25.11 29.20 21.73
CA HIS E 89 -24.16 30.20 22.22
C HIS E 89 -23.17 30.63 21.16
N ASP E 90 -23.06 29.90 20.04
CA ASP E 90 -22.21 30.30 18.93
C ASP E 90 -23.01 30.44 17.64
N PHE E 91 -24.29 30.80 17.76
CA PHE E 91 -25.18 30.82 16.60
C PHE E 91 -24.69 31.81 15.53
N ALA E 92 -24.10 32.92 15.95
CA ALA E 92 -23.60 33.93 15.03
C ALA E 92 -22.11 33.78 14.75
N GLU E 93 -21.50 32.67 15.15
CA GLU E 93 -20.08 32.49 14.90
C GLU E 93 -19.80 32.17 13.43
N SER E 94 -20.76 31.52 12.76
CA SER E 94 -20.65 31.27 11.33
C SER E 94 -20.59 32.59 10.58
N LEU E 95 -21.68 33.35 10.62
CA LEU E 95 -21.80 34.58 9.84
C LEU E 95 -20.73 35.59 10.22
N VAL E 96 -20.76 36.08 11.46
CA VAL E 96 -19.81 37.09 11.91
C VAL E 96 -18.36 36.58 11.82
N LYS E 107 -12.38 44.05 19.95
CA LYS E 107 -13.18 45.27 19.96
C LYS E 107 -14.65 44.95 20.15
N GLU E 108 -15.42 45.96 20.55
CA GLU E 108 -16.85 45.77 20.78
C GLU E 108 -17.59 45.43 19.49
N GLU E 109 -17.05 45.84 18.35
CA GLU E 109 -17.75 45.64 17.10
C GLU E 109 -18.00 44.16 16.84
N LYS E 110 -17.03 43.31 17.13
CA LYS E 110 -17.20 41.89 16.89
C LYS E 110 -18.03 41.19 17.97
N HIS E 111 -18.63 41.97 18.88
CA HIS E 111 -19.70 41.51 19.77
C HIS E 111 -21.05 42.07 19.38
N ARG E 112 -21.10 43.37 19.07
CA ARG E 112 -22.31 43.98 18.51
C ARG E 112 -22.74 43.27 17.23
N ARG E 113 -21.77 42.81 16.43
CA ARG E 113 -22.10 42.08 15.22
C ARG E 113 -22.72 40.72 15.54
N GLU E 114 -22.17 40.00 16.52
CA GLU E 114 -22.80 38.77 17.00
C GLU E 114 -24.24 39.03 17.39
N PHE E 115 -24.46 40.08 18.20
CA PHE E 115 -25.80 40.37 18.70
C PHE E 115 -26.77 40.68 17.57
N GLU E 116 -26.38 41.59 16.67
CA GLU E 116 -27.30 42.00 15.62
C GLU E 116 -27.52 40.90 14.59
N THR E 117 -26.51 40.06 14.34
CA THR E 117 -26.72 38.90 13.49
C THR E 117 -27.73 37.95 14.10
N VAL E 118 -27.63 37.69 15.41
CA VAL E 118 -28.58 36.81 16.07
C VAL E 118 -29.99 37.40 16.01
N LYS E 119 -30.11 38.72 16.22
CA LYS E 119 -31.41 39.36 16.10
C LYS E 119 -31.98 39.24 14.70
N TYR E 120 -31.13 39.45 13.68
CA TYR E 120 -31.55 39.30 12.30
C TYR E 120 -32.08 37.89 12.03
N LEU E 121 -31.38 36.88 12.54
CA LEU E 121 -31.82 35.52 12.31
C LEU E 121 -33.10 35.21 13.07
N CYS E 122 -33.27 35.80 14.26
CA CYS E 122 -34.48 35.55 15.03
C CYS E 122 -35.70 36.13 14.34
N GLU E 123 -35.64 37.39 13.93
CA GLU E 123 -36.83 38.03 13.38
C GLU E 123 -37.04 37.70 11.91
N SER E 124 -35.97 37.46 11.14
CA SER E 124 -36.11 37.16 9.73
C SER E 124 -36.55 35.72 9.48
N ILE E 125 -36.16 34.80 10.36
CA ILE E 125 -36.30 33.37 10.05
C ILE E 125 -37.02 32.62 11.16
N ILE E 126 -36.59 32.78 12.40
CA ILE E 126 -37.23 32.05 13.50
C ILE E 126 -38.58 32.66 13.83
N ARG E 127 -38.66 33.99 13.91
CA ARG E 127 -39.94 34.67 14.13
C ARG E 127 -41.03 34.19 13.19
N PRO E 128 -40.81 34.07 11.87
CA PRO E 128 -41.86 33.48 11.02
C PRO E 128 -42.07 31.99 11.27
N CYS E 129 -41.02 31.26 11.68
CA CYS E 129 -41.19 29.83 11.94
C CYS E 129 -41.87 29.59 13.29
N SER E 130 -41.43 30.29 14.33
CA SER E 130 -42.00 30.13 15.66
C SER E 130 -41.65 31.35 16.51
N GLU E 131 -42.67 32.00 17.06
CA GLU E 131 -42.45 33.17 17.90
C GLU E 131 -41.75 32.78 19.20
N SER E 132 -42.28 31.76 19.89
CA SER E 132 -41.68 31.30 21.13
C SER E 132 -40.24 30.84 20.90
N ALA E 133 -39.99 30.12 19.81
CA ALA E 133 -38.64 29.66 19.51
C ALA E 133 -37.71 30.83 19.23
N SER E 134 -38.17 31.79 18.42
CA SER E 134 -37.38 32.99 18.15
C SER E 134 -36.97 33.67 19.45
N ARG E 135 -37.96 33.94 20.31
CA ARG E 135 -37.69 34.67 21.54
C ARG E 135 -36.78 33.88 22.47
N GLU E 136 -37.02 32.58 22.63
CA GLU E 136 -36.21 31.81 23.57
C GLU E 136 -34.81 31.56 23.05
N ILE E 137 -34.63 31.47 21.73
CA ILE E 137 -33.29 31.38 21.16
C ILE E 137 -32.52 32.67 21.44
N LEU E 138 -33.17 33.81 21.19
CA LEU E 138 -32.55 35.09 21.52
C LEU E 138 -32.15 35.13 22.99
N ASP E 139 -33.06 34.70 23.87
CA ASP E 139 -32.78 34.80 25.31
C ASP E 139 -31.70 33.82 25.75
N ASP E 140 -31.58 32.66 25.10
CA ASP E 140 -30.51 31.72 25.46
C ASP E 140 -29.15 32.25 25.02
N TRP E 141 -29.03 32.69 23.76
CA TRP E 141 -27.78 33.29 23.35
C TRP E 141 -27.43 34.49 24.22
N LEU E 142 -28.44 35.24 24.67
CA LEU E 142 -28.17 36.40 25.51
C LEU E 142 -27.78 36.00 26.93
N ALA E 143 -28.31 34.88 27.42
CA ALA E 143 -27.87 34.37 28.70
C ALA E 143 -26.40 33.95 28.66
N TYR E 144 -25.95 33.43 27.52
CA TYR E 144 -24.53 33.08 27.43
C TYR E 144 -23.66 34.34 27.27
N GLU E 145 -23.93 35.14 26.22
CA GLU E 145 -23.02 36.24 25.90
C GLU E 145 -23.02 37.32 26.98
N LYS E 146 -24.15 37.51 27.67
CA LYS E 146 -24.24 38.51 28.74
C LYS E 146 -24.01 37.90 30.12
N GLN E 147 -23.89 36.58 30.22
CA GLN E 147 -23.67 35.88 31.49
C GLN E 147 -24.69 36.34 32.54
N THR E 148 -25.96 36.16 32.21
CA THR E 148 -27.04 36.63 33.08
C THR E 148 -27.29 35.65 34.22
N CYS E 149 -27.85 34.48 33.90
CA CYS E 149 -28.22 33.51 34.92
C CYS E 149 -27.05 32.54 35.15
N LEU E 150 -27.32 31.47 35.90
CA LEU E 150 -26.28 30.51 36.26
C LEU E 150 -26.05 29.49 35.15
N GLU E 151 -27.12 29.09 34.47
CA GLU E 151 -27.03 28.05 33.45
C GLU E 151 -26.09 28.44 32.31
N GLY E 152 -25.85 29.73 32.10
CA GLY E 152 -24.85 30.15 31.12
C GLY E 152 -23.44 30.16 31.68
N ARG E 153 -23.29 30.41 32.97
CA ARG E 153 -21.97 30.29 33.60
C ARG E 153 -21.49 28.84 33.54
N TYR E 154 -22.40 27.89 33.74
CA TYR E 154 -22.05 26.49 33.53
C TYR E 154 -21.53 26.26 32.11
N VAL E 155 -22.17 26.85 31.11
CA VAL E 155 -21.80 26.58 29.72
C VAL E 155 -20.46 27.22 29.37
N LYS E 156 -20.19 28.41 29.92
CA LYS E 156 -18.86 28.98 29.76
C LYS E 156 -17.80 28.07 30.36
N ASP E 157 -18.03 27.63 31.61
CA ASP E 157 -17.15 26.66 32.24
C ASP E 157 -16.95 25.43 31.37
N ILE E 158 -17.97 25.03 30.63
CA ILE E 158 -17.89 23.78 29.86
C ILE E 158 -17.16 23.97 28.55
N ASP E 159 -17.39 25.06 27.81
CA ASP E 159 -16.54 25.35 26.64
C ASP E 159 -15.07 25.34 27.08
N LYS E 160 -14.78 25.95 28.24
CA LYS E 160 -13.40 25.98 28.73
C LYS E 160 -12.89 24.59 29.10
N TYR E 161 -13.69 23.82 29.85
CA TYR E 161 -13.25 22.50 30.31
C TYR E 161 -13.02 21.56 29.12
N GLU E 162 -13.84 21.67 28.08
CA GLU E 162 -13.60 20.87 26.89
C GLU E 162 -12.32 21.30 26.19
N LEU E 164 -9.78 22.27 27.79
CA LEU E 164 -8.77 21.64 28.65
C LEU E 164 -8.58 20.18 28.28
N VAL E 165 -9.67 19.45 28.04
CA VAL E 165 -9.55 18.07 27.60
C VAL E 165 -8.82 18.00 26.26
N GLN E 166 -9.19 18.89 25.35
CA GLN E 166 -8.50 19.04 24.07
C GLN E 166 -6.99 19.09 24.27
N CYS E 167 -6.53 19.95 25.17
CA CYS E 167 -5.10 20.10 25.41
C CYS E 167 -4.50 18.86 26.05
N PHE E 168 -5.19 18.28 27.03
CA PHE E 168 -4.69 17.08 27.71
C PHE E 168 -4.43 15.97 26.70
N GLU E 169 -5.38 15.74 25.80
CA GLU E 169 -5.17 14.74 24.76
C GLU E 169 -4.07 15.17 23.79
N TYR E 170 -4.05 16.46 23.40
CA TYR E 170 -2.96 16.98 22.57
C TYR E 170 -1.61 16.63 23.18
N GLU E 171 -1.53 16.57 24.51
CA GLU E 171 -0.29 16.20 25.18
C GLU E 171 -0.05 14.70 25.17
N GLN E 172 -1.07 13.90 25.49
CA GLN E 172 -0.94 12.45 25.48
C GLN E 172 -0.58 11.89 24.12
N LYS E 173 -0.57 12.74 23.09
CA LYS E 173 -0.32 12.28 21.73
C LYS E 173 1.04 12.71 21.19
N TYR E 174 1.70 13.67 21.83
CA TYR E 174 3.09 14.00 21.50
C TYR E 174 4.05 13.01 22.17
N GLN E 182 -1.37 29.27 28.86
CA GLN E 182 -1.27 28.16 27.92
C GLN E 182 -2.07 26.95 28.43
N PHE E 183 -1.37 25.96 28.97
CA PHE E 183 -2.03 24.85 29.65
C PHE E 183 -2.31 25.14 31.12
N LEU E 184 -1.89 26.30 31.61
CA LEU E 184 -1.88 26.59 33.04
C LEU E 184 -3.00 27.55 33.43
N GLY E 185 -2.84 28.24 34.54
CA GLY E 185 -3.89 29.13 35.05
C GLY E 185 -5.22 28.42 35.18
N ALA E 186 -5.20 27.15 35.57
CA ALA E 186 -6.26 26.22 35.24
C ALA E 186 -7.47 26.28 36.18
N ILE E 187 -7.41 26.99 37.30
CA ILE E 187 -8.39 26.84 38.36
C ILE E 187 -9.23 28.10 38.56
N ASN E 188 -8.64 29.29 38.46
CA ASN E 188 -9.42 30.50 38.65
C ASN E 188 -10.39 30.74 37.49
N ASP E 189 -10.17 30.08 36.36
CA ASP E 189 -11.02 30.29 35.19
C ASP E 189 -12.42 29.73 35.42
N ILE E 190 -12.50 28.51 35.97
CA ILE E 190 -13.81 27.92 36.26
C ILE E 190 -14.47 28.69 37.40
N LYS E 191 -15.80 28.80 37.33
CA LYS E 191 -16.55 29.60 38.28
C LYS E 191 -17.56 28.81 39.10
N THR E 192 -18.02 27.65 38.62
CA THR E 192 -18.96 26.81 39.35
C THR E 192 -18.20 25.74 40.12
N ASP E 193 -18.78 25.33 41.26
CA ASP E 193 -18.12 24.31 42.09
C ASP E 193 -18.03 22.99 41.35
N GLU E 194 -19.09 22.59 40.65
CA GLU E 194 -19.14 21.26 40.04
C GLU E 194 -18.15 21.15 38.88
N VAL E 195 -18.13 22.14 37.99
CA VAL E 195 -17.15 22.09 36.92
C VAL E 195 -15.75 22.27 37.47
N LYS E 196 -15.62 23.01 38.58
CA LYS E 196 -14.34 23.05 39.29
C LYS E 196 -13.87 21.65 39.68
N LYS E 197 -14.78 20.83 40.20
CA LYS E 197 -14.39 19.50 40.64
C LYS E 197 -14.23 18.52 39.48
N TRP E 198 -14.79 18.84 38.30
CA TRP E 198 -14.43 18.09 37.09
C TRP E 198 -13.02 18.43 36.64
N THR E 199 -12.70 19.73 36.63
CA THR E 199 -11.39 20.19 36.17
C THR E 199 -10.28 19.74 37.11
N GLN E 200 -10.55 19.70 38.41
CA GLN E 200 -9.56 19.22 39.38
C GLN E 200 -9.18 17.76 39.09
N SER E 201 -10.18 16.92 38.86
CA SER E 201 -9.92 15.54 38.50
C SER E 201 -9.15 15.45 37.19
N LEU E 202 -9.46 16.33 36.24
CA LEU E 202 -8.69 16.31 34.99
C LEU E 202 -7.23 16.67 35.23
N LEU E 203 -6.96 17.66 36.07
CA LEU E 203 -5.59 18.03 36.37
C LEU E 203 -4.84 16.88 37.01
N GLU E 204 -5.51 16.15 37.91
CA GLU E 204 -4.86 14.99 38.51
C GLU E 204 -4.65 13.87 37.49
N ASP E 205 -5.57 13.70 36.54
CA ASP E 205 -5.34 12.74 35.46
C ASP E 205 -4.12 13.13 34.62
N ARG E 206 -3.97 14.43 34.35
CA ARG E 206 -2.80 14.90 33.63
C ARG E 206 -1.52 14.57 34.37
N GLN E 207 -1.47 14.90 35.67
CA GLN E 207 -0.28 14.60 36.46
C GLN E 207 -0.02 13.11 36.53
N ALA E 208 -1.08 12.31 36.60
CA ALA E 208 -0.91 10.85 36.53
C ALA E 208 -0.30 10.43 35.20
N PHE E 209 -0.62 11.14 34.12
CA PHE E 209 -0.02 10.81 32.84
C PHE E 209 1.44 11.24 32.77
N PHE E 210 1.81 12.32 33.46
CA PHE E 210 3.19 12.80 33.44
C PHE E 210 4.18 11.82 34.04
N ASP E 211 3.72 10.65 34.50
CA ASP E 211 4.58 9.56 34.96
C ASP E 211 4.25 8.34 34.10
N SER E 212 5.15 7.96 33.19
CA SER E 212 6.48 8.57 33.04
C SER E 212 6.47 9.93 32.34
N LYS F 8 -20.67 -9.46 24.72
CA LYS F 8 -20.20 -8.39 25.55
C LYS F 8 -20.34 -7.11 24.83
N PRO F 9 -20.91 -6.11 25.40
CA PRO F 9 -21.08 -4.80 24.81
C PRO F 9 -19.88 -3.97 25.14
N GLU F 10 -19.23 -4.34 26.24
CA GLU F 10 -18.01 -3.71 26.70
C GLU F 10 -16.89 -3.90 25.73
N ASP F 11 -17.22 -4.44 24.60
CA ASP F 11 -16.29 -4.73 23.54
C ASP F 11 -15.96 -3.68 22.50
N ASN F 12 -16.95 -3.22 21.77
CA ASN F 12 -16.78 -2.29 20.67
C ASN F 12 -16.41 -0.88 21.10
N ILE F 13 -15.93 -0.73 22.32
CA ILE F 13 -15.48 0.56 22.84
C ILE F 13 -13.96 0.61 22.73
N PRO F 14 -13.37 1.69 22.21
CA PRO F 14 -11.91 1.76 22.07
C PRO F 14 -11.18 1.49 23.38
N ARG F 15 -9.94 1.01 23.26
CA ARG F 15 -9.18 0.59 24.43
C ARG F 15 -8.84 1.77 25.34
N GLU F 16 -8.70 2.98 24.78
CA GLU F 16 -8.40 4.13 25.62
C GLU F 16 -9.56 4.44 26.55
N ILE F 17 -10.79 4.34 26.05
CA ILE F 17 -11.96 4.61 26.87
C ILE F 17 -12.23 3.45 27.82
N LEU F 18 -11.86 2.23 27.44
CA LEU F 18 -11.85 1.15 28.42
C LEU F 18 -10.84 1.44 29.54
N ALA F 19 -9.70 2.02 29.18
CA ALA F 19 -8.65 2.30 30.14
C ALA F 19 -9.10 3.35 31.15
N ILE F 20 -9.67 4.45 30.65
CA ILE F 20 -10.19 5.50 31.53
C ILE F 20 -11.12 4.90 32.59
N LEU F 21 -11.93 3.93 32.18
CA LEU F 21 -12.89 3.28 33.07
C LEU F 21 -12.29 2.11 33.85
N SER F 22 -11.03 1.75 33.58
CA SER F 22 -10.40 0.62 34.25
C SER F 22 -9.32 1.02 35.24
N LYS F 23 -8.97 2.30 35.31
CA LYS F 23 -7.86 2.78 36.12
C LYS F 23 -8.34 3.17 37.51
N PRO F 24 -7.42 3.37 38.45
CA PRO F 24 -7.82 3.98 39.73
C PRO F 24 -8.41 5.36 39.50
N HIS F 25 -9.53 5.62 40.19
CA HIS F 25 -10.30 6.85 40.05
C HIS F 25 -10.76 7.04 38.60
N PRO F 26 -11.67 6.20 38.10
CA PRO F 26 -12.14 6.36 36.72
C PRO F 26 -12.84 7.70 36.52
N ASN F 27 -12.34 8.46 35.54
CA ASN F 27 -12.91 9.76 35.17
C ASN F 27 -13.99 9.51 34.12
N TYR F 28 -15.22 9.28 34.59
CA TYR F 28 -16.31 8.99 33.68
C TYR F 28 -16.67 10.20 32.82
N GLN F 29 -16.38 11.41 33.31
CA GLN F 29 -16.59 12.61 32.52
C GLN F 29 -15.76 12.58 31.24
N LEU F 30 -14.48 12.20 31.35
CA LEU F 30 -13.62 12.14 30.18
C LEU F 30 -14.04 11.04 29.22
N ALA F 31 -14.38 9.87 29.77
CA ALA F 31 -14.87 8.78 28.93
C ALA F 31 -16.10 9.22 28.16
N PHE F 32 -17.00 9.96 28.80
CA PHE F 32 -18.19 10.45 28.12
C PHE F 32 -17.82 11.44 27.02
N LEU F 33 -16.92 12.37 27.31
CA LEU F 33 -16.47 13.31 26.29
C LEU F 33 -15.93 12.58 25.07
N ASN F 34 -15.21 11.49 25.29
CA ASN F 34 -14.67 10.74 24.16
C ASN F 34 -15.76 9.95 23.44
N ILE F 35 -16.77 9.49 24.18
CA ILE F 35 -17.95 8.91 23.53
C ILE F 35 -18.60 9.92 22.60
N ILE F 36 -18.60 11.19 22.99
CA ILE F 36 -19.19 12.24 22.14
C ILE F 36 -18.31 12.50 20.93
N GLN F 37 -17.00 12.66 21.16
CA GLN F 37 -16.06 12.86 20.05
C GLN F 37 -16.10 11.70 19.07
N LEU F 38 -16.55 10.52 19.51
CA LEU F 38 -16.72 9.39 18.60
C LEU F 38 -17.91 9.57 17.66
N LEU F 39 -18.81 10.51 17.95
CA LEU F 39 -19.88 10.80 17.00
C LEU F 39 -19.42 11.72 15.88
N LYS F 40 -18.19 12.22 15.95
CA LYS F 40 -17.53 12.92 14.87
C LYS F 40 -17.11 11.90 13.83
N THR F 41 -18.03 11.02 13.47
CA THR F 41 -17.87 10.00 12.46
C THR F 41 -18.97 10.20 11.44
N GLN F 42 -18.72 9.82 10.20
CA GLN F 42 -19.70 10.06 9.16
C GLN F 42 -20.90 9.12 9.33
N ARG F 43 -22.01 9.50 8.70
CA ARG F 43 -23.22 8.70 8.75
C ARG F 43 -23.11 7.47 7.87
N SER F 57 -21.31 14.72 9.52
CA SER F 57 -21.07 13.80 10.63
C SER F 57 -22.37 13.54 11.39
N ILE F 58 -22.35 12.58 12.31
CA ILE F 58 -23.53 12.32 13.11
C ILE F 58 -23.78 13.48 14.08
N SER F 59 -22.71 14.07 14.61
CA SER F 59 -22.86 15.29 15.38
C SER F 59 -23.61 16.35 14.60
N ASP F 60 -23.25 16.54 13.33
CA ASP F 60 -23.96 17.46 12.46
C ASP F 60 -25.45 17.12 12.40
N HIS F 61 -25.76 15.89 11.99
CA HIS F 61 -27.15 15.45 11.81
C HIS F 61 -27.97 15.71 13.08
N TYR F 63 -27.33 17.66 15.83
CA TYR F 63 -27.50 19.07 16.15
C TYR F 63 -28.57 19.70 15.27
N ARG F 64 -28.52 19.41 13.96
CA ARG F 64 -29.50 19.96 13.04
C ARG F 64 -30.90 19.51 13.40
N GLY F 66 -32.05 18.66 16.45
CA GLY F 66 -32.51 19.38 17.64
C GLY F 66 -32.94 20.80 17.32
N LEU F 67 -32.11 21.51 16.55
CA LEU F 67 -32.43 22.88 16.20
C LEU F 67 -33.67 22.96 15.33
N THR F 68 -33.96 21.91 14.55
CA THR F 68 -35.19 21.89 13.75
C THR F 68 -36.40 21.60 14.63
N THR F 69 -36.26 20.68 15.59
CA THR F 69 -37.33 20.43 16.55
C THR F 69 -37.73 21.73 17.25
N LEU F 71 -38.40 24.34 16.14
CA LEU F 71 -39.34 25.10 15.33
C LEU F 71 -40.76 24.56 15.38
N ILE F 72 -40.97 23.37 15.94
CA ILE F 72 -42.31 22.80 16.03
C ILE F 72 -43.21 23.75 16.81
N THR F 73 -44.38 24.05 16.23
CA THR F 73 -45.34 24.94 16.88
C THR F 73 -46.57 24.21 17.40
N ASP F 74 -46.64 22.88 17.24
CA ASP F 74 -47.76 22.13 17.80
C ASP F 74 -47.82 22.34 19.31
N LYS F 75 -48.99 22.77 19.78
CA LYS F 75 -49.12 23.26 21.15
C LYS F 75 -49.15 22.14 22.20
N ASN F 76 -49.10 20.87 21.81
CA ASN F 76 -49.08 19.77 22.76
C ASN F 76 -47.91 18.83 22.47
N VAL F 77 -46.70 19.39 22.39
CA VAL F 77 -45.48 18.62 22.26
C VAL F 77 -44.47 19.15 23.27
N ASP F 78 -43.92 18.26 24.08
CA ASP F 78 -42.86 18.65 25.01
C ASP F 78 -41.58 18.88 24.23
N ARG F 79 -41.34 20.13 23.85
CA ARG F 79 -40.23 20.45 22.95
C ARG F 79 -38.88 20.13 23.60
N ASN F 80 -38.80 20.21 24.94
CA ASN F 80 -37.60 19.75 25.63
C ASN F 80 -37.31 18.28 25.30
N LYS F 81 -38.33 17.44 25.41
CA LYS F 81 -38.16 16.03 25.11
C LYS F 81 -37.88 15.80 23.63
N CYS F 82 -38.47 16.61 22.75
CA CYS F 82 -38.19 16.50 21.33
C CYS F 82 -36.72 16.76 21.05
N ILE F 83 -36.17 17.82 21.64
CA ILE F 83 -34.77 18.15 21.38
C ILE F 83 -33.85 17.14 22.04
N ARG F 84 -34.24 16.57 23.18
CA ARG F 84 -33.44 15.51 23.78
C ARG F 84 -33.39 14.28 22.88
N ILE F 85 -34.55 13.84 22.39
CA ILE F 85 -34.57 12.70 21.46
C ILE F 85 -33.74 13.01 20.23
N ALA F 86 -33.78 14.25 19.76
CA ALA F 86 -32.94 14.63 18.64
C ALA F 86 -31.46 14.49 18.97
N LEU F 87 -31.06 14.91 20.16
CA LEU F 87 -29.66 14.84 20.54
C LEU F 87 -29.19 13.42 20.81
N VAL F 88 -30.11 12.47 21.02
CA VAL F 88 -29.73 11.06 21.10
C VAL F 88 -30.41 10.24 20.00
N HIS F 89 -30.90 10.90 18.96
CA HIS F 89 -31.53 10.31 17.77
C HIS F 89 -30.88 9.20 16.95
N ASP F 90 -29.76 9.48 16.30
CA ASP F 90 -28.89 8.47 15.70
C ASP F 90 -27.61 8.32 16.53
N PHE F 91 -27.83 7.96 17.80
CA PHE F 91 -26.81 8.03 18.85
C PHE F 91 -25.89 6.82 18.88
N ALA F 92 -26.38 5.64 18.55
CA ALA F 92 -25.56 4.44 18.51
C ALA F 92 -25.00 4.17 17.12
N GLU F 93 -25.22 5.04 16.17
CA GLU F 93 -24.73 4.86 14.82
C GLU F 93 -23.26 4.65 14.78
N SER F 94 -22.59 5.34 15.67
CA SER F 94 -21.17 5.31 15.79
C SER F 94 -20.59 4.15 16.58
N LEU F 95 -21.32 3.06 16.71
CA LEU F 95 -20.81 1.96 17.45
C LEU F 95 -21.27 0.64 16.96
N VAL F 96 -22.25 0.67 16.11
CA VAL F 96 -22.78 -0.58 15.58
C VAL F 96 -22.70 -0.59 14.05
N LYS F 107 -30.39 -4.76 11.12
CA LYS F 107 -31.26 -5.92 11.30
C LYS F 107 -31.81 -5.98 12.71
N GLU F 108 -32.56 -7.04 13.01
CA GLU F 108 -32.94 -7.32 14.39
C GLU F 108 -31.71 -7.45 15.27
N GLU F 109 -30.60 -7.94 14.70
CA GLU F 109 -29.35 -8.02 15.47
C GLU F 109 -28.75 -6.64 15.67
N LYS F 110 -28.80 -5.78 14.65
CA LYS F 110 -28.51 -4.37 14.87
C LYS F 110 -29.68 -3.63 15.49
N HIS F 111 -30.80 -4.34 15.75
CA HIS F 111 -31.84 -3.85 16.64
C HIS F 111 -31.78 -4.53 18.00
N ARG F 112 -30.99 -5.59 18.15
CA ARG F 112 -30.69 -6.17 19.45
C ARG F 112 -29.47 -5.54 20.09
N ARG F 113 -28.49 -5.13 19.28
CA ARG F 113 -27.24 -4.60 19.79
C ARG F 113 -27.16 -3.09 19.75
N GLU F 114 -28.18 -2.42 19.19
CA GLU F 114 -28.27 -0.97 19.36
C GLU F 114 -28.79 -0.59 20.74
N PHE F 115 -29.44 -1.51 21.43
CA PHE F 115 -29.97 -1.28 22.77
C PHE F 115 -28.95 -1.62 23.85
N GLU F 116 -28.22 -2.74 23.70
CA GLU F 116 -27.22 -3.10 24.68
C GLU F 116 -26.04 -2.12 24.66
N THR F 117 -25.67 -1.62 23.49
CA THR F 117 -24.72 -0.52 23.42
C THR F 117 -25.15 0.62 24.35
N VAL F 118 -26.25 1.29 24.01
CA VAL F 118 -26.73 2.43 24.77
C VAL F 118 -26.87 2.08 26.25
N LYS F 119 -27.31 0.86 26.55
CA LYS F 119 -27.46 0.46 27.95
C LYS F 119 -26.11 0.42 28.66
N TYR F 120 -25.08 -0.11 28.00
CA TYR F 120 -23.75 -0.10 28.58
C TYR F 120 -23.23 1.33 28.75
N LEU F 121 -23.53 2.20 27.78
CA LEU F 121 -23.14 3.60 27.91
C LEU F 121 -23.75 4.20 29.17
N CYS F 122 -25.06 4.00 29.37
CA CYS F 122 -25.74 4.60 30.50
C CYS F 122 -25.27 3.99 31.82
N GLU F 123 -25.01 2.68 31.83
CA GLU F 123 -24.61 2.01 33.06
C GLU F 123 -23.19 2.37 33.44
N SER F 124 -22.24 2.16 32.53
CA SER F 124 -20.82 2.11 32.87
C SER F 124 -20.10 3.42 32.70
N ILE F 125 -20.62 4.33 31.88
CA ILE F 125 -20.02 5.64 31.69
C ILE F 125 -20.84 6.75 32.34
N ILE F 126 -22.16 6.68 32.21
CA ILE F 126 -23.03 7.80 32.53
C ILE F 126 -23.64 7.68 33.92
N ARG F 127 -24.06 6.49 34.34
CA ARG F 127 -24.61 6.35 35.68
C ARG F 127 -23.64 6.82 36.76
N PRO F 128 -22.33 6.58 36.69
CA PRO F 128 -21.41 7.26 37.61
C PRO F 128 -21.33 8.77 37.41
N CYS F 129 -21.84 9.30 36.30
CA CYS F 129 -21.87 10.74 36.08
C CYS F 129 -23.17 11.35 36.58
N SER F 130 -24.29 10.68 36.35
CA SER F 130 -25.60 11.13 36.82
C SER F 130 -26.62 10.02 36.67
N GLU F 131 -27.20 9.58 37.79
CA GLU F 131 -28.33 8.66 37.70
C GLU F 131 -29.46 9.27 36.87
N SER F 132 -29.71 10.57 37.06
CA SER F 132 -30.74 11.26 36.29
C SER F 132 -30.46 11.17 34.79
N ALA F 133 -29.25 11.54 34.37
CA ALA F 133 -28.93 11.53 32.95
C ALA F 133 -28.89 10.11 32.39
N SER F 134 -28.42 9.13 33.18
CA SER F 134 -28.38 7.77 32.70
C SER F 134 -29.78 7.19 32.53
N ARG F 135 -30.73 7.63 33.35
CA ARG F 135 -32.13 7.32 33.10
C ARG F 135 -32.58 7.99 31.79
N GLU F 136 -32.41 9.30 31.72
CA GLU F 136 -33.02 10.10 30.67
C GLU F 136 -32.53 9.69 29.29
N ILE F 137 -31.24 9.42 29.14
CA ILE F 137 -30.68 9.19 27.81
C ILE F 137 -31.18 7.86 27.25
N LEU F 138 -31.18 6.80 28.05
CA LEU F 138 -31.79 5.55 27.60
C LEU F 138 -33.27 5.75 27.29
N ASP F 139 -33.98 6.48 28.17
CA ASP F 139 -35.39 6.78 27.93
C ASP F 139 -35.60 7.36 26.54
N ASP F 140 -34.85 8.40 26.22
CA ASP F 140 -35.05 9.14 24.96
C ASP F 140 -34.65 8.29 23.77
N TRP F 141 -33.53 7.56 23.87
CA TRP F 141 -33.14 6.69 22.76
C TRP F 141 -34.22 5.65 22.50
N LEU F 142 -34.88 5.15 23.55
CA LEU F 142 -35.96 4.20 23.33
C LEU F 142 -37.20 4.88 22.76
N ALA F 143 -37.46 6.12 23.15
CA ALA F 143 -38.55 6.86 22.54
C ALA F 143 -38.36 6.99 21.04
N TYR F 144 -37.11 7.13 20.59
CA TYR F 144 -36.88 7.16 19.16
C TYR F 144 -36.95 5.76 18.53
N GLU F 145 -36.04 4.86 18.94
CA GLU F 145 -35.90 3.58 18.26
C GLU F 145 -37.17 2.74 18.33
N LYS F 146 -38.04 2.97 19.31
CA LYS F 146 -39.27 2.21 19.43
C LYS F 146 -40.49 2.98 18.93
N GLN F 147 -40.36 4.28 18.66
CA GLN F 147 -41.43 5.10 18.09
C GLN F 147 -42.71 5.01 18.92
N THR F 148 -42.75 5.74 20.03
CA THR F 148 -43.79 5.56 21.04
C THR F 148 -44.58 6.84 21.29
N CYS F 149 -43.92 7.91 21.68
CA CYS F 149 -44.61 9.18 21.93
C CYS F 149 -44.67 10.01 20.65
N LEU F 150 -45.40 11.12 20.73
CA LEU F 150 -45.51 12.03 19.59
C LEU F 150 -44.20 12.76 19.33
N GLU F 151 -43.40 13.00 20.37
CA GLU F 151 -42.12 13.66 20.19
C GLU F 151 -41.22 12.87 19.27
N GLY F 152 -41.15 11.55 19.48
CA GLY F 152 -40.36 10.71 18.59
C GLY F 152 -40.89 10.70 17.17
N ARG F 153 -42.22 10.76 17.02
CA ARG F 153 -42.83 10.82 15.69
C ARG F 153 -42.41 12.08 14.96
N TYR F 154 -42.50 13.23 15.64
CA TYR F 154 -42.04 14.48 15.06
C TYR F 154 -40.57 14.41 14.69
N VAL F 155 -39.75 13.80 15.53
CA VAL F 155 -38.31 13.75 15.25
C VAL F 155 -38.01 12.87 14.03
N LYS F 156 -38.73 11.76 13.90
CA LYS F 156 -38.52 10.91 12.72
C LYS F 156 -39.00 11.61 11.45
N ASP F 157 -40.14 12.30 11.54
CA ASP F 157 -40.61 13.09 10.42
C ASP F 157 -39.58 14.15 10.02
N ILE F 158 -38.93 14.76 11.01
CA ILE F 158 -37.93 15.77 10.71
C ILE F 158 -36.66 15.16 10.14
N ASP F 159 -36.30 13.94 10.56
CA ASP F 159 -35.22 13.21 9.92
C ASP F 159 -35.49 13.04 8.43
N LYS F 160 -36.65 12.46 8.09
CA LYS F 160 -37.05 12.29 6.71
C LYS F 160 -37.04 13.63 5.96
N TYR F 161 -37.64 14.65 6.57
CA TYR F 161 -37.79 15.94 5.91
C TYR F 161 -36.44 16.59 5.63
N GLU F 162 -35.55 16.60 6.62
CA GLU F 162 -34.25 17.23 6.40
C GLU F 162 -33.41 16.43 5.41
N LEU F 164 -34.77 15.14 2.85
CA LEU F 164 -35.32 15.74 1.63
C LEU F 164 -34.76 17.13 1.37
N VAL F 165 -34.47 17.88 2.44
CA VAL F 165 -33.97 19.25 2.26
C VAL F 165 -32.56 19.23 1.69
N GLN F 166 -31.68 18.42 2.29
CA GLN F 166 -30.35 18.25 1.71
C GLN F 166 -30.43 17.72 0.30
N CYS F 167 -31.42 16.88 0.01
CA CYS F 167 -31.56 16.32 -1.33
C CYS F 167 -32.01 17.37 -2.35
N PHE F 168 -32.92 18.26 -1.96
CA PHE F 168 -33.34 19.31 -2.89
C PHE F 168 -32.26 20.38 -3.05
N GLU F 169 -31.50 20.67 -1.98
CA GLU F 169 -30.36 21.56 -2.11
C GLU F 169 -29.29 20.95 -3.00
N TYR F 170 -29.20 19.61 -3.02
CA TYR F 170 -28.33 18.93 -3.97
C TYR F 170 -28.90 19.03 -5.39
N GLU F 171 -30.22 18.88 -5.53
CA GLU F 171 -30.87 18.98 -6.83
C GLU F 171 -30.62 20.34 -7.47
N GLN F 172 -30.79 21.41 -6.70
CA GLN F 172 -30.68 22.76 -7.24
C GLN F 172 -29.24 23.14 -7.59
N LYS F 173 -28.27 22.27 -7.35
CA LYS F 173 -26.92 22.45 -7.86
C LYS F 173 -26.82 22.12 -9.35
N TYR F 174 -27.93 21.72 -9.98
CA TYR F 174 -27.91 21.26 -11.36
C TYR F 174 -28.96 22.00 -12.19
N GLN F 182 -36.76 8.56 -4.55
CA GLN F 182 -36.09 9.59 -3.76
C GLN F 182 -37.08 10.58 -3.19
N PHE F 183 -37.63 11.43 -4.01
CA PHE F 183 -38.63 12.41 -3.64
C PHE F 183 -40.01 11.90 -4.05
N LEU F 184 -39.95 11.06 -5.06
CA LEU F 184 -41.01 10.34 -5.70
C LEU F 184 -41.76 9.79 -4.53
N GLY F 185 -42.93 10.35 -4.29
CA GLY F 185 -43.79 9.93 -3.20
C GLY F 185 -43.26 9.96 -1.79
N ALA F 186 -42.12 10.61 -1.62
CA ALA F 186 -41.46 10.71 -0.35
C ALA F 186 -42.33 11.43 0.64
N ILE F 187 -43.27 12.24 0.19
CA ILE F 187 -44.14 12.88 1.16
C ILE F 187 -45.03 11.83 1.84
N ASN F 188 -45.29 10.71 1.15
CA ASN F 188 -46.19 9.70 1.67
C ASN F 188 -45.69 9.10 2.98
N ASP F 189 -44.38 8.97 3.12
CA ASP F 189 -43.79 8.34 4.30
C ASP F 189 -43.88 9.20 5.55
N ILE F 190 -44.31 10.46 5.43
CA ILE F 190 -44.42 11.36 6.57
C ILE F 190 -45.71 11.05 7.32
N LYS F 191 -45.71 11.36 8.63
CA LYS F 191 -46.84 11.04 9.50
C LYS F 191 -47.47 12.28 10.12
N THR F 192 -46.68 13.12 10.80
CA THR F 192 -47.27 14.28 11.45
C THR F 192 -47.64 15.34 10.42
N ASP F 193 -48.85 15.88 10.55
CA ASP F 193 -49.33 16.85 9.58
C ASP F 193 -48.54 18.15 9.63
N GLU F 194 -48.05 18.54 10.82
CA GLU F 194 -47.25 19.75 10.93
C GLU F 194 -45.98 19.67 10.11
N VAL F 195 -45.40 18.47 10.00
CA VAL F 195 -44.28 18.27 9.09
C VAL F 195 -44.75 17.88 7.70
N LYS F 196 -45.95 17.30 7.57
CA LYS F 196 -46.52 17.03 6.26
C LYS F 196 -46.63 18.31 5.43
N LYS F 197 -46.99 19.42 6.08
CA LYS F 197 -47.11 20.68 5.33
C LYS F 197 -45.74 21.26 4.99
N TRP F 198 -44.77 21.15 5.89
CA TRP F 198 -43.39 21.49 5.54
C TRP F 198 -42.96 20.74 4.29
N THR F 199 -43.27 19.44 4.25
CA THR F 199 -42.86 18.61 3.13
C THR F 199 -43.60 18.98 1.85
N GLN F 200 -44.90 19.27 1.95
CA GLN F 200 -45.65 19.72 0.79
C GLN F 200 -45.05 21.00 0.23
N SER F 201 -44.71 21.95 1.10
CA SER F 201 -44.11 23.19 0.63
C SER F 201 -42.74 22.94 -0.01
N LEU F 202 -41.97 22.00 0.54
CA LEU F 202 -40.68 21.69 -0.05
C LEU F 202 -40.84 21.05 -1.41
N LEU F 203 -41.85 20.19 -1.58
CA LEU F 203 -42.11 19.58 -2.88
C LEU F 203 -42.56 20.63 -3.89
N GLU F 204 -43.32 21.63 -3.42
CA GLU F 204 -43.63 22.77 -4.27
C GLU F 204 -42.35 23.46 -4.72
N ASP F 205 -41.47 23.80 -3.77
CA ASP F 205 -40.20 24.43 -4.09
C ASP F 205 -39.41 23.60 -5.11
N ARG F 206 -39.43 22.28 -4.95
CA ARG F 206 -38.77 21.39 -5.90
C ARG F 206 -39.35 21.42 -7.30
N GLN F 207 -40.61 21.02 -7.44
CA GLN F 207 -41.25 21.09 -8.75
C GLN F 207 -41.83 22.49 -8.85
N ALA F 208 -40.99 23.50 -8.59
CA ALA F 208 -41.33 24.90 -8.81
C ALA F 208 -40.07 25.71 -9.10
N PHE F 209 -39.14 25.07 -9.79
CA PHE F 209 -37.89 25.70 -10.12
C PHE F 209 -37.34 25.22 -11.46
N PHE F 210 -37.86 24.12 -11.95
CA PHE F 210 -37.43 23.52 -13.18
C PHE F 210 -37.85 24.35 -14.34
N ASP F 211 -36.90 24.92 -15.06
CA ASP F 211 -37.22 25.81 -16.15
C ASP F 211 -36.48 25.55 -17.44
N TRP G 7 14.76 23.40 20.43
CA TRP G 7 13.58 22.79 19.87
C TRP G 7 14.02 21.44 19.52
N LYS G 8 13.15 20.65 19.02
CA LYS G 8 13.49 19.30 18.69
C LYS G 8 12.49 18.89 17.65
N PRO G 9 12.90 18.38 16.58
CA PRO G 9 12.07 18.01 15.46
C PRO G 9 11.36 16.70 15.62
N GLU G 10 11.10 16.38 16.96
CA GLU G 10 10.34 15.19 17.25
C GLU G 10 9.26 15.51 18.23
N ASP G 11 9.36 16.70 18.80
CA ASP G 11 8.44 17.23 19.75
C ASP G 11 7.11 17.30 19.08
N ASN G 12 7.09 17.37 17.77
CA ASN G 12 5.81 17.31 17.09
C ASN G 12 5.54 15.96 16.45
N ILE G 13 6.54 15.10 16.34
CA ILE G 13 6.27 13.73 15.90
C ILE G 13 5.52 13.00 17.01
N PRO G 14 4.36 12.39 16.72
CA PRO G 14 3.59 11.72 17.78
C PRO G 14 4.39 10.69 18.56
N ARG G 15 3.89 10.34 19.74
CA ARG G 15 4.62 9.45 20.63
C ARG G 15 4.80 8.06 20.03
N GLU G 16 3.72 7.51 19.45
CA GLU G 16 3.75 6.11 19.06
C GLU G 16 4.42 5.90 17.71
N ILE G 17 4.39 6.90 16.83
CA ILE G 17 5.21 6.83 15.63
C ILE G 17 6.69 6.86 15.99
N LEU G 18 7.06 7.74 16.92
CA LEU G 18 8.40 7.71 17.50
C LEU G 18 8.74 6.32 18.03
N ALA G 19 7.78 5.68 18.70
CA ALA G 19 8.00 4.33 19.20
C ALA G 19 8.21 3.35 18.05
N ILE G 20 7.47 3.54 16.95
CA ILE G 20 7.57 2.62 15.82
C ILE G 20 8.95 2.70 15.18
N LEU G 21 9.48 3.90 15.00
CA LEU G 21 10.75 4.05 14.28
C LEU G 21 11.96 3.69 15.12
N SER G 22 11.88 3.78 16.44
CA SER G 22 13.06 3.63 17.29
C SER G 22 13.55 2.19 17.41
N LYS G 23 12.67 1.21 17.19
CA LYS G 23 13.09 -0.18 17.25
C LYS G 23 13.95 -0.52 16.04
N PRO G 24 14.82 -1.53 16.16
CA PRO G 24 15.78 -1.79 15.08
C PRO G 24 15.08 -2.33 13.84
N HIS G 25 15.43 -1.78 12.69
CA HIS G 25 14.86 -2.16 11.41
C HIS G 25 13.33 -2.06 11.43
N PRO G 26 12.79 -0.86 11.69
CA PRO G 26 11.34 -0.73 11.81
C PRO G 26 10.61 -0.83 10.49
N ASN G 27 9.29 -0.64 10.53
CA ASN G 27 8.47 -0.59 9.31
C ASN G 27 8.33 0.88 8.93
N TYR G 28 9.32 1.37 8.18
CA TYR G 28 9.32 2.78 7.78
C TYR G 28 8.15 3.13 6.88
N GLN G 29 7.58 2.14 6.17
CA GLN G 29 6.47 2.42 5.27
C GLN G 29 5.19 2.74 6.03
N LEU G 30 4.86 1.91 7.02
CA LEU G 30 3.69 2.20 7.85
C LEU G 30 3.89 3.47 8.66
N ALA G 31 5.13 3.72 9.08
CA ALA G 31 5.41 4.97 9.79
C ALA G 31 5.19 6.17 8.89
N PHE G 32 5.53 6.06 7.61
CA PHE G 32 5.21 7.12 6.65
C PHE G 32 3.70 7.27 6.44
N LEU G 33 3.06 6.18 6.09
CA LEU G 33 1.66 6.22 5.88
C LEU G 33 0.87 6.56 7.10
N ASN G 34 1.55 6.93 8.16
CA ASN G 34 0.91 7.33 9.40
C ASN G 34 1.18 8.76 9.68
N ILE G 35 2.35 9.19 9.34
CA ILE G 35 2.75 10.54 9.48
C ILE G 35 2.04 11.30 8.37
N ILE G 36 1.72 10.63 7.26
CA ILE G 36 1.00 11.28 6.22
C ILE G 36 -0.45 11.13 6.51
N GLN G 37 -0.88 10.03 7.06
CA GLN G 37 -2.27 9.91 7.38
C GLN G 37 -2.48 10.89 8.45
N LEU G 38 -2.05 12.10 8.18
CA LEU G 38 -2.17 13.13 9.16
C LEU G 38 -2.13 14.40 8.38
N LEU G 39 -2.37 14.24 7.10
CA LEU G 39 -2.33 15.30 6.15
C LEU G 39 -3.68 15.94 6.13
N LYS G 40 -4.55 15.54 7.03
CA LYS G 40 -5.84 16.16 7.06
C LYS G 40 -6.03 17.03 8.28
N THR G 41 -5.62 18.28 8.17
CA THR G 41 -5.79 19.27 9.23
C THR G 41 -5.83 20.67 8.62
N SER G 57 -7.87 21.59 5.04
CA SER G 57 -7.14 20.35 4.83
C SER G 57 -6.10 20.50 3.73
N ILE G 58 -4.82 20.58 4.14
CA ILE G 58 -3.75 20.86 3.19
C ILE G 58 -3.51 19.69 2.23
N SER G 59 -3.97 18.49 2.58
CA SER G 59 -3.87 17.37 1.65
C SER G 59 -4.60 17.68 0.36
N ASP G 60 -5.87 18.09 0.47
CA ASP G 60 -6.63 18.54 -0.70
C ASP G 60 -5.91 19.67 -1.41
N HIS G 61 -5.36 20.62 -0.65
CA HIS G 61 -4.70 21.79 -1.26
C HIS G 61 -3.56 21.36 -2.17
N TYR G 63 -2.91 18.41 -3.33
CA TYR G 63 -3.38 17.56 -4.41
C TYR G 63 -3.94 18.38 -5.57
N ARG G 64 -4.76 19.38 -5.25
CA ARG G 64 -5.34 20.24 -6.28
C ARG G 64 -4.25 21.00 -7.03
N GLY G 66 -1.18 20.00 -7.39
CA GLY G 66 -0.50 19.02 -8.21
C GLY G 66 -1.22 18.78 -9.52
N LEU G 67 -2.54 18.62 -9.45
CA LEU G 67 -3.32 18.46 -10.68
C LEU G 67 -3.23 19.70 -11.56
N THR G 68 -3.21 20.88 -10.94
CA THR G 68 -3.16 22.12 -11.72
C THR G 68 -1.83 22.28 -12.45
N THR G 69 -0.72 21.80 -11.86
CA THR G 69 0.58 21.96 -12.52
C THR G 69 0.58 21.36 -13.92
N LEU G 71 -1.16 21.68 -16.39
CA LEU G 71 -1.72 22.52 -17.44
C LEU G 71 -0.73 23.54 -17.99
N ILE G 72 0.54 23.45 -17.61
CA ILE G 72 1.52 24.46 -18.00
C ILE G 72 1.84 24.30 -19.49
N THR G 73 1.65 25.38 -20.25
CA THR G 73 1.97 25.35 -21.68
C THR G 73 3.48 25.42 -21.91
N ASP G 74 4.20 26.09 -21.01
CA ASP G 74 5.63 26.34 -21.16
C ASP G 74 6.39 25.06 -21.50
N LYS G 75 7.04 25.07 -22.68
CA LYS G 75 7.86 23.95 -23.10
C LYS G 75 9.06 23.74 -22.16
N ASN G 76 9.48 24.79 -21.46
CA ASN G 76 10.63 24.73 -20.55
C ASN G 76 10.30 24.13 -19.19
N VAL G 77 9.41 23.14 -19.13
CA VAL G 77 8.89 22.66 -17.86
C VAL G 77 8.91 21.13 -17.83
N ASP G 78 9.43 20.58 -16.74
CA ASP G 78 9.19 19.18 -16.37
C ASP G 78 8.07 19.22 -15.32
N ARG G 79 6.84 18.97 -15.77
CA ARG G 79 5.70 19.04 -14.85
C ARG G 79 5.73 17.94 -13.79
N ASN G 80 6.59 16.94 -13.95
CA ASN G 80 6.73 15.91 -12.93
C ASN G 80 7.40 16.47 -11.67
N LYS G 81 8.52 17.19 -11.85
CA LYS G 81 9.10 17.90 -10.72
C LYS G 81 8.13 18.93 -10.17
N CYS G 82 7.31 19.53 -11.03
CA CYS G 82 6.29 20.47 -10.56
C CYS G 82 5.33 19.80 -9.60
N ILE G 83 4.86 18.60 -9.95
CA ILE G 83 3.99 17.86 -9.05
C ILE G 83 4.73 17.51 -7.77
N ARG G 84 5.96 17.00 -7.89
CA ARG G 84 6.77 16.69 -6.72
C ARG G 84 6.81 17.86 -5.76
N ILE G 85 7.09 19.06 -6.28
CA ILE G 85 7.14 20.26 -5.46
C ILE G 85 5.78 20.54 -4.84
N ALA G 86 4.72 20.48 -5.65
CA ALA G 86 3.36 20.76 -5.19
C ALA G 86 2.77 19.63 -4.37
N LEU G 87 3.58 18.62 -4.04
CA LEU G 87 3.17 17.54 -3.17
C LEU G 87 3.97 17.48 -1.87
N VAL G 88 5.05 18.24 -1.76
CA VAL G 88 5.94 18.15 -0.60
C VAL G 88 6.13 19.48 0.12
N HIS G 89 5.69 20.61 -0.45
CA HIS G 89 6.13 21.90 0.08
C HIS G 89 5.26 22.39 1.25
N ASP G 90 3.94 22.48 1.10
CA ASP G 90 3.10 22.79 2.25
C ASP G 90 3.14 21.64 3.26
N PHE G 91 3.47 20.43 2.80
CA PHE G 91 3.63 19.20 3.58
C PHE G 91 4.76 19.28 4.60
N ALA G 92 5.47 20.41 4.64
CA ALA G 92 6.49 20.68 5.65
C ALA G 92 5.94 21.47 6.84
N GLU G 93 5.21 22.56 6.55
CA GLU G 93 4.63 23.42 7.57
C GLU G 93 3.55 22.69 8.38
N SER G 94 3.38 21.40 8.12
CA SER G 94 2.46 20.59 8.91
C SER G 94 2.96 20.44 10.34
N LEU G 95 4.22 20.04 10.50
CA LEU G 95 4.82 19.99 11.83
C LEU G 95 5.06 21.39 12.36
N VAL G 96 5.86 22.17 11.65
CA VAL G 96 6.16 23.54 12.05
C VAL G 96 5.00 24.46 11.67
N LYS G 107 9.28 32.06 8.41
CA LYS G 107 9.91 33.06 9.24
C LYS G 107 11.38 32.73 9.50
N GLU G 108 12.05 33.61 10.24
CA GLU G 108 13.46 33.44 10.54
C GLU G 108 13.73 32.07 11.15
N GLU G 109 13.04 31.76 12.25
CA GLU G 109 13.18 30.45 12.87
C GLU G 109 12.45 29.38 12.08
N LYS G 110 11.38 29.76 11.40
CA LYS G 110 10.56 28.79 10.67
C LYS G 110 11.18 28.14 9.46
N HIS G 111 11.57 28.93 8.45
CA HIS G 111 12.05 28.36 7.19
C HIS G 111 13.46 27.81 7.40
N ARG G 112 13.98 27.94 8.62
CA ARG G 112 15.10 27.11 9.06
C ARG G 112 14.62 25.83 9.74
N ARG G 113 13.84 25.95 10.82
CA ARG G 113 13.46 24.74 11.53
C ARG G 113 12.48 23.87 10.77
N GLU G 114 11.70 24.45 9.88
CA GLU G 114 11.04 23.68 8.83
C GLU G 114 12.05 22.93 7.98
N PHE G 115 13.17 23.57 7.64
CA PHE G 115 14.21 22.90 6.88
C PHE G 115 14.77 21.71 7.65
N GLU G 116 14.94 21.87 8.97
CA GLU G 116 15.49 20.75 9.74
C GLU G 116 14.45 19.67 9.97
N THR G 117 13.16 20.01 10.05
CA THR G 117 12.16 18.95 10.15
C THR G 117 12.00 18.20 8.83
N VAL G 118 12.11 18.91 7.70
CA VAL G 118 12.17 18.23 6.40
C VAL G 118 13.40 17.34 6.35
N LYS G 119 14.55 17.85 6.82
CA LYS G 119 15.76 17.05 6.94
C LYS G 119 15.51 15.78 7.74
N TYR G 120 14.81 15.92 8.87
CA TYR G 120 14.58 14.78 9.75
C TYR G 120 13.66 13.76 9.10
N LEU G 121 12.60 14.22 8.45
CA LEU G 121 11.73 13.29 7.73
C LEU G 121 12.47 12.61 6.58
N CYS G 122 13.37 13.33 5.91
CA CYS G 122 14.07 12.77 4.77
C CYS G 122 15.10 11.73 5.20
N GLU G 123 15.84 12.01 6.26
CA GLU G 123 16.98 11.18 6.65
C GLU G 123 16.66 10.22 7.78
N SER G 124 15.49 10.32 8.41
CA SER G 124 15.08 9.43 9.48
C SER G 124 13.80 8.68 9.14
N ILE G 125 13.29 8.81 7.92
CA ILE G 125 12.11 8.09 7.46
C ILE G 125 12.36 7.62 6.03
N ILE G 126 12.74 8.54 5.17
CA ILE G 126 12.78 8.30 3.72
C ILE G 126 14.11 7.73 3.28
N ARG G 127 15.21 8.28 3.76
CA ARG G 127 16.53 7.75 3.41
C ARG G 127 16.72 6.28 3.75
N PRO G 128 16.24 5.77 4.91
CA PRO G 128 16.40 4.33 5.18
C PRO G 128 15.89 3.42 4.08
N CYS G 129 14.59 3.46 3.78
CA CYS G 129 13.99 2.57 2.80
C CYS G 129 13.89 3.17 1.41
N SER G 130 14.52 4.33 1.17
CA SER G 130 14.53 4.90 -0.18
C SER G 130 15.78 5.74 -0.37
N GLU G 131 16.57 5.39 -1.39
CA GLU G 131 17.78 6.15 -1.71
C GLU G 131 17.44 7.45 -2.43
N SER G 132 16.91 7.34 -3.66
CA SER G 132 16.66 8.51 -4.49
C SER G 132 15.75 9.50 -3.79
N ALA G 133 14.79 9.01 -3.01
CA ALA G 133 13.70 9.85 -2.54
C ALA G 133 14.17 10.88 -1.52
N SER G 134 15.03 10.47 -0.58
CA SER G 134 15.48 11.42 0.44
C SER G 134 16.14 12.64 -0.20
N ARG G 135 17.16 12.39 -1.03
CA ARG G 135 17.83 13.46 -1.75
C ARG G 135 16.84 14.30 -2.56
N GLU G 136 16.12 13.65 -3.51
CA GLU G 136 15.28 14.40 -4.42
C GLU G 136 14.19 15.16 -3.68
N ILE G 137 13.63 14.57 -2.62
CA ILE G 137 12.57 15.21 -1.86
C ILE G 137 13.10 16.46 -1.17
N LEU G 138 14.27 16.36 -0.52
CA LEU G 138 14.83 17.55 0.12
C LEU G 138 15.13 18.64 -0.90
N ASP G 139 15.71 18.26 -2.03
CA ASP G 139 16.12 19.26 -3.00
C ASP G 139 14.92 19.89 -3.70
N ASP G 140 13.83 19.14 -3.85
CA ASP G 140 12.59 19.75 -4.35
C ASP G 140 11.98 20.67 -3.31
N TRP G 141 12.05 20.29 -2.03
CA TRP G 141 11.58 21.19 -0.99
C TRP G 141 12.36 22.50 -1.01
N LEU G 142 13.66 22.43 -1.26
CA LEU G 142 14.46 23.65 -1.37
C LEU G 142 14.11 24.42 -2.64
N ALA G 143 14.07 23.71 -3.77
CA ALA G 143 13.67 24.24 -5.07
C ALA G 143 12.36 25.02 -4.96
N TYR G 144 11.54 24.67 -3.98
CA TYR G 144 10.40 25.50 -3.66
C TYR G 144 10.75 26.61 -2.67
N GLU G 145 11.52 26.27 -1.63
CA GLU G 145 11.81 27.18 -0.53
C GLU G 145 13.02 28.06 -0.77
N LYS G 146 13.56 28.03 -1.98
CA LYS G 146 14.48 29.04 -2.48
C LYS G 146 14.19 29.41 -3.91
N GLN G 147 13.39 28.62 -4.63
CA GLN G 147 13.07 28.82 -6.03
C GLN G 147 14.34 28.97 -6.87
N THR G 148 15.20 27.96 -6.75
CA THR G 148 16.32 27.75 -7.66
C THR G 148 15.88 27.14 -8.98
N CYS G 149 14.57 27.04 -9.21
CA CYS G 149 14.04 26.39 -10.39
C CYS G 149 12.77 27.12 -10.83
N LEU G 150 12.51 27.04 -12.14
CA LEU G 150 11.27 27.58 -12.69
C LEU G 150 10.07 26.83 -12.15
N GLU G 151 10.22 25.54 -11.83
CA GLU G 151 9.12 24.74 -11.34
C GLU G 151 8.63 25.21 -9.97
N GLY G 152 9.56 25.55 -9.07
CA GLY G 152 9.15 26.10 -7.80
C GLY G 152 8.40 27.40 -7.95
N ARG G 153 8.83 28.24 -8.89
CA ARG G 153 8.13 29.49 -9.16
C ARG G 153 6.71 29.23 -9.66
N TYR G 154 6.57 28.28 -10.59
CA TYR G 154 5.24 27.89 -11.06
C TYR G 154 4.36 27.41 -9.92
N VAL G 155 4.91 26.58 -9.03
CA VAL G 155 4.12 25.99 -7.96
C VAL G 155 3.68 27.06 -6.95
N LYS G 156 4.55 28.02 -6.65
CA LYS G 156 4.13 29.12 -5.77
C LYS G 156 3.08 29.99 -6.44
N ASP G 157 3.27 30.29 -7.74
CA ASP G 157 2.24 30.96 -8.51
C ASP G 157 0.90 30.26 -8.37
N ILE G 158 0.92 28.93 -8.36
CA ILE G 158 -0.33 28.18 -8.28
C ILE G 158 -0.91 28.23 -6.86
N ASP G 159 -0.07 28.09 -5.82
CA ASP G 159 -0.56 28.27 -4.44
C ASP G 159 -1.27 29.59 -4.29
N LYS G 160 -0.84 30.62 -5.04
CA LYS G 160 -1.50 31.93 -4.95
C LYS G 160 -2.76 32.00 -5.83
N TYR G 161 -2.67 31.52 -7.07
CA TYR G 161 -3.78 31.68 -8.02
C TYR G 161 -4.98 30.82 -7.66
N GLU G 162 -4.75 29.64 -7.08
CA GLU G 162 -5.88 28.83 -6.60
C GLU G 162 -6.63 29.58 -5.51
N LEU G 164 -6.80 32.77 -5.25
CA LEU G 164 -7.56 33.78 -5.99
C LEU G 164 -8.90 33.22 -6.49
N VAL G 165 -8.84 32.05 -7.13
CA VAL G 165 -10.05 31.37 -7.59
C VAL G 165 -11.00 31.16 -6.43
N GLN G 166 -10.46 30.82 -5.26
CA GLN G 166 -11.31 30.54 -4.11
C GLN G 166 -11.99 31.80 -3.59
N CYS G 167 -11.26 32.91 -3.51
CA CYS G 167 -11.89 34.17 -3.11
C CYS G 167 -13.01 34.55 -4.09
N PHE G 168 -12.76 34.38 -5.39
CA PHE G 168 -13.78 34.73 -6.38
C PHE G 168 -15.02 33.84 -6.24
N GLU G 169 -14.81 32.51 -6.23
CA GLU G 169 -15.93 31.59 -6.11
C GLU G 169 -16.64 31.73 -4.76
N TYR G 170 -15.97 32.30 -3.76
CA TYR G 170 -16.63 32.60 -2.49
C TYR G 170 -17.57 33.79 -2.65
N GLU G 171 -17.03 34.93 -3.09
CA GLU G 171 -17.89 36.09 -3.26
C GLU G 171 -18.95 35.87 -4.34
N GLN G 172 -18.83 34.79 -5.11
CA GLN G 172 -19.90 34.37 -6.01
C GLN G 172 -21.22 34.08 -5.31
N LYS G 173 -21.24 34.01 -3.98
CA LYS G 173 -22.47 33.80 -3.23
C LYS G 173 -22.95 35.06 -2.53
N TYR G 174 -22.33 36.20 -2.81
CA TYR G 174 -22.61 37.44 -2.08
C TYR G 174 -22.50 38.65 -2.98
N GLN G 182 -10.16 42.60 -1.50
CA GLN G 182 -9.82 41.30 -0.95
C GLN G 182 -8.79 40.57 -1.83
N PHE G 183 -8.74 40.94 -3.12
CA PHE G 183 -7.84 40.29 -4.04
C PHE G 183 -6.42 40.85 -4.00
N LEU G 184 -6.28 42.15 -3.73
CA LEU G 184 -5.05 42.75 -3.22
C LEU G 184 -3.89 42.63 -4.21
N GLY G 185 -4.01 43.41 -5.29
CA GLY G 185 -2.96 43.57 -6.28
C GLY G 185 -2.29 42.29 -6.77
N ALA G 186 -3.00 41.16 -6.65
CA ALA G 186 -2.39 39.85 -6.83
C ALA G 186 -1.87 39.62 -8.24
N ILE G 187 -2.28 40.42 -9.22
CA ILE G 187 -1.68 40.31 -10.53
C ILE G 187 -0.20 40.71 -10.46
N ASN G 188 0.11 41.69 -9.61
CA ASN G 188 1.52 41.99 -9.34
C ASN G 188 2.17 40.88 -8.54
N ASP G 189 1.43 40.26 -7.63
CA ASP G 189 1.96 39.22 -6.75
C ASP G 189 1.99 37.85 -7.42
N ILE G 190 2.15 37.80 -8.74
CA ILE G 190 2.31 36.56 -9.50
C ILE G 190 3.58 36.77 -10.29
N LYS G 191 4.39 35.71 -10.40
CA LYS G 191 5.63 35.80 -11.17
C LYS G 191 5.40 35.52 -12.65
N THR G 192 5.27 34.24 -13.01
CA THR G 192 5.30 33.80 -14.40
C THR G 192 4.21 34.49 -15.22
N ASP G 193 4.48 34.60 -16.52
CA ASP G 193 3.50 35.19 -17.43
C ASP G 193 2.29 34.28 -17.61
N GLU G 194 2.48 32.96 -17.53
CA GLU G 194 1.37 32.04 -17.76
C GLU G 194 0.32 32.16 -16.66
N VAL G 195 0.74 32.07 -15.40
CA VAL G 195 -0.22 32.23 -14.31
C VAL G 195 -0.69 33.67 -14.20
N LYS G 196 0.10 34.64 -14.66
CA LYS G 196 -0.39 36.01 -14.80
C LYS G 196 -1.58 36.05 -15.75
N LYS G 197 -1.50 35.32 -16.86
CA LYS G 197 -2.62 35.27 -17.80
C LYS G 197 -3.80 34.52 -17.20
N TRP G 198 -3.53 33.48 -16.42
CA TRP G 198 -4.61 32.78 -15.72
C TRP G 198 -5.37 33.72 -14.80
N THR G 199 -4.62 34.53 -14.04
CA THR G 199 -5.26 35.53 -13.18
C THR G 199 -5.96 36.61 -14.00
N GLN G 200 -5.44 36.94 -15.18
CA GLN G 200 -6.10 37.92 -16.03
C GLN G 200 -7.46 37.41 -16.50
N SER G 201 -7.52 36.16 -16.94
CA SER G 201 -8.79 35.54 -17.30
C SER G 201 -9.72 35.50 -16.08
N LEU G 202 -9.19 35.15 -14.92
CA LEU G 202 -9.99 35.12 -13.69
C LEU G 202 -10.57 36.50 -13.38
N LEU G 203 -9.79 37.56 -13.63
CA LEU G 203 -10.26 38.92 -13.33
C LEU G 203 -11.30 39.38 -14.34
N GLU G 204 -11.12 39.01 -15.61
CA GLU G 204 -12.18 39.22 -16.59
C GLU G 204 -13.48 38.59 -16.12
N ASP G 205 -13.40 37.36 -15.61
CA ASP G 205 -14.59 36.71 -15.07
C ASP G 205 -15.11 37.42 -13.83
N ARG G 206 -14.23 37.98 -13.01
CA ARG G 206 -14.65 38.81 -11.87
C ARG G 206 -15.54 39.96 -12.34
N GLN G 207 -15.02 40.74 -13.28
CA GLN G 207 -15.75 41.91 -13.78
C GLN G 207 -17.04 41.48 -14.47
N ALA G 208 -17.05 40.31 -15.10
CA ALA G 208 -18.30 39.78 -15.63
C ALA G 208 -19.29 39.51 -14.51
N PHE G 209 -18.85 38.82 -13.46
CA PHE G 209 -19.75 38.42 -12.37
C PHE G 209 -20.39 39.65 -11.72
N PHE G 210 -19.55 40.54 -11.19
CA PHE G 210 -20.04 41.62 -10.33
C PHE G 210 -21.22 42.36 -10.94
N ASP G 211 -21.19 42.57 -12.25
CA ASP G 211 -22.20 43.35 -12.94
C ASP G 211 -23.36 42.48 -13.44
N TRP H 7 14.51 14.06 -48.47
CA TRP H 7 14.30 12.62 -48.45
C TRP H 7 13.00 12.26 -47.73
N LYS H 8 12.70 10.96 -47.70
CA LYS H 8 11.48 10.45 -47.08
C LYS H 8 11.68 8.97 -46.79
N PRO H 9 10.96 8.41 -45.81
CA PRO H 9 11.12 6.98 -45.51
C PRO H 9 10.62 6.05 -46.60
N GLU H 10 9.67 6.50 -47.45
CA GLU H 10 9.20 5.66 -48.54
C GLU H 10 10.34 5.17 -49.42
N ASP H 11 11.44 5.92 -49.46
CA ASP H 11 12.60 5.56 -50.27
C ASP H 11 13.38 4.40 -49.65
N ASN H 12 12.72 3.63 -48.78
CA ASN H 12 13.20 2.30 -48.42
C ASN H 12 12.45 1.21 -49.16
N ILE H 13 11.21 1.47 -49.54
CA ILE H 13 10.30 0.40 -49.99
C ILE H 13 10.58 0.10 -51.44
N PRO H 14 10.64 -1.18 -51.83
CA PRO H 14 10.66 -1.54 -53.25
C PRO H 14 9.48 -0.89 -53.96
N ARG H 15 9.74 -0.36 -55.16
CA ARG H 15 8.69 0.32 -55.91
C ARG H 15 7.51 -0.61 -56.19
N GLU H 16 7.69 -1.92 -56.11
CA GLU H 16 6.58 -2.84 -56.26
C GLU H 16 5.59 -2.70 -55.10
N ILE H 17 6.09 -2.81 -53.86
CA ILE H 17 5.22 -2.67 -52.69
C ILE H 17 4.62 -1.27 -52.64
N LEU H 18 5.42 -0.25 -52.97
CA LEU H 18 4.90 1.12 -53.02
C LEU H 18 3.75 1.23 -54.00
N ALA H 19 3.96 0.75 -55.23
CA ALA H 19 2.91 0.78 -56.26
C ALA H 19 1.65 0.09 -55.75
N ILE H 20 1.80 -1.08 -55.14
CA ILE H 20 0.64 -1.77 -54.58
C ILE H 20 -0.05 -0.89 -53.55
N LEU H 21 0.72 -0.24 -52.68
CA LEU H 21 0.16 0.63 -51.65
C LEU H 21 -0.41 1.91 -52.20
N SER H 22 -0.24 2.18 -53.50
CA SER H 22 -0.90 3.32 -54.12
C SER H 22 -2.32 3.02 -54.57
N LYS H 23 -2.66 1.74 -54.78
CA LYS H 23 -3.98 1.37 -55.25
C LYS H 23 -5.04 1.71 -54.21
N PRO H 24 -6.30 1.84 -54.63
CA PRO H 24 -7.40 1.83 -53.66
C PRO H 24 -7.52 0.44 -53.06
N HIS H 25 -7.99 0.39 -51.81
CA HIS H 25 -8.17 -0.83 -51.03
C HIS H 25 -7.05 -1.83 -51.26
N PRO H 26 -5.82 -1.52 -50.85
CA PRO H 26 -4.70 -2.42 -51.16
C PRO H 26 -4.76 -3.69 -50.33
N ASN H 27 -4.24 -4.78 -50.90
CA ASN H 27 -4.04 -6.03 -50.18
C ASN H 27 -2.95 -5.76 -49.14
N TYR H 28 -3.36 -5.23 -47.98
CA TYR H 28 -2.39 -4.78 -46.99
C TYR H 28 -1.55 -5.95 -46.46
N GLN H 29 -2.19 -7.10 -46.25
CA GLN H 29 -1.49 -8.22 -45.63
C GLN H 29 -0.40 -8.79 -46.54
N LEU H 30 -0.70 -8.90 -47.84
CA LEU H 30 0.33 -9.28 -48.79
C LEU H 30 1.48 -8.27 -48.80
N ALA H 31 1.13 -6.98 -48.68
CA ALA H 31 2.16 -5.95 -48.60
C ALA H 31 2.98 -6.09 -47.31
N PHE H 32 2.32 -6.46 -46.21
CA PHE H 32 3.06 -6.66 -44.97
C PHE H 32 4.00 -7.85 -45.07
N LEU H 33 3.53 -8.97 -45.66
CA LEU H 33 4.39 -10.12 -45.81
C LEU H 33 5.54 -9.85 -46.77
N ASN H 34 5.33 -8.96 -47.75
CA ASN H 34 6.43 -8.56 -48.63
C ASN H 34 7.42 -7.67 -47.88
N ILE H 35 6.92 -6.74 -47.07
CA ILE H 35 7.80 -5.92 -46.24
C ILE H 35 8.56 -6.80 -45.25
N ILE H 36 7.99 -7.93 -44.88
CA ILE H 36 8.58 -8.77 -43.86
C ILE H 36 9.64 -9.71 -44.43
N GLN H 37 9.45 -10.18 -45.66
CA GLN H 37 10.45 -10.99 -46.34
C GLN H 37 11.69 -10.17 -46.68
N LEU H 38 11.66 -8.85 -46.46
CA LEU H 38 12.76 -7.98 -46.83
C LEU H 38 13.92 -8.07 -45.86
N LEU H 39 13.71 -8.65 -44.68
CA LEU H 39 14.76 -8.67 -43.67
C LEU H 39 15.87 -9.65 -44.01
N LYS H 40 16.31 -9.64 -45.28
CA LYS H 40 17.47 -10.42 -45.68
C LYS H 40 18.74 -9.94 -45.03
N THR H 41 18.76 -8.69 -44.56
CA THR H 41 19.92 -8.10 -43.92
C THR H 41 20.40 -8.95 -42.74
N GLN H 42 21.65 -8.75 -42.36
CA GLN H 42 22.26 -9.53 -41.30
C GLN H 42 22.92 -8.59 -40.29
N ARG H 43 22.78 -8.93 -39.02
CA ARG H 43 23.19 -8.06 -37.90
C ARG H 43 24.65 -7.62 -37.98
N SER H 57 21.94 -13.70 -39.81
CA SER H 57 20.52 -13.73 -40.18
C SER H 57 19.69 -12.85 -39.26
N ILE H 58 18.46 -12.55 -39.67
CA ILE H 58 17.55 -11.77 -38.84
C ILE H 58 16.61 -12.72 -38.13
N SER H 59 16.30 -13.86 -38.77
CA SER H 59 15.64 -14.94 -38.08
C SER H 59 16.37 -15.23 -36.77
N ASP H 60 17.67 -15.50 -36.88
CA ASP H 60 18.60 -15.54 -35.78
C ASP H 60 18.39 -14.51 -34.66
N HIS H 61 18.54 -13.22 -34.98
CA HIS H 61 18.55 -12.19 -33.94
C HIS H 61 17.16 -12.16 -33.31
N TYR H 63 14.00 -13.82 -33.78
CA TYR H 63 13.35 -15.01 -33.25
C TYR H 63 14.05 -15.50 -31.98
N ARG H 64 15.39 -15.49 -31.98
CA ARG H 64 16.14 -15.88 -30.80
C ARG H 64 15.82 -14.99 -29.61
N GLY H 66 12.99 -13.33 -29.12
CA GLY H 66 11.64 -13.64 -28.67
C GLY H 66 11.59 -14.92 -27.87
N LEU H 67 12.39 -15.91 -28.24
CA LEU H 67 12.39 -17.17 -27.49
C LEU H 67 13.11 -17.04 -26.15
N THR H 68 14.25 -16.34 -26.13
CA THR H 68 14.96 -16.14 -24.88
C THR H 68 14.12 -15.36 -23.88
N THR H 69 13.26 -14.45 -24.37
CA THR H 69 12.37 -13.72 -23.48
C THR H 69 11.48 -14.64 -22.66
N LEU H 71 12.37 -17.37 -21.17
CA LEU H 71 13.06 -17.81 -19.96
C LEU H 71 12.98 -16.77 -18.85
N ILE H 72 12.07 -15.81 -19.02
CA ILE H 72 11.78 -14.85 -17.96
C ILE H 72 11.05 -15.56 -16.82
N THR H 73 11.55 -15.37 -15.60
CA THR H 73 10.83 -15.75 -14.41
C THR H 73 10.27 -14.56 -13.64
N ASP H 74 10.85 -13.38 -13.83
CA ASP H 74 10.37 -12.17 -13.18
C ASP H 74 8.88 -11.96 -13.44
N LYS H 75 8.16 -11.64 -12.36
CA LYS H 75 6.71 -11.43 -12.42
C LYS H 75 6.34 -9.96 -12.46
N ASN H 76 7.33 -9.05 -12.37
CA ASN H 76 7.08 -7.63 -12.54
C ASN H 76 7.35 -7.14 -13.95
N VAL H 77 8.21 -7.84 -14.70
CA VAL H 77 8.33 -7.58 -16.13
C VAL H 77 7.11 -8.16 -16.85
N ASP H 78 6.89 -7.69 -18.08
CA ASP H 78 5.85 -8.23 -18.96
C ASP H 78 6.54 -9.05 -20.03
N ARG H 79 6.40 -10.38 -19.94
CA ARG H 79 7.08 -11.24 -20.89
C ARG H 79 6.48 -11.14 -22.28
N ASN H 80 5.16 -10.94 -22.38
CA ASN H 80 4.52 -10.88 -23.69
C ASN H 80 4.85 -9.57 -24.39
N LYS H 81 4.74 -8.44 -23.69
CA LYS H 81 5.23 -7.18 -24.27
C LYS H 81 6.72 -7.27 -24.55
N CYS H 82 7.46 -8.03 -23.75
CA CYS H 82 8.88 -8.23 -24.02
C CYS H 82 9.11 -8.92 -25.36
N ILE H 83 8.34 -9.98 -25.64
CA ILE H 83 8.43 -10.66 -26.92
C ILE H 83 8.09 -9.70 -28.05
N ARG H 84 6.98 -8.97 -27.90
CA ARG H 84 6.58 -8.00 -28.92
C ARG H 84 7.71 -7.01 -29.20
N ILE H 85 8.24 -6.40 -28.14
CA ILE H 85 9.36 -5.46 -28.27
C ILE H 85 10.51 -6.11 -29.02
N ALA H 86 10.88 -7.33 -28.62
CA ALA H 86 12.04 -7.99 -29.20
C ALA H 86 11.86 -8.19 -30.70
N LEU H 87 10.66 -8.58 -31.12
CA LEU H 87 10.37 -8.74 -32.54
C LEU H 87 10.26 -7.42 -33.28
N VAL H 88 10.50 -6.29 -32.62
CA VAL H 88 10.54 -5.01 -33.31
C VAL H 88 11.78 -4.22 -32.88
N HIS H 89 12.52 -4.72 -31.88
CA HIS H 89 13.63 -3.94 -31.31
C HIS H 89 14.62 -3.53 -32.39
N ASP H 90 14.90 -4.43 -33.32
CA ASP H 90 15.72 -4.15 -34.49
C ASP H 90 14.87 -4.29 -35.76
N PHE H 91 13.57 -3.98 -35.67
CA PHE H 91 12.58 -4.21 -36.71
C PHE H 91 12.84 -3.72 -38.13
N ALA H 92 12.88 -2.40 -38.29
CA ALA H 92 13.21 -1.79 -39.58
C ALA H 92 14.44 -0.92 -39.37
N GLU H 93 15.16 -1.12 -38.25
CA GLU H 93 16.45 -0.48 -38.05
C GLU H 93 17.45 -0.84 -39.15
N SER H 94 17.24 -1.99 -39.81
CA SER H 94 18.16 -2.57 -40.79
C SER H 94 18.28 -1.78 -42.07
N LEU H 95 17.50 -0.72 -42.27
CA LEU H 95 17.31 -0.13 -43.60
C LEU H 95 18.11 1.17 -43.70
N VAL H 96 19.34 1.05 -44.18
CA VAL H 96 20.19 2.20 -44.48
C VAL H 96 21.42 1.77 -45.29
N LYS H 107 25.47 5.78 -40.12
CA LYS H 107 26.17 6.45 -39.04
C LYS H 107 25.27 6.89 -37.89
N GLU H 108 24.73 8.09 -37.88
CA GLU H 108 23.84 8.50 -36.78
C GLU H 108 22.37 8.75 -37.11
N GLU H 109 22.03 9.21 -38.31
CA GLU H 109 20.63 9.37 -38.63
C GLU H 109 19.90 8.04 -38.59
N LYS H 110 20.58 7.02 -38.13
CA LYS H 110 20.02 5.71 -38.01
C LYS H 110 19.11 5.67 -36.81
N HIS H 111 18.34 6.73 -36.61
CA HIS H 111 17.42 6.77 -35.48
C HIS H 111 16.13 7.39 -35.89
N ARG H 112 16.17 8.64 -36.26
CA ARG H 112 14.97 9.33 -36.72
C ARG H 112 14.43 8.60 -37.91
N ARG H 113 15.33 7.99 -38.65
CA ARG H 113 14.98 7.24 -39.82
C ARG H 113 14.31 5.95 -39.40
N GLU H 114 14.84 5.27 -38.38
CA GLU H 114 14.09 4.13 -37.85
C GLU H 114 12.67 4.54 -37.49
N PHE H 115 12.54 5.66 -36.80
CA PHE H 115 11.23 6.11 -36.33
C PHE H 115 10.32 6.46 -37.51
N GLU H 116 10.85 7.20 -38.49
CA GLU H 116 10.04 7.52 -39.66
C GLU H 116 9.62 6.27 -40.41
N THR H 117 10.51 5.27 -40.47
CA THR H 117 10.17 4.02 -41.13
C THR H 117 9.02 3.32 -40.43
N VAL H 118 9.11 3.14 -39.11
CA VAL H 118 8.04 2.49 -38.37
C VAL H 118 6.75 3.30 -38.51
N LYS H 119 6.86 4.62 -38.56
CA LYS H 119 5.70 5.47 -38.77
C LYS H 119 4.99 5.13 -40.08
N TYR H 120 5.75 5.12 -41.18
CA TYR H 120 5.15 4.78 -42.47
C TYR H 120 4.62 3.36 -42.47
N LEU H 121 5.30 2.45 -41.77
CA LEU H 121 4.85 1.06 -41.72
C LEU H 121 3.48 0.95 -41.07
N CYS H 122 3.27 1.68 -39.97
CA CYS H 122 1.96 1.69 -39.34
C CYS H 122 0.93 2.38 -40.22
N GLU H 123 1.26 3.58 -40.72
CA GLU H 123 0.30 4.37 -41.47
C GLU H 123 -0.17 3.63 -42.72
N SER H 124 0.76 3.27 -43.59
CA SER H 124 0.39 2.67 -44.86
C SER H 124 -0.23 1.29 -44.68
N ILE H 125 0.33 0.46 -43.81
CA ILE H 125 0.01 -0.96 -43.75
C ILE H 125 -0.75 -1.33 -42.47
N ILE H 126 -0.12 -1.12 -41.30
CA ILE H 126 -0.64 -1.73 -40.08
C ILE H 126 -1.94 -1.05 -39.64
N ARG H 127 -2.06 0.27 -39.84
CA ARG H 127 -3.30 0.94 -39.47
C ARG H 127 -4.50 0.37 -40.21
N PRO H 128 -4.52 0.30 -41.55
CA PRO H 128 -5.65 -0.37 -42.21
C PRO H 128 -5.58 -1.88 -42.08
N CYS H 129 -4.80 -2.35 -41.11
CA CYS H 129 -4.83 -3.74 -40.66
C CYS H 129 -5.37 -3.85 -39.25
N SER H 130 -4.73 -3.18 -38.29
CA SER H 130 -5.18 -3.18 -36.90
C SER H 130 -4.70 -1.90 -36.24
N GLU H 131 -5.63 -1.01 -35.90
CA GLU H 131 -5.28 0.16 -35.09
C GLU H 131 -4.61 -0.27 -33.80
N SER H 132 -5.17 -1.29 -33.16
CA SER H 132 -4.57 -1.95 -32.00
C SER H 132 -3.10 -2.18 -32.26
N ALA H 133 -2.79 -3.08 -33.20
CA ALA H 133 -1.40 -3.41 -33.50
C ALA H 133 -0.59 -2.18 -33.90
N SER H 134 -1.21 -1.20 -34.55
CA SER H 134 -0.51 0.03 -34.86
C SER H 134 0.10 0.65 -33.61
N ARG H 135 -0.76 1.03 -32.66
CA ARG H 135 -0.25 1.68 -31.45
C ARG H 135 0.60 0.72 -30.62
N GLU H 136 0.26 -0.57 -30.64
CA GLU H 136 1.01 -1.55 -29.85
C GLU H 136 2.44 -1.68 -30.34
N ILE H 137 2.65 -1.65 -31.66
CA ILE H 137 4.00 -1.69 -32.19
C ILE H 137 4.70 -0.34 -31.99
N LEU H 138 3.95 0.76 -32.07
CA LEU H 138 4.50 2.05 -31.64
C LEU H 138 5.15 1.92 -30.27
N ASP H 139 4.43 1.32 -29.31
CA ASP H 139 4.97 1.12 -27.97
C ASP H 139 6.14 0.14 -27.99
N ASP H 140 5.97 -0.98 -28.69
CA ASP H 140 7.00 -2.02 -28.71
C ASP H 140 8.34 -1.48 -29.16
N TRP H 141 8.35 -0.55 -30.12
CA TRP H 141 9.65 -0.08 -30.59
C TRP H 141 10.15 1.16 -29.85
N LEU H 142 9.27 2.03 -29.36
CA LEU H 142 9.77 3.15 -28.59
C LEU H 142 10.02 2.74 -27.15
N ALA H 143 10.35 1.46 -26.96
CA ALA H 143 10.84 0.91 -25.70
C ALA H 143 12.29 0.50 -25.75
N TYR H 144 12.77 -0.03 -26.88
CA TYR H 144 14.16 -0.45 -27.01
C TYR H 144 15.07 0.71 -27.36
N GLU H 145 14.81 1.37 -28.50
CA GLU H 145 15.66 2.49 -28.92
C GLU H 145 15.63 3.61 -27.90
N LYS H 146 14.46 3.85 -27.29
CA LYS H 146 14.33 4.74 -26.14
C LYS H 146 13.99 3.86 -24.94
N GLN H 147 14.99 3.61 -24.10
CA GLN H 147 14.91 2.61 -23.03
C GLN H 147 13.97 3.10 -21.93
N THR H 148 12.67 2.96 -22.20
CA THR H 148 11.66 3.51 -21.30
C THR H 148 11.46 2.61 -20.07
N CYS H 149 11.23 1.32 -20.29
CA CYS H 149 10.73 0.43 -19.25
C CYS H 149 11.66 -0.76 -19.03
N LEU H 150 11.19 -1.68 -18.18
CA LEU H 150 11.98 -2.84 -17.79
C LEU H 150 12.01 -3.90 -18.88
N GLU H 151 10.89 -4.11 -19.57
CA GLU H 151 10.88 -4.98 -20.74
C GLU H 151 11.92 -4.52 -21.76
N GLY H 152 12.01 -3.21 -21.99
CA GLY H 152 12.89 -2.67 -23.01
C GLY H 152 14.36 -2.73 -22.65
N ARG H 153 14.68 -2.87 -21.37
CA ARG H 153 16.08 -3.08 -20.98
C ARG H 153 16.42 -4.56 -20.84
N TYR H 154 15.46 -5.39 -20.43
CA TYR H 154 15.65 -6.83 -20.50
C TYR H 154 15.92 -7.28 -21.93
N VAL H 155 15.17 -6.72 -22.89
CA VAL H 155 15.38 -7.08 -24.28
C VAL H 155 16.79 -6.75 -24.73
N LYS H 156 17.29 -5.55 -24.37
CA LYS H 156 18.62 -5.16 -24.84
C LYS H 156 19.73 -5.91 -24.12
N ASP H 157 19.54 -6.18 -22.82
CA ASP H 157 20.50 -6.99 -22.10
C ASP H 157 20.59 -8.39 -22.70
N ILE H 158 19.43 -8.95 -23.08
CA ILE H 158 19.44 -10.20 -23.85
C ILE H 158 20.08 -9.97 -25.23
N ASP H 159 19.91 -8.78 -25.80
CA ASP H 159 20.43 -8.49 -27.14
C ASP H 159 21.95 -8.56 -27.16
N LYS H 160 22.58 -8.23 -26.03
CA LYS H 160 24.03 -8.40 -25.92
C LYS H 160 24.43 -9.71 -25.25
N TYR H 161 23.53 -10.35 -24.50
CA TYR H 161 23.78 -11.70 -24.00
C TYR H 161 23.85 -12.71 -25.14
N GLU H 162 23.02 -12.54 -26.16
CA GLU H 162 23.09 -13.39 -27.34
C GLU H 162 24.45 -13.28 -28.01
N LEU H 164 27.28 -12.37 -26.52
CA LEU H 164 28.14 -13.12 -25.61
C LEU H 164 28.11 -14.62 -25.89
N VAL H 165 26.91 -15.16 -26.13
CA VAL H 165 26.76 -16.59 -26.41
C VAL H 165 27.28 -16.91 -27.80
N GLN H 166 26.63 -16.37 -28.85
CA GLN H 166 27.04 -16.72 -30.20
C GLN H 166 28.29 -15.98 -30.63
N CYS H 167 29.10 -15.58 -29.65
CA CYS H 167 30.51 -15.26 -29.84
C CYS H 167 31.41 -16.18 -29.04
N PHE H 168 31.01 -16.53 -27.81
CA PHE H 168 31.73 -17.53 -27.03
C PHE H 168 31.83 -18.84 -27.79
N GLU H 169 30.78 -19.20 -28.54
CA GLU H 169 30.85 -20.39 -29.38
C GLU H 169 31.90 -20.23 -30.46
N TYR H 170 32.05 -19.02 -31.02
CA TYR H 170 33.11 -18.77 -31.99
C TYR H 170 34.48 -18.90 -31.35
N GLU H 171 34.73 -18.16 -30.26
CA GLU H 171 36.00 -18.25 -29.55
C GLU H 171 36.32 -19.69 -29.15
N GLN H 172 35.29 -20.51 -28.95
CA GLN H 172 35.45 -21.91 -28.57
C GLN H 172 35.96 -22.76 -29.72
N LYS H 173 36.51 -22.11 -30.75
CA LYS H 173 37.15 -22.82 -31.85
C LYS H 173 38.46 -22.17 -32.25
N TYR H 174 38.97 -21.23 -31.44
CA TYR H 174 40.17 -20.48 -31.77
C TYR H 174 40.97 -20.14 -30.53
N GLN H 182 38.66 -7.73 -28.94
CA GLN H 182 37.53 -7.26 -28.13
C GLN H 182 37.34 -8.12 -26.90
N PHE H 183 38.18 -9.12 -26.80
CA PHE H 183 38.18 -10.05 -25.72
C PHE H 183 38.33 -9.21 -24.48
N LEU H 184 37.23 -8.70 -24.00
CA LEU H 184 37.25 -7.92 -22.81
C LEU H 184 36.02 -8.31 -22.02
N GLY H 185 35.84 -7.68 -20.88
CA GLY H 185 34.70 -7.99 -20.05
C GLY H 185 33.98 -6.74 -19.57
N ALA H 186 32.67 -6.85 -19.47
CA ALA H 186 31.83 -5.77 -18.96
C ALA H 186 30.45 -6.28 -18.57
N ILE H 187 30.29 -6.66 -17.30
CA ILE H 187 28.98 -6.95 -16.74
C ILE H 187 28.17 -5.68 -16.50
N ASN H 188 28.76 -4.51 -16.75
CA ASN H 188 28.12 -3.23 -16.45
C ASN H 188 27.02 -2.86 -17.44
N ASP H 189 27.07 -3.40 -18.65
CA ASP H 189 26.08 -3.07 -19.68
C ASP H 189 24.77 -3.85 -19.52
N ILE H 190 24.64 -4.64 -18.45
CA ILE H 190 23.42 -5.38 -18.17
C ILE H 190 22.76 -4.73 -16.96
N LYS H 191 21.65 -4.04 -17.19
CA LYS H 191 21.00 -3.29 -16.12
C LYS H 191 20.13 -4.18 -15.25
N THR H 192 19.54 -5.21 -15.83
CA THR H 192 18.63 -6.08 -15.11
C THR H 192 19.39 -7.17 -14.35
N ASP H 193 18.75 -7.68 -13.29
CA ASP H 193 19.42 -8.65 -12.42
C ASP H 193 19.27 -10.07 -12.93
N GLU H 194 18.12 -10.40 -13.54
CA GLU H 194 17.98 -11.72 -14.16
C GLU H 194 19.05 -11.94 -15.22
N VAL H 195 19.19 -10.99 -16.14
CA VAL H 195 20.16 -11.17 -17.20
C VAL H 195 21.58 -10.94 -16.70
N LYS H 196 21.78 -10.13 -15.66
CA LYS H 196 23.09 -10.07 -15.04
C LYS H 196 23.48 -11.42 -14.46
N LYS H 197 22.49 -12.16 -13.92
CA LYS H 197 22.72 -13.50 -13.42
C LYS H 197 23.06 -14.47 -14.56
N TRP H 198 22.34 -14.36 -15.67
CA TRP H 198 22.62 -15.23 -16.82
C TRP H 198 24.02 -14.97 -17.36
N THR H 199 24.36 -13.70 -17.57
CA THR H 199 25.70 -13.34 -18.01
C THR H 199 26.74 -13.77 -16.98
N GLN H 200 26.40 -13.72 -15.69
CA GLN H 200 27.29 -14.23 -14.65
C GLN H 200 27.62 -15.70 -14.88
N SER H 201 26.60 -16.54 -15.03
CA SER H 201 26.84 -17.97 -15.19
C SER H 201 27.59 -18.26 -16.48
N LEU H 202 27.22 -17.58 -17.57
CA LEU H 202 27.95 -17.79 -18.83
C LEU H 202 29.40 -17.37 -18.69
N LEU H 203 29.66 -16.25 -17.99
CA LEU H 203 31.03 -15.79 -17.78
C LEU H 203 31.83 -16.80 -16.98
N GLU H 204 31.20 -17.39 -15.96
CA GLU H 204 31.91 -18.40 -15.17
C GLU H 204 32.26 -19.61 -16.03
N ASP H 205 31.28 -20.10 -16.80
CA ASP H 205 31.55 -21.22 -17.70
C ASP H 205 32.65 -20.87 -18.70
N ARG H 206 32.67 -19.64 -19.20
CA ARG H 206 33.66 -19.24 -20.19
C ARG H 206 35.05 -19.16 -19.57
N GLN H 207 35.16 -18.51 -18.41
CA GLN H 207 36.42 -18.48 -17.68
C GLN H 207 36.92 -19.87 -17.40
N ALA H 208 36.01 -20.82 -17.17
CA ALA H 208 36.41 -22.21 -16.95
C ALA H 208 36.95 -22.82 -18.24
N PHE H 209 36.25 -22.62 -19.35
CA PHE H 209 36.69 -23.16 -20.63
C PHE H 209 38.08 -22.66 -21.00
N PHE H 210 38.28 -21.34 -20.93
CA PHE H 210 39.56 -20.77 -21.38
C PHE H 210 40.71 -21.25 -20.52
N ASP H 211 40.54 -21.24 -19.20
CA ASP H 211 41.57 -21.69 -18.29
C ASP H 211 41.66 -23.21 -18.26
#